data_9DTF
#
_entry.id   9DTF
#
_cell.length_a   146.686
_cell.length_b   64.065
_cell.length_c   187.920
_cell.angle_alpha   90.00
_cell.angle_beta   110.86
_cell.angle_gamma   90.00
#
_symmetry.space_group_name_H-M   'P 1 21 1'
#
loop_
_entity.id
_entity.type
_entity.pdbx_description
1 polymer 'Phenylalanine--tRNA ligase alpha subunit'
2 polymer 'Phenylalanine--tRNA ligase beta subunit'
3 polymer tRNA(Phe)
4 non-polymer 'MAGNESIUM ION'
5 non-polymer (5S)-7-benzyl-1,3,7-triazaspiro[4.4]nonane-2,4-dione
6 non-polymer 'ACETATE ION'
7 non-polymer 'SODIUM ION'
8 non-polymer GLYCEROL
9 non-polymer 'DIMETHYL SULFOXIDE'
10 non-polymer 'TRIETHYLENE GLYCOL'
11 non-polymer '4-(2-HYDROXYETHYL)-1-PIPERAZINE ETHANESULFONIC ACID'
12 water water
#
loop_
_entity_poly.entity_id
_entity_poly.type
_entity_poly.pdbx_seq_one_letter_code
_entity_poly.pdbx_strand_id
1 'polypeptide(L)'
;AMLSPEALTTAVDAAQQAIALADTLDVLARVKTEHLGDRSPLALARQALAVLPKEQRAEAGKRVNAARNAAQRSYDERLA
TLRAERDAAVLVAEGIDVTLPSTRVPAGARHPIIMLAEHVADTFIAMGWELAEGPEVETEQFNFDALNFPADHPARGEQD
TFYIAPEDSRQLLRTHTSPVQIRTLLARELPVYIISIGRTFRTDELDATHTPIFHQVEGLAVDRGLSMAHLRGTLDAFAR
AEFGPSARTRIRPHFFPFTEPSAEVDVWFANKIGGAAWVEWGGCGMVHPNVLRATGIDPDLYSGFAFGMGLERTLQFRNG
IPDMRDMVEGDVRFSLPFGVGA
;
A,D
2 'polypeptide(L)'
;QSNAMRLPYSWLREVVAVGASGWDVTPGELEQTLLRIGHEVEEVIPLGPVDGPVTVGRVADIEELTGYKKPIRACAVDIG
DRQYREIICGATNFAVGDLVVVALPGATLPGGFTISARKAYGRNSDGMICSAAELNLGADHSGILVLPPGAAEPGADGAG
VLGLDDVVFHLAITPDRGYCMSVRGLARELACAYDLDFVDPASNSRVPPLPIEGPAWPLTVQPETGVRRFALRPVIGIDP
AAVSPWWLQRRLLLCGIRATCPAVDVTNYVMLELGHPMHAHDRNRISGTLGVRFARSGETAVTLDGIERKLDTADVLIVD
DAATAAIGGVMGAASTEVRADSTDVLLEAAIWDPAAVSRTQRRLHLPSEAARRYERTVDPAISVAALDRCARLLADIAGG
EVSPTLTDWRGDPPCDDWSPPPIRMGVDVPDRIAGVAYPQGTTARRLAQIGAVVTHDGDTLTVTPPSWRPDLRQPADLVE
EVLRLEGLEVIPSVLPPAPAGRGLTAGQQRRRTIGRSLALSGYVEILPTPFLPAGVFDLWGLEADDSRRMTTRVLNPLEA
DRPQLATTLLPALLEALVRNVSRGLVDVALFAIAQVVQPTEQTRGVGLIPVDRRPTDDEIAMLDASLPRQPQHVAAVLAG
LREPRGPWGPGRPVEAADAFEAVRIIARASRVDVTLRPAQYLPWHPGRCAQVFVGESSVGHAGQLHPAVIERSGLPKGTC
AVELNLDAIPCSAPLPAPRVSPYPAVFQDVSLVVAADIPAQAVADAVRAGAGDLLEDIALFDVFTGPQIGEHRKSLTFAL
RFRAPDRTLTEDDASAARDAAVQSAAERVGAVLRG
;
B,E
3 'polyribonucleotide' GGCCAGGUAGCUCAGUCGGUAUGAGCGUCCGCCUGAAAAGCGGAAGGUCGGCGGUUCGAUCCCGCCCCUGGCCACCA C,F
#
loop_
_chem_comp.id
_chem_comp.type
_chem_comp.name
_chem_comp.formula
A RNA linking ADENOSINE-5'-MONOPHOSPHATE 'C10 H14 N5 O7 P'
A1BCA non-polymer (5S)-7-benzyl-1,3,7-triazaspiro[4.4]nonane-2,4-dione 'C13 H15 N3 O2'
ACT non-polymer 'ACETATE ION' 'C2 H3 O2 -1'
C RNA linking CYTIDINE-5'-MONOPHOSPHATE 'C9 H14 N3 O8 P'
DMS non-polymer 'DIMETHYL SULFOXIDE' 'C2 H6 O S'
EPE non-polymer '4-(2-HYDROXYETHYL)-1-PIPERAZINE ETHANESULFONIC ACID' 'C8 H18 N2 O4 S'
G RNA linking GUANOSINE-5'-MONOPHOSPHATE 'C10 H14 N5 O8 P'
GOL non-polymer GLYCEROL 'C3 H8 O3'
MG non-polymer 'MAGNESIUM ION' 'Mg 2'
NA non-polymer 'SODIUM ION' 'Na 1'
PGE non-polymer 'TRIETHYLENE GLYCOL' 'C6 H14 O4'
U RNA linking URIDINE-5'-MONOPHOSPHATE 'C9 H13 N2 O9 P'
#
# COMPACT_ATOMS: atom_id res chain seq x y z
N ALA A 1 38.03 70.76 -28.59
CA ALA A 1 37.23 69.58 -28.88
C ALA A 1 38.06 68.52 -29.60
N MET A 2 38.08 67.31 -29.03
CA MET A 2 38.84 66.21 -29.62
C MET A 2 37.90 65.22 -30.30
N LEU A 3 37.18 65.68 -31.32
CA LEU A 3 36.27 64.83 -32.08
C LEU A 3 36.42 65.11 -33.57
N SER A 4 37.67 65.23 -34.03
CA SER A 4 37.92 65.52 -35.42
C SER A 4 37.54 64.32 -36.30
N PRO A 5 37.25 64.56 -37.58
CA PRO A 5 36.93 63.44 -38.48
C PRO A 5 38.03 62.41 -38.58
N GLU A 6 39.28 62.78 -38.32
CA GLU A 6 40.40 61.84 -38.32
C GLU A 6 40.60 61.15 -36.98
N ALA A 7 39.86 61.57 -35.95
CA ALA A 7 39.97 60.95 -34.63
C ALA A 7 39.01 59.78 -34.47
N LEU A 8 37.73 59.98 -34.79
CA LEU A 8 36.77 58.89 -34.71
C LEU A 8 37.04 57.81 -35.75
N THR A 9 37.55 58.21 -36.92
CA THR A 9 37.82 57.22 -37.97
C THR A 9 38.92 56.26 -37.55
N THR A 10 39.99 56.78 -36.93
CA THR A 10 41.07 55.92 -36.49
C THR A 10 40.66 55.06 -35.29
N ALA A 11 39.79 55.58 -34.44
CA ALA A 11 39.34 54.81 -33.28
C ALA A 11 38.46 53.64 -33.71
N VAL A 12 37.65 53.84 -34.75
CA VAL A 12 36.83 52.73 -35.26
C VAL A 12 37.70 51.73 -36.00
N ASP A 13 38.73 52.20 -36.70
CA ASP A 13 39.64 51.29 -37.39
C ASP A 13 40.32 50.35 -36.42
N ALA A 14 40.72 50.85 -35.25
CA ALA A 14 41.30 49.99 -34.23
C ALA A 14 40.24 49.09 -33.60
N ALA A 15 38.98 49.51 -33.61
CA ALA A 15 37.91 48.69 -33.07
C ALA A 15 37.54 47.56 -34.03
N GLN A 16 37.33 47.89 -35.31
CA GLN A 16 36.97 46.87 -36.28
C GLN A 16 38.11 45.88 -36.50
N GLN A 17 39.36 46.33 -36.36
CA GLN A 17 40.49 45.41 -36.50
C GLN A 17 40.54 44.42 -35.35
N ALA A 18 40.29 44.90 -34.13
CA ALA A 18 40.26 43.99 -32.99
C ALA A 18 39.03 43.09 -33.02
N ILE A 19 37.90 43.60 -33.53
CA ILE A 19 36.71 42.77 -33.68
C ILE A 19 36.94 41.69 -34.74
N ALA A 20 37.59 42.06 -35.85
CA ALA A 20 37.90 41.07 -36.88
C ALA A 20 38.96 40.08 -36.41
N LEU A 21 39.82 40.50 -35.50
CA LEU A 21 40.85 39.63 -34.94
C LEU A 21 40.33 38.73 -33.83
N ALA A 22 39.08 38.89 -33.42
CA ALA A 22 38.49 38.05 -32.38
C ALA A 22 38.26 36.65 -32.93
N ASP A 23 39.03 35.68 -32.44
CA ASP A 23 38.94 34.31 -32.93
C ASP A 23 37.85 33.50 -32.25
N THR A 24 37.66 33.69 -30.95
CA THR A 24 36.64 33.00 -30.18
C THR A 24 35.64 34.00 -29.63
N LEU A 25 34.56 33.48 -29.05
CA LEU A 25 33.52 34.35 -28.49
C LEU A 25 33.96 34.98 -27.18
N ASP A 26 34.88 34.34 -26.46
CA ASP A 26 35.41 34.94 -25.23
C ASP A 26 36.27 36.16 -25.53
N VAL A 27 37.01 36.13 -26.64
CA VAL A 27 37.81 37.29 -27.02
C VAL A 27 36.90 38.44 -27.48
N LEU A 28 35.79 38.11 -28.13
CA LEU A 28 34.87 39.14 -28.60
C LEU A 28 34.26 39.89 -27.42
N ALA A 29 33.95 39.19 -26.34
CA ALA A 29 33.43 39.85 -25.14
C ALA A 29 34.47 40.78 -24.54
N ARG A 30 35.76 40.43 -24.63
CA ARG A 30 36.81 41.31 -24.17
C ARG A 30 36.95 42.53 -25.09
N VAL A 31 36.91 42.30 -26.40
CA VAL A 31 37.03 43.40 -27.35
C VAL A 31 35.82 44.33 -27.25
N LYS A 32 34.63 43.76 -27.01
CA LYS A 32 33.44 44.59 -26.87
C LYS A 32 33.54 45.52 -25.67
N THR A 33 34.17 45.05 -24.58
CA THR A 33 34.35 45.90 -23.41
C THR A 33 35.35 47.02 -23.66
N GLU A 34 36.34 46.78 -24.53
CA GLU A 34 37.36 47.77 -24.81
C GLU A 34 37.02 48.70 -25.97
N HIS A 35 36.04 48.34 -26.80
CA HIS A 35 35.70 49.15 -27.96
C HIS A 35 34.23 49.49 -28.08
N LEU A 36 33.37 48.98 -27.18
CA LEU A 36 31.96 49.32 -27.21
C LEU A 36 31.34 49.49 -25.82
N GLY A 37 32.09 49.23 -24.75
CA GLY A 37 31.57 49.39 -23.41
C GLY A 37 31.50 50.84 -22.99
N ASP A 38 31.30 51.04 -21.69
CA ASP A 38 31.22 52.38 -21.12
C ASP A 38 32.59 52.97 -20.81
N ARG A 39 33.67 52.23 -21.06
CA ARG A 39 35.03 52.72 -20.86
C ARG A 39 35.83 52.79 -22.16
N SER A 40 35.22 52.46 -23.29
CA SER A 40 35.91 52.45 -24.56
C SER A 40 36.26 53.86 -25.02
N PRO A 41 37.23 54.01 -25.91
CA PRO A 41 37.50 55.33 -26.49
C PRO A 41 36.30 55.90 -27.23
N LEU A 42 35.49 55.07 -27.88
CA LEU A 42 34.26 55.55 -28.50
C LEU A 42 33.26 55.99 -27.45
N ALA A 43 33.29 55.39 -26.26
CA ALA A 43 32.47 55.87 -25.15
C ALA A 43 32.95 57.23 -24.66
N LEU A 44 34.26 57.49 -24.72
CA LEU A 44 34.78 58.80 -24.36
C LEU A 44 34.30 59.87 -25.33
N ALA A 45 34.08 59.51 -26.60
CA ALA A 45 33.45 60.43 -27.53
C ALA A 45 32.02 60.76 -27.11
N ARG A 46 31.33 59.79 -26.50
CA ARG A 46 30.03 60.04 -25.90
C ARG A 46 30.12 60.51 -24.47
N GLN A 47 31.23 60.22 -23.78
CA GLN A 47 31.43 60.74 -22.43
C GLN A 47 31.59 62.26 -22.46
N ALA A 48 32.24 62.78 -23.49
CA ALA A 48 32.28 64.23 -23.71
C ALA A 48 30.87 64.71 -23.99
N LEU A 49 30.08 64.87 -22.94
CA LEU A 49 28.64 65.11 -23.06
C LEU A 49 28.32 66.55 -23.44
N ALA A 50 27.25 67.09 -22.88
CA ALA A 50 26.80 68.44 -23.20
C ALA A 50 27.57 69.48 -22.40
N VAL A 51 28.83 69.19 -22.06
CA VAL A 51 29.69 70.18 -21.42
C VAL A 51 29.92 71.35 -22.37
N LEU A 52 29.86 71.10 -23.68
CA LEU A 52 29.88 72.11 -24.72
C LEU A 52 28.46 72.52 -25.08
N PRO A 53 28.27 73.68 -25.68
CA PRO A 53 26.92 74.12 -26.05
C PRO A 53 26.28 73.15 -27.03
N LYS A 54 24.94 73.15 -27.04
CA LYS A 54 24.16 72.23 -27.86
C LYS A 54 24.43 72.44 -29.34
N GLU A 55 24.00 73.57 -29.88
CA GLU A 55 24.20 73.87 -31.30
C GLU A 55 25.67 74.22 -31.57
N ARG A 63 28.40 62.61 -36.40
CA ARG A 63 29.81 62.26 -36.47
C ARG A 63 30.12 61.07 -35.56
N VAL A 64 29.67 61.16 -34.31
CA VAL A 64 29.90 60.08 -33.35
C VAL A 64 29.00 58.90 -33.65
N ASN A 65 27.74 59.15 -33.99
CA ASN A 65 26.82 58.06 -34.30
C ASN A 65 27.21 57.35 -35.59
N ALA A 66 27.69 58.09 -36.58
CA ALA A 66 28.18 57.47 -37.80
C ALA A 66 29.42 56.62 -37.55
N ALA A 67 30.15 56.90 -36.48
CA ALA A 67 31.30 56.09 -36.10
C ALA A 67 30.96 55.00 -35.10
N ARG A 68 30.02 55.26 -34.18
CA ARG A 68 29.63 54.26 -33.22
C ARG A 68 28.86 53.12 -33.88
N ASN A 69 27.99 53.46 -34.85
CA ASN A 69 27.27 52.41 -35.57
C ASN A 69 28.20 51.61 -36.48
N ALA A 70 29.30 52.21 -36.93
CA ALA A 70 30.28 51.48 -37.71
C ALA A 70 30.98 50.41 -36.89
N ALA A 71 31.02 50.56 -35.56
CA ALA A 71 31.59 49.54 -34.70
C ALA A 71 30.56 48.53 -34.21
N GLN A 72 29.30 48.95 -34.05
CA GLN A 72 28.25 48.03 -33.65
C GLN A 72 27.95 47.04 -34.78
N ARG A 73 27.81 47.54 -36.00
CA ARG A 73 27.54 46.65 -37.13
C ARG A 73 28.67 45.64 -37.32
N SER A 74 29.90 46.06 -37.06
CA SER A 74 31.02 45.12 -37.11
C SER A 74 30.96 44.12 -35.97
N TYR A 75 30.42 44.54 -34.82
CA TYR A 75 30.29 43.62 -33.69
C TYR A 75 29.17 42.61 -33.93
N ASP A 76 28.00 43.09 -34.36
CA ASP A 76 26.88 42.19 -34.61
C ASP A 76 27.18 41.21 -35.74
N GLU A 77 27.99 41.63 -36.71
CA GLU A 77 28.35 40.71 -37.79
C GLU A 77 29.32 39.65 -37.29
N ARG A 78 30.35 40.05 -36.53
CA ARG A 78 31.30 39.09 -36.00
C ARG A 78 30.67 38.21 -34.92
N LEU A 79 29.70 38.73 -34.18
CA LEU A 79 29.01 37.92 -33.18
C LEU A 79 28.20 36.82 -33.85
N ALA A 80 27.43 37.18 -34.88
CA ALA A 80 26.67 36.18 -35.61
C ALA A 80 27.58 35.22 -36.36
N THR A 81 28.75 35.69 -36.80
CA THR A 81 29.69 34.81 -37.49
C THR A 81 30.31 33.81 -36.53
N LEU A 82 30.73 34.27 -35.34
CA LEU A 82 31.31 33.36 -34.36
C LEU A 82 30.27 32.42 -33.77
N ARG A 83 29.03 32.88 -33.64
CA ARG A 83 27.96 31.97 -33.18
C ARG A 83 27.66 30.91 -34.23
N ALA A 84 27.75 31.28 -35.51
CA ALA A 84 27.55 30.29 -36.57
C ALA A 84 28.70 29.30 -36.63
N GLU A 85 29.92 29.75 -36.34
CA GLU A 85 31.06 28.83 -36.33
C GLU A 85 30.98 27.86 -35.17
N ARG A 86 30.62 28.34 -33.99
CA ARG A 86 30.51 27.46 -32.82
C ARG A 86 29.37 26.46 -32.98
N ASP A 87 28.22 26.92 -33.47
CA ASP A 87 27.10 26.01 -33.69
C ASP A 87 27.44 24.97 -34.76
N ALA A 88 28.28 25.33 -35.74
CA ALA A 88 28.72 24.36 -36.73
C ALA A 88 29.81 23.45 -36.17
N ALA A 89 30.72 24.00 -35.37
CA ALA A 89 31.76 23.18 -34.75
C ALA A 89 31.19 22.20 -33.74
N VAL A 90 30.12 22.60 -33.03
CA VAL A 90 29.47 21.69 -32.10
C VAL A 90 28.82 20.53 -32.85
N LEU A 91 28.31 20.79 -34.05
CA LEU A 91 27.67 19.73 -34.83
C LEU A 91 28.70 18.73 -35.34
N VAL A 92 29.89 19.21 -35.73
CA VAL A 92 30.91 18.32 -36.29
C VAL A 92 31.88 17.78 -35.25
N ALA A 93 31.81 18.28 -34.01
CA ALA A 93 32.70 17.77 -32.97
C ALA A 93 32.37 16.32 -32.65
N GLU A 94 33.40 15.56 -32.28
CA GLU A 94 33.22 14.16 -31.95
C GLU A 94 32.37 14.02 -30.70
N GLY A 95 31.35 13.16 -30.77
CA GLY A 95 30.46 12.94 -29.65
C GLY A 95 30.97 11.92 -28.66
N ILE A 96 30.31 11.87 -27.51
CA ILE A 96 30.67 10.92 -26.45
C ILE A 96 29.98 9.59 -26.72
N ASP A 97 30.38 8.55 -26.00
CA ASP A 97 29.70 7.26 -26.04
C ASP A 97 28.55 7.33 -25.04
N VAL A 98 27.33 7.48 -25.55
CA VAL A 98 26.16 7.64 -24.69
C VAL A 98 25.76 6.35 -23.99
N THR A 99 26.34 5.22 -24.38
CA THR A 99 26.00 3.93 -23.80
C THR A 99 26.99 3.47 -22.75
N LEU A 100 27.95 4.31 -22.38
CA LEU A 100 28.91 3.93 -21.36
C LEU A 100 28.20 3.66 -20.03
N PRO A 101 28.73 2.74 -19.22
CA PRO A 101 28.16 2.55 -17.88
C PRO A 101 28.26 3.83 -17.07
N SER A 102 27.18 4.16 -16.39
CA SER A 102 27.11 5.37 -15.58
C SER A 102 26.60 5.10 -14.16
N THR A 103 26.19 3.88 -13.86
CA THR A 103 25.66 3.53 -12.55
C THR A 103 26.83 3.22 -11.62
N ARG A 104 27.37 4.25 -10.98
CA ARG A 104 28.47 4.09 -10.05
C ARG A 104 28.03 3.50 -8.72
N VAL A 105 26.73 3.47 -8.44
CA VAL A 105 26.20 2.84 -7.24
C VAL A 105 25.39 1.62 -7.65
N PRO A 106 25.91 0.42 -7.47
CA PRO A 106 25.20 -0.79 -7.95
C PRO A 106 23.93 -1.01 -7.15
N ALA A 107 22.79 -0.93 -7.83
CA ALA A 107 21.51 -1.05 -7.14
C ALA A 107 21.37 -2.42 -6.48
N GLY A 108 20.72 -2.43 -5.32
CA GLY A 108 20.53 -3.67 -4.58
C GLY A 108 19.20 -4.33 -4.90
N ALA A 109 18.57 -4.92 -3.89
CA ALA A 109 17.30 -5.60 -4.09
C ALA A 109 16.64 -5.94 -2.77
N ARG A 110 15.35 -5.67 -2.66
CA ARG A 110 14.56 -6.22 -1.57
C ARG A 110 14.26 -7.68 -1.85
N HIS A 111 14.15 -8.47 -0.78
CA HIS A 111 13.99 -9.90 -0.96
C HIS A 111 12.63 -10.22 -1.57
N PRO A 112 12.54 -11.19 -2.48
CA PRO A 112 11.25 -11.50 -3.12
C PRO A 112 10.17 -11.89 -2.12
N ILE A 113 10.52 -12.61 -1.06
CA ILE A 113 9.53 -12.97 -0.05
C ILE A 113 8.97 -11.72 0.62
N ILE A 114 9.85 -10.75 0.92
CA ILE A 114 9.39 -9.50 1.49
C ILE A 114 8.49 -8.76 0.51
N MET A 115 8.85 -8.77 -0.77
CA MET A 115 8.04 -8.09 -1.78
C MET A 115 6.69 -8.79 -1.95
N LEU A 116 6.68 -10.12 -1.92
CA LEU A 116 5.41 -10.84 -2.01
C LEU A 116 4.52 -10.56 -0.80
N ALA A 117 5.11 -10.53 0.40
CA ALA A 117 4.35 -10.18 1.59
C ALA A 117 3.80 -8.76 1.50
N GLU A 118 4.57 -7.86 0.91
CA GLU A 118 4.10 -6.49 0.72
C GLU A 118 2.97 -6.42 -0.29
N HIS A 119 3.07 -7.21 -1.37
CA HIS A 119 1.98 -7.24 -2.34
C HIS A 119 0.72 -7.87 -1.74
N VAL A 120 0.89 -8.93 -0.95
CA VAL A 120 -0.26 -9.57 -0.30
C VAL A 120 -0.92 -8.61 0.68
N ALA A 121 -0.11 -7.87 1.45
CA ALA A 121 -0.66 -6.93 2.41
C ALA A 121 -1.48 -5.85 1.72
N ASP A 122 -0.94 -5.27 0.64
CA ASP A 122 -1.66 -4.23 -0.09
C ASP A 122 -2.96 -4.75 -0.68
N THR A 123 -3.00 -6.03 -1.04
CA THR A 123 -4.21 -6.61 -1.62
C THR A 123 -5.37 -6.56 -0.62
N PHE A 124 -5.12 -6.96 0.62
CA PHE A 124 -6.19 -6.96 1.63
C PHE A 124 -6.45 -5.58 2.19
N ILE A 125 -5.43 -4.73 2.31
CA ILE A 125 -5.65 -3.36 2.74
C ILE A 125 -6.54 -2.62 1.76
N ALA A 126 -6.40 -2.91 0.47
CA ALA A 126 -7.30 -2.36 -0.54
C ALA A 126 -8.74 -2.82 -0.38
N MET A 127 -8.98 -3.88 0.39
CA MET A 127 -10.33 -4.36 0.66
C MET A 127 -10.83 -3.98 2.05
N GLY A 128 -10.05 -3.19 2.80
CA GLY A 128 -10.45 -2.74 4.12
C GLY A 128 -9.76 -3.46 5.26
N TRP A 129 -9.04 -4.55 4.99
CA TRP A 129 -8.36 -5.29 6.03
C TRP A 129 -7.20 -4.48 6.60
N GLU A 130 -6.71 -4.92 7.75
CA GLU A 130 -5.54 -4.31 8.39
C GLU A 130 -4.49 -5.38 8.63
N LEU A 131 -3.29 -4.93 9.01
CA LEU A 131 -2.14 -5.79 9.21
C LEU A 131 -1.74 -5.78 10.67
N ALA A 132 -1.62 -6.96 11.27
CA ALA A 132 -1.18 -7.11 12.65
C ALA A 132 0.09 -7.94 12.70
N GLU A 133 0.84 -7.76 13.79
CA GLU A 133 2.10 -8.45 14.00
C GLU A 133 2.08 -9.12 15.36
N GLY A 134 3.02 -10.04 15.56
CA GLY A 134 3.13 -10.78 16.80
C GLY A 134 4.52 -11.32 17.04
N PRO A 135 4.77 -11.82 18.26
CA PRO A 135 6.09 -12.35 18.58
C PRO A 135 6.30 -13.74 18.01
N GLU A 136 7.53 -14.00 17.55
CA GLU A 136 7.86 -15.33 17.05
C GLU A 136 7.98 -16.34 18.19
N VAL A 137 8.46 -15.92 19.34
CA VAL A 137 8.46 -16.74 20.55
C VAL A 137 7.14 -16.50 21.27
N GLU A 138 6.24 -17.48 21.21
CA GLU A 138 4.89 -17.33 21.71
C GLU A 138 4.60 -18.36 22.80
N THR A 139 3.76 -17.97 23.75
CA THR A 139 3.30 -18.90 24.77
C THR A 139 2.47 -20.01 24.15
N GLU A 140 2.52 -21.19 24.78
CA GLU A 140 1.73 -22.31 24.29
C GLU A 140 0.24 -22.07 24.45
N GLN A 141 -0.15 -21.15 25.34
CA GLN A 141 -1.57 -20.83 25.50
C GLN A 141 -2.15 -20.23 24.23
N PHE A 142 -1.43 -19.31 23.59
CA PHE A 142 -1.91 -18.66 22.38
C PHE A 142 -1.61 -19.45 21.12
N ASN A 143 -0.62 -20.34 21.15
CA ASN A 143 -0.26 -21.10 19.97
C ASN A 143 -1.04 -22.41 19.84
N PHE A 144 -1.52 -22.97 20.94
CA PHE A 144 -2.21 -24.24 20.89
C PHE A 144 -3.54 -24.20 21.66
N ASP A 145 -3.48 -23.84 22.94
CA ASP A 145 -4.65 -23.96 23.81
C ASP A 145 -5.79 -23.07 23.34
N ALA A 146 -5.49 -21.81 23.02
CA ALA A 146 -6.51 -20.90 22.53
C ALA A 146 -7.02 -21.27 21.14
N LEU A 147 -6.34 -22.18 20.44
CA LEU A 147 -6.72 -22.60 19.10
C LEU A 147 -7.33 -24.00 19.09
N ASN A 148 -7.92 -24.41 20.22
CA ASN A 148 -8.69 -25.66 20.31
C ASN A 148 -7.81 -26.88 20.00
N PHE A 149 -6.54 -26.82 20.43
CA PHE A 149 -5.65 -27.96 20.30
C PHE A 149 -5.81 -28.88 21.51
N PRO A 150 -6.29 -30.11 21.34
CA PRO A 150 -6.42 -31.02 22.49
C PRO A 150 -5.05 -31.55 22.90
N ALA A 151 -4.80 -31.54 24.20
CA ALA A 151 -3.54 -32.05 24.72
C ALA A 151 -3.52 -33.57 24.69
N ASP A 152 -2.33 -34.14 24.49
CA ASP A 152 -2.13 -35.59 24.40
C ASP A 152 -3.01 -36.20 23.30
N HIS A 153 -2.94 -35.60 22.11
CA HIS A 153 -3.74 -36.02 20.97
C HIS A 153 -2.91 -35.84 19.70
N PRO A 154 -3.11 -36.72 18.71
CA PRO A 154 -2.36 -36.57 17.45
C PRO A 154 -2.56 -35.24 16.75
N ALA A 155 -3.66 -34.53 17.04
CA ALA A 155 -3.86 -33.21 16.46
C ALA A 155 -2.95 -32.16 17.07
N ARG A 156 -2.17 -32.51 18.10
CA ARG A 156 -1.28 -31.57 18.76
C ARG A 156 0.07 -32.23 19.02
N GLY A 157 0.05 -33.53 19.34
CA GLY A 157 1.29 -34.24 19.58
C GLY A 157 2.11 -34.42 18.32
N GLU A 158 1.44 -34.77 17.21
CA GLU A 158 2.14 -34.91 15.93
C GLU A 158 2.63 -33.57 15.40
N GLN A 159 2.02 -32.46 15.83
CA GLN A 159 2.49 -31.13 15.45
C GLN A 159 3.84 -30.85 16.09
N ASP A 160 4.91 -31.28 15.44
CA ASP A 160 6.25 -31.12 16.01
C ASP A 160 6.62 -29.63 16.02
N THR A 161 6.97 -29.13 17.20
CA THR A 161 7.17 -27.71 17.44
C THR A 161 8.54 -27.49 18.07
N PHE A 162 9.19 -26.39 17.68
CA PHE A 162 10.42 -25.97 18.36
C PHE A 162 10.09 -25.44 19.75
N TYR A 163 10.15 -26.31 20.75
CA TYR A 163 9.86 -25.90 22.12
C TYR A 163 11.07 -25.21 22.75
N ILE A 164 10.79 -24.22 23.59
CA ILE A 164 11.84 -23.48 24.27
C ILE A 164 12.30 -24.26 25.49
N ALA A 165 13.61 -24.43 25.63
CA ALA A 165 14.15 -25.13 26.78
C ALA A 165 13.93 -24.32 28.05
N PRO A 166 13.75 -24.99 29.20
CA PRO A 166 13.75 -26.45 29.41
C PRO A 166 12.42 -27.10 29.04
N GLU A 167 12.28 -28.40 29.30
CA GLU A 167 11.06 -29.11 28.95
C GLU A 167 9.90 -28.63 29.82
N ASP A 168 8.69 -28.74 29.27
CA ASP A 168 7.46 -28.37 29.96
C ASP A 168 7.46 -26.89 30.35
N SER A 169 8.02 -26.05 29.48
CA SER A 169 8.07 -24.61 29.71
C SER A 169 6.85 -23.89 29.15
N ARG A 170 6.02 -24.56 28.36
CA ARG A 170 4.84 -23.96 27.73
C ARG A 170 5.21 -22.72 26.93
N GLN A 171 6.42 -22.71 26.37
CA GLN A 171 6.92 -21.64 25.52
C GLN A 171 7.59 -22.28 24.32
N LEU A 172 7.36 -21.71 23.14
CA LEU A 172 7.83 -22.34 21.92
C LEU A 172 7.95 -21.29 20.81
N LEU A 173 8.58 -21.71 19.72
CA LEU A 173 8.53 -20.95 18.48
C LEU A 173 7.23 -21.26 17.76
N ARG A 174 6.50 -20.22 17.36
CA ARG A 174 5.17 -20.41 16.79
C ARG A 174 5.25 -21.22 15.49
N THR A 175 4.38 -22.22 15.38
CA THR A 175 4.26 -23.00 14.14
C THR A 175 3.36 -22.32 13.12
N HIS A 176 2.72 -21.21 13.48
CA HIS A 176 1.84 -20.46 12.60
C HIS A 176 1.59 -19.09 13.23
N THR A 177 1.13 -18.16 12.41
CA THR A 177 0.80 -16.81 12.87
C THR A 177 -0.62 -16.71 13.43
N SER A 178 -1.25 -17.84 13.72
CA SER A 178 -2.59 -17.88 14.29
C SER A 178 -2.65 -17.29 15.71
N PRO A 179 -1.63 -17.48 16.55
CA PRO A 179 -1.64 -16.76 17.85
C PRO A 179 -1.73 -15.25 17.70
N VAL A 180 -1.22 -14.69 16.60
CA VAL A 180 -1.42 -13.26 16.35
C VAL A 180 -2.91 -12.97 16.14
N GLN A 181 -3.62 -13.90 15.51
CA GLN A 181 -5.06 -13.74 15.33
C GLN A 181 -5.80 -13.84 16.66
N ILE A 182 -5.26 -14.60 17.61
CA ILE A 182 -5.86 -14.68 18.94
C ILE A 182 -5.66 -13.36 19.69
N ARG A 183 -4.47 -12.77 19.57
CA ARG A 183 -4.21 -11.49 20.24
C ARG A 183 -5.09 -10.38 19.70
N THR A 184 -5.40 -10.41 18.40
CA THR A 184 -6.22 -9.36 17.81
C THR A 184 -7.66 -9.41 18.33
N LEU A 185 -8.22 -10.63 18.45
CA LEU A 185 -9.57 -10.75 18.98
C LEU A 185 -9.65 -10.34 20.44
N LEU A 186 -8.56 -10.50 21.20
CA LEU A 186 -8.55 -10.09 22.59
C LEU A 186 -8.37 -8.58 22.74
N ALA A 187 -7.69 -7.95 21.80
CA ALA A 187 -7.37 -6.53 21.90
C ALA A 187 -8.33 -5.62 21.15
N ARG A 188 -8.77 -6.02 19.96
CA ARG A 188 -9.60 -5.18 19.12
C ARG A 188 -11.07 -5.46 19.33
N GLU A 189 -11.89 -4.50 18.94
CA GLU A 189 -13.34 -4.62 19.01
C GLU A 189 -13.88 -5.24 17.72
N LEU A 190 -15.03 -5.89 17.83
CA LEU A 190 -15.64 -6.51 16.67
C LEU A 190 -16.32 -5.45 15.80
N PRO A 191 -16.31 -5.63 14.47
CA PRO A 191 -15.77 -6.77 13.72
C PRO A 191 -14.27 -6.67 13.47
N VAL A 192 -13.63 -7.80 13.19
CA VAL A 192 -12.19 -7.87 12.97
C VAL A 192 -11.93 -8.42 11.57
N TYR A 193 -11.14 -7.71 10.78
CA TYR A 193 -10.69 -8.16 9.46
C TYR A 193 -9.19 -7.90 9.43
N ILE A 194 -8.41 -8.92 9.77
CA ILE A 194 -6.99 -8.74 10.04
C ILE A 194 -6.17 -9.72 9.21
N ILE A 195 -4.94 -9.30 8.88
CA ILE A 195 -3.98 -10.11 8.15
C ILE A 195 -2.69 -10.13 8.95
N SER A 196 -2.11 -11.32 9.12
CA SER A 196 -0.88 -11.49 9.87
C SER A 196 0.17 -12.12 8.96
N ILE A 197 1.31 -11.46 8.83
CA ILE A 197 2.43 -11.95 8.03
C ILE A 197 3.67 -11.96 8.92
N GLY A 198 4.34 -13.10 8.99
CA GLY A 198 5.54 -13.20 9.80
C GLY A 198 6.18 -14.55 9.64
N ARG A 199 7.34 -14.70 10.28
CA ARG A 199 8.08 -15.95 10.21
C ARG A 199 7.40 -17.02 11.05
N THR A 200 7.37 -18.24 10.52
CA THR A 200 6.81 -19.40 11.19
C THR A 200 7.84 -20.52 11.20
N PHE A 201 7.77 -21.38 12.21
CA PHE A 201 8.82 -22.35 12.47
C PHE A 201 8.22 -23.75 12.54
N ARG A 202 8.77 -24.65 11.71
CA ARG A 202 8.40 -26.06 11.72
C ARG A 202 9.66 -26.90 11.69
N THR A 203 9.57 -28.11 12.22
CA THR A 203 10.73 -29.01 12.28
C THR A 203 10.87 -29.83 11.01
N ASP A 204 10.84 -29.16 9.87
CA ASP A 204 10.98 -29.80 8.57
C ASP A 204 12.40 -29.60 8.05
N GLU A 205 12.99 -30.65 7.49
CA GLU A 205 14.33 -30.56 6.94
C GLU A 205 14.36 -29.62 5.75
N LEU A 206 15.47 -28.88 5.62
CA LEU A 206 15.62 -27.91 4.54
C LEU A 206 16.04 -28.65 3.27
N ASP A 207 15.19 -28.63 2.26
CA ASP A 207 15.50 -29.23 0.96
C ASP A 207 14.99 -28.29 -0.11
N ALA A 208 14.80 -28.82 -1.32
CA ALA A 208 14.40 -28.01 -2.46
C ALA A 208 12.94 -27.59 -2.41
N THR A 209 12.13 -28.18 -1.53
CA THR A 209 10.71 -27.85 -1.46
C THR A 209 10.19 -27.63 -0.05
N HIS A 210 11.04 -27.72 0.98
CA HIS A 210 10.62 -27.46 2.34
C HIS A 210 11.71 -26.65 3.04
N THR A 211 11.29 -25.81 3.99
CA THR A 211 12.19 -25.02 4.80
C THR A 211 11.66 -24.95 6.21
N PRO A 212 12.52 -25.13 7.22
CA PRO A 212 12.03 -25.04 8.61
C PRO A 212 11.58 -23.65 8.98
N ILE A 213 12.28 -22.62 8.49
CA ILE A 213 11.93 -21.23 8.73
C ILE A 213 11.30 -20.69 7.46
N PHE A 214 9.99 -20.43 7.50
CA PHE A 214 9.28 -19.93 6.33
C PHE A 214 8.30 -18.85 6.77
N HIS A 215 8.02 -17.93 5.86
CA HIS A 215 7.08 -16.84 6.11
C HIS A 215 5.68 -17.27 5.72
N GLN A 216 4.70 -16.87 6.53
CA GLN A 216 3.32 -17.29 6.34
C GLN A 216 2.40 -16.09 6.46
N VAL A 217 1.38 -16.05 5.60
CA VAL A 217 0.33 -15.05 5.66
C VAL A 217 -0.95 -15.73 6.15
N GLU A 218 -1.56 -15.16 7.18
CA GLU A 218 -2.82 -15.66 7.70
C GLU A 218 -3.81 -14.53 7.84
N GLY A 219 -5.06 -14.81 7.50
CA GLY A 219 -6.13 -13.85 7.62
C GLY A 219 -7.18 -14.32 8.60
N LEU A 220 -7.79 -13.37 9.30
CA LEU A 220 -8.85 -13.67 10.26
C LEU A 220 -9.95 -12.64 10.10
N ALA A 221 -11.17 -13.11 9.82
CA ALA A 221 -12.35 -12.27 9.74
C ALA A 221 -13.38 -12.77 10.74
N VAL A 222 -13.89 -11.86 11.55
CA VAL A 222 -14.92 -12.18 12.54
C VAL A 222 -15.98 -11.08 12.49
N ASP A 223 -17.21 -11.46 12.19
CA ASP A 223 -18.30 -10.50 12.02
C ASP A 223 -19.62 -11.25 12.15
N ARG A 224 -20.72 -10.51 12.06
CA ARG A 224 -22.06 -11.08 12.16
C ARG A 224 -22.49 -11.56 10.77
N GLY A 225 -22.75 -12.86 10.65
CA GLY A 225 -23.24 -13.42 9.41
C GLY A 225 -22.19 -13.94 8.46
N LEU A 226 -20.94 -14.09 8.89
CA LEU A 226 -19.90 -14.60 8.02
C LEU A 226 -20.12 -16.09 7.77
N SER A 227 -20.00 -16.50 6.51
CA SER A 227 -20.26 -17.87 6.09
C SER A 227 -19.08 -18.37 5.26
N MET A 228 -19.18 -19.63 4.84
CA MET A 228 -18.16 -20.20 3.95
C MET A 228 -18.10 -19.46 2.63
N ALA A 229 -19.23 -18.91 2.17
CA ALA A 229 -19.23 -18.14 0.94
C ALA A 229 -18.40 -16.88 1.08
N HIS A 230 -18.44 -16.25 2.25
CA HIS A 230 -17.58 -15.10 2.50
C HIS A 230 -16.11 -15.50 2.54
N LEU A 231 -15.82 -16.74 2.94
CA LEU A 231 -14.46 -17.24 2.88
C LEU A 231 -14.01 -17.45 1.44
N ARG A 232 -14.88 -18.07 0.63
CA ARG A 232 -14.53 -18.31 -0.76
C ARG A 232 -14.35 -17.01 -1.54
N GLY A 233 -15.15 -15.99 -1.20
CA GLY A 233 -15.00 -14.71 -1.87
C GLY A 233 -13.67 -14.06 -1.57
N THR A 234 -13.17 -14.22 -0.34
CA THR A 234 -11.87 -13.68 0.00
C THR A 234 -10.75 -14.46 -0.66
N LEU A 235 -10.89 -15.79 -0.69
CA LEU A 235 -9.85 -16.62 -1.31
C LEU A 235 -9.73 -16.34 -2.80
N ASP A 236 -10.85 -16.11 -3.48
CA ASP A 236 -10.80 -15.82 -4.90
C ASP A 236 -10.20 -14.44 -5.18
N ALA A 237 -10.56 -13.44 -4.37
CA ALA A 237 -9.96 -12.13 -4.51
C ALA A 237 -8.47 -12.18 -4.21
N PHE A 238 -8.07 -12.94 -3.19
CA PHE A 238 -6.66 -13.15 -2.90
C PHE A 238 -5.95 -13.82 -4.08
N ALA A 239 -6.59 -14.82 -4.67
CA ALA A 239 -5.95 -15.55 -5.77
C ALA A 239 -5.84 -14.70 -7.03
N ARG A 240 -6.90 -13.94 -7.35
CA ARG A 240 -6.88 -13.13 -8.56
C ARG A 240 -5.83 -12.04 -8.50
N ALA A 241 -5.48 -11.57 -7.30
CA ALA A 241 -4.49 -10.51 -7.18
C ALA A 241 -3.06 -11.04 -7.25
N GLU A 242 -2.84 -12.29 -6.85
CA GLU A 242 -1.50 -12.86 -6.85
C GLU A 242 -1.18 -13.67 -8.10
N PHE A 243 -2.19 -14.12 -8.85
CA PHE A 243 -1.96 -15.00 -9.99
C PHE A 243 -2.59 -14.52 -11.29
N GLY A 244 -3.55 -13.60 -11.26
CA GLY A 244 -4.10 -13.05 -12.48
C GLY A 244 -5.61 -13.10 -12.52
N PRO A 245 -6.20 -12.44 -13.52
CA PRO A 245 -7.67 -12.43 -13.63
C PRO A 245 -8.28 -13.81 -13.83
N SER A 246 -7.55 -14.74 -14.43
CA SER A 246 -8.05 -16.09 -14.66
C SER A 246 -7.86 -17.01 -13.47
N ALA A 247 -7.50 -16.47 -12.31
CA ALA A 247 -7.25 -17.28 -11.13
C ALA A 247 -8.56 -17.66 -10.45
N ARG A 248 -8.72 -18.95 -10.18
CA ARG A 248 -9.87 -19.46 -9.45
C ARG A 248 -9.41 -20.50 -8.44
N THR A 249 -10.04 -20.50 -7.27
CA THR A 249 -9.67 -21.40 -6.19
C THR A 249 -10.59 -22.61 -6.14
N ARG A 250 -10.21 -23.57 -5.31
CA ARG A 250 -10.98 -24.79 -5.09
C ARG A 250 -10.72 -25.26 -3.68
N ILE A 251 -11.78 -25.44 -2.89
CA ILE A 251 -11.68 -25.88 -1.51
C ILE A 251 -12.16 -27.33 -1.42
N ARG A 252 -11.51 -28.11 -0.56
CA ARG A 252 -11.88 -29.49 -0.28
C ARG A 252 -11.71 -29.73 1.22
N PRO A 253 -12.53 -30.59 1.81
CA PRO A 253 -12.53 -30.74 3.26
C PRO A 253 -11.18 -31.22 3.78
N HIS A 254 -10.79 -30.70 4.94
CA HIS A 254 -9.57 -31.12 5.62
C HIS A 254 -9.80 -31.06 7.13
N PHE A 255 -8.76 -30.83 7.90
CA PHE A 255 -8.90 -30.72 9.35
C PHE A 255 -7.84 -29.78 9.90
N PHE A 256 -8.27 -28.90 10.80
CA PHE A 256 -7.39 -28.07 11.61
C PHE A 256 -8.07 -27.94 12.95
N PRO A 257 -7.33 -27.99 14.06
CA PRO A 257 -7.98 -27.95 15.38
C PRO A 257 -8.75 -26.66 15.64
N PHE A 258 -8.32 -25.54 15.07
CA PHE A 258 -8.94 -24.25 15.33
C PHE A 258 -10.03 -23.88 14.34
N THR A 259 -10.35 -24.76 13.39
CA THR A 259 -11.40 -24.50 12.42
C THR A 259 -12.32 -25.70 12.31
N GLU A 260 -13.61 -25.42 12.08
CA GLU A 260 -14.63 -26.44 11.89
C GLU A 260 -15.86 -25.78 11.25
N PRO A 261 -16.16 -26.05 9.98
CA PRO A 261 -15.46 -26.97 9.06
C PRO A 261 -14.11 -26.44 8.59
N SER A 262 -13.16 -27.33 8.36
CA SER A 262 -11.85 -26.96 7.82
C SER A 262 -11.77 -27.38 6.35
N ALA A 263 -10.86 -26.73 5.63
CA ALA A 263 -10.73 -26.98 4.21
C ALA A 263 -9.29 -26.70 3.77
N GLU A 264 -8.95 -27.17 2.59
CA GLU A 264 -7.66 -26.94 1.96
C GLU A 264 -7.88 -26.22 0.63
N VAL A 265 -7.03 -25.24 0.35
CA VAL A 265 -7.20 -24.36 -0.80
C VAL A 265 -6.24 -24.78 -1.91
N ASP A 266 -6.77 -25.02 -3.10
CA ASP A 266 -5.99 -25.23 -4.30
C ASP A 266 -6.22 -24.06 -5.26
N VAL A 267 -5.20 -23.72 -6.03
CA VAL A 267 -5.26 -22.56 -6.91
C VAL A 267 -5.06 -23.02 -8.35
N TRP A 268 -5.55 -22.19 -9.28
CA TRP A 268 -5.49 -22.44 -10.70
C TRP A 268 -5.36 -21.10 -11.41
N PHE A 269 -4.43 -21.00 -12.35
CA PHE A 269 -4.29 -19.80 -13.15
C PHE A 269 -3.68 -20.17 -14.50
N ALA A 270 -3.97 -19.34 -15.51
CA ALA A 270 -3.56 -19.63 -16.87
C ALA A 270 -2.05 -19.52 -17.02
N ASN A 271 -1.49 -20.40 -17.86
CA ASN A 271 -0.07 -20.44 -18.16
C ASN A 271 0.77 -20.60 -16.88
N LYS A 272 0.48 -21.68 -16.16
CA LYS A 272 1.24 -22.01 -14.96
C LYS A 272 2.55 -22.70 -15.34
N ILE A 273 3.57 -22.48 -14.51
CA ILE A 273 4.90 -23.04 -14.75
C ILE A 273 4.84 -24.55 -14.72
N GLY A 274 4.58 -25.12 -13.55
CA GLY A 274 4.52 -26.56 -13.40
C GLY A 274 3.19 -27.15 -13.83
N GLY A 275 2.98 -27.24 -15.15
CA GLY A 275 1.73 -27.75 -15.68
C GLY A 275 0.63 -26.72 -15.70
N ALA A 276 -0.61 -27.15 -15.46
CA ALA A 276 -1.74 -26.24 -15.44
C ALA A 276 -2.93 -26.88 -14.73
N ALA A 277 -2.68 -27.52 -13.59
CA ALA A 277 -3.71 -28.21 -12.83
C ALA A 277 -3.91 -27.51 -11.48
N TRP A 278 -4.51 -28.22 -10.53
CA TRP A 278 -4.75 -27.70 -9.19
C TRP A 278 -3.52 -27.97 -8.32
N VAL A 279 -2.89 -26.90 -7.85
CA VAL A 279 -1.73 -26.99 -6.97
C VAL A 279 -2.14 -26.53 -5.58
N GLU A 280 -1.71 -27.27 -4.56
CA GLU A 280 -2.03 -26.92 -3.18
C GLU A 280 -1.48 -25.55 -2.82
N TRP A 281 -2.31 -24.73 -2.18
CA TRP A 281 -1.94 -23.37 -1.79
C TRP A 281 -1.88 -23.20 -0.28
N GLY A 282 -2.94 -23.55 0.44
CA GLY A 282 -2.93 -23.39 1.88
C GLY A 282 -4.19 -23.95 2.49
N GLY A 283 -4.42 -23.59 3.75
CA GLY A 283 -5.59 -24.07 4.48
C GLY A 283 -6.51 -22.95 4.90
N CYS A 284 -7.76 -23.29 5.22
CA CYS A 284 -8.76 -22.30 5.60
C CYS A 284 -9.85 -23.00 6.39
N GLY A 285 -10.96 -22.29 6.61
CA GLY A 285 -12.09 -22.84 7.33
C GLY A 285 -12.77 -21.85 8.25
N MET A 286 -13.97 -22.20 8.71
CA MET A 286 -14.69 -21.35 9.66
C MET A 286 -14.05 -21.45 11.03
N VAL A 287 -13.97 -20.30 11.71
CA VAL A 287 -13.37 -20.27 13.05
C VAL A 287 -14.18 -21.14 13.99
N HIS A 288 -13.49 -22.05 14.68
CA HIS A 288 -14.15 -22.96 15.60
C HIS A 288 -14.80 -22.16 16.74
N PRO A 289 -16.01 -22.52 17.16
CA PRO A 289 -16.69 -21.74 18.21
C PRO A 289 -15.95 -21.77 19.55
N ASN A 290 -15.16 -22.81 19.81
CA ASN A 290 -14.37 -22.82 21.04
C ASN A 290 -13.30 -21.73 21.04
N VAL A 291 -12.78 -21.39 19.85
CA VAL A 291 -11.82 -20.30 19.75
C VAL A 291 -12.50 -18.97 20.08
N LEU A 292 -13.74 -18.80 19.62
CA LEU A 292 -14.47 -17.57 19.92
C LEU A 292 -14.80 -17.48 21.41
N ARG A 293 -15.18 -18.59 22.03
CA ARG A 293 -15.44 -18.58 23.46
C ARG A 293 -14.17 -18.39 24.27
N ALA A 294 -13.03 -18.86 23.74
CA ALA A 294 -11.75 -18.64 24.40
C ALA A 294 -11.27 -17.20 24.27
N THR A 295 -11.88 -16.40 23.40
CA THR A 295 -11.52 -15.00 23.22
C THR A 295 -12.65 -14.06 23.61
N GLY A 296 -13.65 -14.56 24.32
CA GLY A 296 -14.76 -13.74 24.77
C GLY A 296 -15.69 -13.28 23.66
N ILE A 297 -15.95 -14.14 22.68
CA ILE A 297 -16.84 -13.84 21.57
C ILE A 297 -17.95 -14.87 21.55
N ASP A 298 -19.18 -14.39 21.44
CA ASP A 298 -20.35 -15.28 21.44
C ASP A 298 -20.49 -15.93 20.07
N PRO A 299 -20.35 -17.25 19.95
CA PRO A 299 -20.52 -17.89 18.63
C PRO A 299 -21.95 -17.83 18.11
N ASP A 300 -22.93 -17.59 18.97
CA ASP A 300 -24.31 -17.48 18.53
C ASP A 300 -24.62 -16.15 17.85
N LEU A 301 -23.78 -15.14 18.07
CA LEU A 301 -23.96 -13.83 17.45
C LEU A 301 -22.88 -13.51 16.41
N TYR A 302 -21.70 -14.09 16.55
CA TYR A 302 -20.59 -13.81 15.64
C TYR A 302 -20.03 -15.10 15.08
N SER A 303 -19.76 -15.10 13.78
CA SER A 303 -19.06 -16.19 13.10
C SER A 303 -17.79 -15.61 12.46
N GLY A 304 -17.03 -16.47 11.81
CA GLY A 304 -15.82 -16.00 11.17
C GLY A 304 -15.12 -17.12 10.43
N PHE A 305 -14.17 -16.70 9.58
CA PHE A 305 -13.35 -17.62 8.81
C PHE A 305 -11.89 -17.19 8.91
N ALA A 306 -11.01 -18.15 8.68
CA ALA A 306 -9.57 -17.90 8.69
C ALA A 306 -8.93 -18.67 7.54
N PHE A 307 -7.74 -18.23 7.16
CA PHE A 307 -6.99 -18.89 6.10
C PHE A 307 -5.51 -18.65 6.31
N GLY A 308 -4.70 -19.46 5.64
CA GLY A 308 -3.25 -19.35 5.75
C GLY A 308 -2.50 -19.94 4.57
N MET A 309 -1.49 -19.24 4.08
CA MET A 309 -0.67 -19.71 2.98
C MET A 309 0.79 -19.38 3.26
N GLY A 310 1.67 -20.26 2.77
CA GLY A 310 3.10 -20.05 2.91
C GLY A 310 3.64 -19.20 1.78
N LEU A 311 4.38 -18.15 2.14
CA LEU A 311 4.91 -17.26 1.11
C LEU A 311 5.98 -17.94 0.28
N GLU A 312 6.82 -18.77 0.90
CA GLU A 312 7.82 -19.51 0.14
C GLU A 312 7.17 -20.46 -0.84
N ARG A 313 6.08 -21.13 -0.43
CA ARG A 313 5.37 -22.01 -1.35
C ARG A 313 4.70 -21.22 -2.47
N THR A 314 4.06 -20.10 -2.13
CA THR A 314 3.39 -19.28 -3.15
C THR A 314 4.38 -18.79 -4.19
N LEU A 315 5.55 -18.31 -3.76
CA LEU A 315 6.55 -17.84 -4.70
C LEU A 315 7.14 -18.98 -5.53
N GLN A 316 7.11 -20.20 -5.02
CA GLN A 316 7.76 -21.31 -5.72
C GLN A 316 7.05 -21.65 -7.03
N PHE A 317 5.71 -21.72 -7.02
CA PHE A 317 5.00 -22.05 -8.24
C PHE A 317 4.48 -20.82 -9.00
N ARG A 318 4.45 -19.65 -8.37
CA ARG A 318 4.07 -18.45 -9.11
C ARG A 318 5.19 -18.04 -10.08
N ASN A 319 6.44 -18.19 -9.66
CA ASN A 319 7.59 -17.83 -10.48
C ASN A 319 8.33 -19.02 -11.05
N GLY A 320 8.07 -20.23 -10.55
CA GLY A 320 8.77 -21.40 -11.05
C GLY A 320 10.17 -21.58 -10.49
N ILE A 321 10.35 -21.30 -9.20
CA ILE A 321 11.66 -21.41 -8.56
C ILE A 321 11.92 -22.87 -8.20
N PRO A 322 13.01 -23.46 -8.67
CA PRO A 322 13.25 -24.88 -8.42
C PRO A 322 13.67 -25.18 -6.98
N ASP A 323 14.76 -24.55 -6.52
CA ASP A 323 15.34 -24.86 -5.23
C ASP A 323 14.90 -23.82 -4.21
N MET A 324 14.14 -24.27 -3.21
CA MET A 324 13.69 -23.37 -2.15
C MET A 324 14.84 -22.95 -1.24
N ARG A 325 15.95 -23.69 -1.24
CA ARG A 325 17.11 -23.30 -0.44
C ARG A 325 17.65 -21.94 -0.87
N ASP A 326 17.51 -21.59 -2.14
CA ASP A 326 17.98 -20.30 -2.61
C ASP A 326 17.17 -19.14 -2.05
N MET A 327 15.94 -19.39 -1.59
CA MET A 327 15.11 -18.32 -1.06
C MET A 327 15.57 -17.85 0.31
N VAL A 328 16.28 -18.68 1.07
CA VAL A 328 16.60 -18.39 2.46
C VAL A 328 18.09 -18.32 2.75
N GLU A 329 18.95 -18.80 1.85
CA GLU A 329 20.38 -18.82 2.14
C GLU A 329 21.04 -17.45 1.98
N GLY A 330 20.40 -16.51 1.31
CA GLY A 330 20.91 -15.16 1.22
C GLY A 330 21.93 -14.91 0.14
N ASP A 331 21.94 -15.69 -0.93
CA ASP A 331 22.86 -15.43 -2.04
C ASP A 331 22.30 -14.32 -2.90
N VAL A 332 23.15 -13.34 -3.23
CA VAL A 332 22.68 -12.19 -4.00
C VAL A 332 22.30 -12.58 -5.43
N ARG A 333 22.80 -13.71 -5.92
CA ARG A 333 22.40 -14.20 -7.23
C ARG A 333 20.93 -14.57 -7.30
N PHE A 334 20.25 -14.69 -6.16
CA PHE A 334 18.83 -14.99 -6.13
C PHE A 334 17.98 -13.72 -6.01
N SER A 335 18.43 -12.73 -5.26
CA SER A 335 17.64 -11.52 -5.02
C SER A 335 17.80 -10.49 -6.14
N LEU A 336 19.01 -10.33 -6.67
CA LEU A 336 19.24 -9.29 -7.68
C LEU A 336 18.36 -9.41 -8.91
N PRO A 337 18.11 -10.58 -9.50
CA PRO A 337 17.26 -10.63 -10.69
C PRO A 337 15.84 -10.13 -10.45
N PHE A 338 15.39 -10.03 -9.21
CA PHE A 338 14.06 -9.53 -8.91
C PHE A 338 13.98 -8.01 -8.91
N GLY A 339 15.07 -7.31 -9.24
CA GLY A 339 15.06 -5.87 -9.29
C GLY A 339 15.10 -5.24 -7.90
N VAL A 340 15.13 -3.91 -7.90
CA VAL A 340 15.23 -3.18 -6.64
C VAL A 340 13.92 -3.27 -5.87
N GLY A 341 12.80 -3.42 -6.56
CA GLY A 341 11.50 -3.40 -5.91
C GLY A 341 11.01 -1.99 -5.71
N ALA A 342 10.90 -1.57 -4.45
CA ALA A 342 10.48 -0.20 -4.10
C ALA A 342 9.16 0.19 -4.75
N SER B 2 2.55 -41.91 10.30
CA SER B 2 1.79 -42.00 11.54
C SER B 2 0.30 -42.03 11.27
N ASN B 3 -0.12 -41.34 10.20
CA ASN B 3 -1.52 -41.30 9.80
C ASN B 3 -1.76 -42.04 8.49
N ALA B 4 -0.82 -42.87 8.07
CA ALA B 4 -0.95 -43.59 6.81
C ALA B 4 -1.96 -44.72 6.94
N MET B 5 -2.74 -44.92 5.87
CA MET B 5 -3.69 -46.02 5.80
C MET B 5 -3.62 -46.61 4.40
N ARG B 6 -3.10 -47.83 4.31
CA ARG B 6 -2.94 -48.54 3.05
C ARG B 6 -3.95 -49.68 2.98
N LEU B 7 -4.69 -49.77 1.87
CA LEU B 7 -5.64 -50.85 1.70
C LEU B 7 -5.87 -51.07 0.22
N PRO B 8 -6.05 -52.31 -0.23
CA PRO B 8 -6.33 -52.55 -1.65
C PRO B 8 -7.76 -52.18 -2.01
N TYR B 9 -7.94 -51.77 -3.27
CA TYR B 9 -9.27 -51.38 -3.73
C TYR B 9 -10.22 -52.57 -3.77
N SER B 10 -9.72 -53.77 -4.04
CA SER B 10 -10.58 -54.95 -4.09
C SER B 10 -11.24 -55.19 -2.74
N TRP B 11 -10.47 -55.07 -1.65
CA TRP B 11 -11.04 -55.22 -0.31
C TRP B 11 -12.01 -54.07 -0.01
N LEU B 12 -11.66 -52.85 -0.40
CA LEU B 12 -12.53 -51.72 -0.18
C LEU B 12 -13.83 -51.86 -0.98
N ARG B 13 -13.73 -52.31 -2.23
CA ARG B 13 -14.92 -52.53 -3.04
C ARG B 13 -15.78 -53.65 -2.46
N GLU B 14 -15.15 -54.69 -1.92
CA GLU B 14 -15.90 -55.84 -1.40
C GLU B 14 -16.86 -55.42 -0.29
N VAL B 15 -16.36 -54.60 0.65
CA VAL B 15 -17.19 -54.19 1.78
C VAL B 15 -18.32 -53.26 1.32
N VAL B 16 -18.00 -52.34 0.41
CA VAL B 16 -19.03 -51.44 -0.11
C VAL B 16 -20.09 -52.23 -0.89
N ALA B 17 -19.66 -53.25 -1.63
CA ALA B 17 -20.56 -53.98 -2.51
C ALA B 17 -21.57 -54.83 -1.76
N VAL B 18 -21.37 -55.08 -0.46
CA VAL B 18 -22.34 -55.87 0.30
C VAL B 18 -23.69 -55.17 0.31
N GLY B 19 -23.71 -53.89 0.63
CA GLY B 19 -24.94 -53.11 0.58
C GLY B 19 -25.21 -52.42 -0.73
N ALA B 20 -24.27 -52.49 -1.68
CA ALA B 20 -24.41 -51.88 -3.01
C ALA B 20 -23.82 -52.85 -4.02
N SER B 21 -24.57 -53.91 -4.32
CA SER B 21 -24.10 -54.95 -5.23
C SER B 21 -23.78 -54.36 -6.59
N GLY B 22 -22.61 -54.73 -7.12
CA GLY B 22 -22.17 -54.24 -8.40
C GLY B 22 -21.47 -52.90 -8.37
N TRP B 23 -21.24 -52.32 -7.20
CA TRP B 23 -20.54 -51.05 -7.13
C TRP B 23 -19.09 -51.22 -7.55
N ASP B 24 -18.65 -50.38 -8.47
CA ASP B 24 -17.28 -50.46 -9.00
C ASP B 24 -16.97 -49.13 -9.67
N VAL B 25 -15.89 -48.48 -9.23
CA VAL B 25 -15.48 -47.20 -9.78
C VAL B 25 -14.01 -47.30 -10.18
N THR B 26 -13.62 -46.43 -11.10
CA THR B 26 -12.23 -46.36 -11.53
C THR B 26 -11.36 -45.78 -10.42
N PRO B 27 -10.08 -46.15 -10.37
CA PRO B 27 -9.20 -45.55 -9.36
C PRO B 27 -9.09 -44.05 -9.45
N GLY B 28 -9.27 -43.49 -10.64
CA GLY B 28 -9.24 -42.03 -10.77
C GLY B 28 -10.46 -41.37 -10.15
N GLU B 29 -11.64 -41.92 -10.42
CA GLU B 29 -12.86 -41.37 -9.81
C GLU B 29 -12.86 -41.58 -8.30
N LEU B 30 -12.36 -42.73 -7.84
CA LEU B 30 -12.30 -42.99 -6.40
C LEU B 30 -11.38 -41.99 -5.70
N GLU B 31 -10.28 -41.64 -6.35
CA GLU B 31 -9.36 -40.66 -5.76
C GLU B 31 -10.04 -39.31 -5.60
N GLN B 32 -10.78 -38.88 -6.62
CA GLN B 32 -11.46 -37.58 -6.55
C GLN B 32 -12.54 -37.58 -5.49
N THR B 33 -13.29 -38.69 -5.38
CA THR B 33 -14.35 -38.75 -4.38
C THR B 33 -13.78 -38.69 -2.96
N LEU B 34 -12.69 -39.42 -2.72
CA LEU B 34 -12.04 -39.37 -1.42
C LEU B 34 -11.53 -37.97 -1.09
N LEU B 35 -10.90 -37.30 -2.07
CA LEU B 35 -10.45 -35.93 -1.86
C LEU B 35 -11.62 -34.99 -1.65
N ARG B 36 -12.72 -35.21 -2.38
CA ARG B 36 -13.86 -34.31 -2.29
C ARG B 36 -14.59 -34.42 -0.95
N ILE B 37 -14.44 -35.54 -0.23
CA ILE B 37 -15.07 -35.69 1.07
C ILE B 37 -14.11 -35.49 2.22
N GLY B 38 -12.81 -35.32 1.96
CA GLY B 38 -11.88 -34.93 2.99
C GLY B 38 -10.77 -35.92 3.30
N HIS B 39 -10.56 -36.89 2.42
CA HIS B 39 -9.54 -37.92 2.62
C HIS B 39 -8.43 -37.72 1.61
N GLU B 40 -7.27 -37.28 2.09
CA GLU B 40 -6.13 -37.05 1.21
C GLU B 40 -5.55 -38.38 0.72
N VAL B 41 -5.44 -38.52 -0.59
CA VAL B 41 -4.84 -39.70 -1.20
C VAL B 41 -3.38 -39.38 -1.49
N GLU B 42 -2.48 -39.93 -0.69
CA GLU B 42 -1.06 -39.66 -0.89
C GLU B 42 -0.55 -40.32 -2.16
N GLU B 43 -0.96 -41.55 -2.44
CA GLU B 43 -0.46 -42.26 -3.60
C GLU B 43 -1.47 -43.31 -4.04
N VAL B 44 -1.50 -43.55 -5.35
CA VAL B 44 -2.33 -44.59 -5.95
C VAL B 44 -1.38 -45.53 -6.69
N ILE B 45 -1.18 -46.72 -6.14
CA ILE B 45 -0.16 -47.65 -6.61
C ILE B 45 -0.88 -48.85 -7.25
N PRO B 46 -0.90 -48.96 -8.57
CA PRO B 46 -1.42 -50.17 -9.20
C PRO B 46 -0.41 -51.31 -9.12
N LEU B 47 -0.94 -52.52 -8.96
CA LEU B 47 -0.09 -53.70 -8.89
C LEU B 47 0.30 -54.16 -10.29
N GLY B 48 1.46 -54.80 -10.37
CA GLY B 48 2.00 -55.23 -11.64
C GLY B 48 2.44 -54.07 -12.50
N PRO B 49 2.11 -54.10 -13.79
CA PRO B 49 1.40 -55.17 -14.49
C PRO B 49 2.35 -56.20 -15.08
N VAL B 50 1.85 -57.40 -15.38
CA VAL B 50 2.64 -58.44 -16.05
C VAL B 50 1.94 -58.83 -17.33
N ASP B 51 2.67 -59.53 -18.20
CA ASP B 51 2.11 -60.02 -19.43
C ASP B 51 2.90 -61.26 -19.86
N GLY B 52 2.24 -62.11 -20.64
CA GLY B 52 2.85 -63.33 -21.11
C GLY B 52 2.79 -64.43 -20.08
N PRO B 53 3.61 -65.46 -20.24
CA PRO B 53 3.54 -66.62 -19.35
C PRO B 53 4.09 -66.34 -17.95
N VAL B 54 3.24 -65.82 -17.07
CA VAL B 54 3.56 -65.67 -15.65
C VAL B 54 2.54 -66.52 -14.90
N THR B 55 3.00 -67.68 -14.41
CA THR B 55 2.10 -68.68 -13.84
C THR B 55 2.62 -69.14 -12.49
N VAL B 56 1.78 -69.91 -11.80
CA VAL B 56 2.13 -70.50 -10.51
C VAL B 56 2.85 -71.82 -10.75
N GLY B 57 3.95 -72.04 -10.03
CA GLY B 57 4.69 -73.26 -10.14
C GLY B 57 5.02 -73.83 -8.78
N ARG B 58 5.36 -75.13 -8.77
CA ARG B 58 5.78 -75.82 -7.56
C ARG B 58 7.20 -76.33 -7.76
N VAL B 59 8.06 -76.07 -6.79
CA VAL B 59 9.45 -76.51 -6.84
C VAL B 59 9.49 -78.00 -6.55
N ALA B 60 9.78 -78.80 -7.58
CA ALA B 60 9.78 -80.26 -7.45
C ALA B 60 11.14 -80.82 -7.07
N ASP B 61 12.23 -80.14 -7.42
CA ASP B 61 13.56 -80.61 -7.08
C ASP B 61 14.50 -79.42 -7.06
N ILE B 62 15.54 -79.52 -6.23
CA ILE B 62 16.54 -78.48 -6.08
C ILE B 62 17.92 -79.11 -6.18
N GLU B 63 18.76 -78.55 -7.05
CA GLU B 63 20.16 -78.95 -7.18
C GLU B 63 21.04 -77.79 -6.76
N GLU B 64 21.89 -78.02 -5.76
CA GLU B 64 22.76 -76.97 -5.23
C GLU B 64 24.00 -76.88 -6.11
N LEU B 65 24.00 -75.93 -7.05
CA LEU B 65 25.16 -75.70 -7.89
C LEU B 65 26.27 -75.06 -7.06
N THR B 66 27.40 -75.75 -6.97
CA THR B 66 28.54 -75.32 -6.15
C THR B 66 29.65 -74.78 -7.05
N GLY B 67 30.70 -74.26 -6.41
CA GLY B 67 31.84 -73.73 -7.11
C GLY B 67 31.82 -72.23 -7.34
N TYR B 68 30.78 -71.53 -6.88
CA TYR B 68 30.64 -70.10 -7.07
C TYR B 68 30.70 -69.39 -5.71
N LYS B 69 30.62 -68.06 -5.77
CA LYS B 69 30.72 -67.25 -4.55
C LYS B 69 29.49 -67.45 -3.68
N LYS B 70 28.30 -67.25 -4.24
CA LYS B 70 27.06 -67.39 -3.49
C LYS B 70 26.28 -68.62 -3.98
N PRO B 71 25.51 -69.26 -3.10
CA PRO B 71 24.83 -70.50 -3.49
C PRO B 71 23.80 -70.26 -4.59
N ILE B 72 23.86 -71.10 -5.62
CA ILE B 72 22.94 -71.04 -6.75
C ILE B 72 22.17 -72.34 -6.81
N ARG B 73 20.90 -72.27 -7.18
CA ARG B 73 20.01 -73.42 -7.20
C ARG B 73 19.50 -73.67 -8.62
N ALA B 74 19.71 -74.88 -9.11
CA ALA B 74 19.12 -75.34 -10.36
C ALA B 74 17.85 -76.11 -10.01
N CYS B 75 16.71 -75.46 -10.21
CA CYS B 75 15.44 -75.97 -9.73
C CYS B 75 14.61 -76.56 -10.88
N ALA B 76 13.91 -77.64 -10.59
CA ALA B 76 12.91 -78.20 -11.49
C ALA B 76 11.54 -77.76 -11.00
N VAL B 77 10.85 -76.96 -11.80
CA VAL B 77 9.59 -76.34 -11.40
C VAL B 77 8.45 -76.96 -12.21
N ASP B 78 7.39 -77.36 -11.50
CA ASP B 78 6.18 -77.89 -12.12
C ASP B 78 5.24 -76.72 -12.41
N ILE B 79 4.99 -76.46 -13.68
CA ILE B 79 4.10 -75.38 -14.08
C ILE B 79 2.75 -75.91 -14.57
N GLY B 80 2.43 -77.17 -14.24
CA GLY B 80 1.13 -77.74 -14.57
C GLY B 80 1.08 -78.61 -15.80
N ASP B 81 2.21 -78.84 -16.47
CA ASP B 81 2.27 -79.71 -17.63
C ASP B 81 3.18 -80.90 -17.34
N ARG B 82 3.30 -81.78 -18.33
CA ARG B 82 4.10 -83.00 -18.19
C ARG B 82 5.60 -82.75 -18.34
N GLN B 83 6.02 -81.52 -18.62
CA GLN B 83 7.43 -81.19 -18.78
C GLN B 83 7.79 -80.13 -17.76
N TYR B 84 8.56 -80.53 -16.74
CA TYR B 84 9.01 -79.59 -15.73
C TYR B 84 10.02 -78.62 -16.32
N ARG B 85 9.90 -77.35 -15.94
CA ARG B 85 10.84 -76.31 -16.38
C ARG B 85 12.05 -76.29 -15.47
N GLU B 86 13.24 -76.23 -16.06
CA GLU B 86 14.49 -76.17 -15.32
C GLU B 86 14.88 -74.70 -15.20
N ILE B 87 14.81 -74.16 -13.98
CA ILE B 87 14.99 -72.74 -13.74
C ILE B 87 16.14 -72.55 -12.75
N ILE B 88 17.03 -71.62 -13.07
CA ILE B 88 18.13 -71.24 -12.18
C ILE B 88 17.66 -70.11 -11.29
N CYS B 89 18.01 -70.18 -10.01
CA CYS B 89 17.60 -69.16 -9.04
C CYS B 89 18.70 -68.97 -8.01
N GLY B 90 18.80 -67.75 -7.49
CA GLY B 90 19.80 -67.42 -6.51
C GLY B 90 19.24 -67.25 -5.11
N ALA B 91 17.92 -67.30 -4.99
CA ALA B 91 17.29 -67.18 -3.68
C ALA B 91 17.40 -68.50 -2.92
N THR B 92 17.31 -68.40 -1.58
CA THR B 92 17.43 -69.55 -0.71
C THR B 92 16.29 -69.64 0.29
N ASN B 93 15.19 -68.90 0.06
CA ASN B 93 14.06 -68.86 0.97
C ASN B 93 12.93 -69.79 0.54
N PHE B 94 13.26 -70.89 -0.12
CA PHE B 94 12.24 -71.85 -0.55
C PHE B 94 12.81 -73.25 -0.49
N ALA B 95 11.91 -74.23 -0.45
CA ALA B 95 12.26 -75.64 -0.40
C ALA B 95 11.45 -76.41 -1.42
N VAL B 96 11.73 -77.71 -1.55
CA VAL B 96 10.98 -78.57 -2.45
C VAL B 96 9.53 -78.65 -1.97
N GLY B 97 8.60 -78.49 -2.92
CA GLY B 97 7.18 -78.54 -2.61
C GLY B 97 6.52 -77.21 -2.44
N ASP B 98 7.27 -76.11 -2.43
CA ASP B 98 6.69 -74.79 -2.24
C ASP B 98 6.06 -74.30 -3.54
N LEU B 99 5.08 -73.40 -3.39
CA LEU B 99 4.44 -72.74 -4.52
C LEU B 99 5.13 -71.42 -4.79
N VAL B 100 5.57 -71.22 -6.03
CA VAL B 100 6.28 -70.02 -6.44
C VAL B 100 5.62 -69.46 -7.69
N VAL B 101 6.02 -68.24 -8.04
CA VAL B 101 5.53 -67.55 -9.24
C VAL B 101 6.65 -67.53 -10.26
N VAL B 102 6.38 -68.09 -11.43
CA VAL B 102 7.39 -68.30 -12.47
C VAL B 102 7.10 -67.40 -13.65
N ALA B 103 8.10 -66.63 -14.08
CA ALA B 103 8.03 -65.86 -15.32
C ALA B 103 8.78 -66.64 -16.41
N LEU B 104 8.02 -67.19 -17.35
CA LEU B 104 8.59 -68.02 -18.39
C LEU B 104 9.10 -67.15 -19.54
N PRO B 105 9.97 -67.70 -20.39
CA PRO B 105 10.46 -66.92 -21.54
C PRO B 105 9.30 -66.42 -22.40
N GLY B 106 9.36 -65.12 -22.72
CA GLY B 106 8.29 -64.45 -23.43
C GLY B 106 7.41 -63.57 -22.56
N ALA B 107 7.62 -63.59 -21.25
CA ALA B 107 6.83 -62.79 -20.33
C ALA B 107 7.49 -61.42 -20.11
N THR B 108 6.67 -60.46 -19.70
CA THR B 108 7.13 -59.10 -19.44
C THR B 108 6.79 -58.73 -18.00
N LEU B 109 7.82 -58.34 -17.25
CA LEU B 109 7.68 -57.94 -15.86
C LEU B 109 7.79 -56.42 -15.72
N PRO B 110 7.17 -55.83 -14.70
CA PRO B 110 7.27 -54.37 -14.52
C PRO B 110 8.69 -53.97 -14.16
N GLY B 111 9.26 -53.06 -14.95
CA GLY B 111 8.65 -52.48 -16.12
C GLY B 111 9.49 -52.61 -17.36
N GLY B 112 8.96 -53.27 -18.38
CA GLY B 112 9.68 -53.48 -19.62
C GLY B 112 10.72 -54.57 -19.59
N PHE B 113 10.76 -55.38 -18.54
N PHE B 113 10.75 -55.38 -18.52
CA PHE B 113 11.73 -56.47 -18.41
CA PHE B 113 11.71 -56.47 -18.41
C PHE B 113 11.19 -57.70 -19.13
C PHE B 113 11.17 -57.69 -19.14
N THR B 114 11.75 -57.99 -20.30
CA THR B 114 11.35 -59.16 -21.08
C THR B 114 12.13 -60.38 -20.61
N ILE B 115 11.42 -61.48 -20.41
CA ILE B 115 12.01 -62.73 -19.92
C ILE B 115 12.29 -63.63 -21.11
N SER B 116 13.47 -64.26 -21.09
CA SER B 116 13.87 -65.18 -22.15
C SER B 116 14.81 -66.22 -21.56
N ALA B 117 15.06 -67.25 -22.35
CA ALA B 117 15.97 -68.31 -21.93
C ALA B 117 17.39 -67.78 -21.81
N ARG B 118 18.06 -68.13 -20.73
CA ARG B 118 19.40 -67.64 -20.43
C ARG B 118 20.35 -68.80 -20.18
N LYS B 119 21.63 -68.53 -20.30
CA LYS B 119 22.70 -69.50 -20.08
C LYS B 119 23.54 -69.00 -18.91
N ALA B 120 23.14 -69.35 -17.70
CA ALA B 120 23.80 -68.89 -16.48
C ALA B 120 24.36 -70.07 -15.70
N TYR B 121 25.59 -69.90 -15.21
CA TYR B 121 26.25 -70.90 -14.37
C TYR B 121 26.37 -72.24 -15.09
N GLY B 122 26.67 -72.19 -16.39
CA GLY B 122 26.81 -73.40 -17.17
C GLY B 122 25.55 -74.19 -17.34
N ARG B 123 24.38 -73.60 -17.06
CA ARG B 123 23.11 -74.27 -17.17
C ARG B 123 22.18 -73.48 -18.07
N ASN B 124 21.02 -74.06 -18.37
CA ASN B 124 20.01 -73.44 -19.22
C ASN B 124 18.81 -73.10 -18.33
N SER B 125 18.55 -71.81 -18.16
CA SER B 125 17.46 -71.32 -17.33
C SER B 125 16.26 -71.05 -18.22
N ASP B 126 15.27 -71.93 -18.17
CA ASP B 126 14.05 -71.81 -18.98
C ASP B 126 12.99 -71.01 -18.25
N GLY B 127 13.37 -69.83 -17.75
CA GLY B 127 12.43 -69.00 -17.03
C GLY B 127 13.06 -68.28 -15.84
N MET B 128 12.24 -67.97 -14.84
CA MET B 128 12.68 -67.18 -13.71
C MET B 128 11.68 -67.23 -12.57
N ILE B 129 12.16 -67.50 -11.35
CA ILE B 129 11.32 -67.49 -10.16
C ILE B 129 11.28 -66.06 -9.62
N CYS B 130 10.09 -65.49 -9.55
CA CYS B 130 9.94 -64.06 -9.27
C CYS B 130 9.86 -63.79 -7.77
N SER B 131 10.30 -62.59 -7.40
CA SER B 131 10.18 -62.08 -6.04
C SER B 131 8.99 -61.13 -5.96
N ALA B 132 8.69 -60.66 -4.74
CA ALA B 132 7.58 -59.75 -4.55
C ALA B 132 7.85 -58.40 -5.22
N ALA B 133 9.10 -57.94 -5.19
CA ALA B 133 9.42 -56.64 -5.78
C ALA B 133 9.41 -56.70 -7.30
N GLU B 134 9.85 -57.82 -7.87
CA GLU B 134 9.89 -57.95 -9.33
C GLU B 134 8.49 -58.08 -9.94
N LEU B 135 7.51 -58.51 -9.17
CA LEU B 135 6.13 -58.60 -9.62
C LEU B 135 5.34 -57.33 -9.31
N ASN B 136 5.96 -56.34 -8.67
CA ASN B 136 5.28 -55.12 -8.22
C ASN B 136 4.11 -55.46 -7.29
N LEU B 137 4.30 -56.51 -6.48
CA LEU B 137 3.32 -56.90 -5.47
C LEU B 137 3.69 -56.39 -4.07
N GLY B 138 4.98 -56.35 -3.75
CA GLY B 138 5.45 -55.84 -2.48
C GLY B 138 6.87 -55.33 -2.57
N ALA B 139 7.49 -55.08 -1.41
CA ALA B 139 8.85 -54.56 -1.36
C ALA B 139 9.89 -55.63 -1.05
N ASP B 140 9.47 -56.87 -0.81
CA ASP B 140 10.41 -57.92 -0.47
C ASP B 140 11.23 -58.32 -1.69
N HIS B 141 12.56 -58.29 -1.54
CA HIS B 141 13.46 -58.67 -2.63
C HIS B 141 14.61 -59.56 -2.18
N SER B 142 14.76 -59.82 -0.88
CA SER B 142 15.82 -60.71 -0.42
C SER B 142 15.60 -62.14 -0.89
N GLY B 143 14.34 -62.55 -1.03
CA GLY B 143 14.02 -63.87 -1.54
C GLY B 143 12.85 -63.79 -2.51
N ILE B 144 12.47 -64.95 -3.04
CA ILE B 144 11.38 -65.03 -4.00
C ILE B 144 10.06 -65.20 -3.25
N LEU B 145 8.95 -65.10 -3.96
CA LEU B 145 7.63 -65.15 -3.36
C LEU B 145 7.19 -66.60 -3.21
N VAL B 146 6.89 -67.02 -1.99
CA VAL B 146 6.43 -68.37 -1.70
C VAL B 146 4.98 -68.28 -1.27
N LEU B 147 4.08 -68.71 -2.16
CA LEU B 147 2.67 -68.76 -1.82
C LEU B 147 2.44 -69.87 -0.78
N PRO B 148 1.52 -69.67 0.15
CA PRO B 148 1.22 -70.72 1.14
C PRO B 148 0.62 -71.95 0.47
N PRO B 149 0.74 -73.11 1.09
CA PRO B 149 0.21 -74.33 0.47
C PRO B 149 -1.30 -74.24 0.27
N GLY B 150 -1.76 -74.74 -0.87
CA GLY B 150 -3.16 -74.69 -1.22
C GLY B 150 -3.62 -73.38 -1.83
N ALA B 151 -2.72 -72.41 -2.01
CA ALA B 151 -3.12 -71.13 -2.60
C ALA B 151 -3.57 -71.31 -4.04
N ALA B 152 -2.88 -72.16 -4.79
CA ALA B 152 -3.21 -72.40 -6.19
C ALA B 152 -2.56 -73.70 -6.64
N GLU B 153 -3.07 -74.24 -7.71
CA GLU B 153 -2.43 -75.41 -8.31
C GLU B 153 -1.37 -74.95 -9.31
N PRO B 154 -0.34 -75.75 -9.54
CA PRO B 154 0.65 -75.41 -10.56
C PRO B 154 -0.01 -75.24 -11.92
N GLY B 155 0.23 -74.08 -12.54
CA GLY B 155 -0.36 -73.76 -13.82
C GLY B 155 -1.38 -72.65 -13.78
N ALA B 156 -1.80 -72.21 -12.60
CA ALA B 156 -2.75 -71.12 -12.49
C ALA B 156 -2.11 -69.80 -12.94
N ASP B 157 -2.93 -68.92 -13.50
CA ASP B 157 -2.44 -67.64 -13.95
C ASP B 157 -1.89 -66.84 -12.78
N GLY B 158 -0.65 -66.38 -12.93
CA GLY B 158 -0.01 -65.64 -11.85
C GLY B 158 -0.72 -64.35 -11.52
N ALA B 159 -1.17 -63.63 -12.55
CA ALA B 159 -1.83 -62.35 -12.33
C ALA B 159 -3.14 -62.53 -11.57
N GLY B 160 -3.86 -63.61 -11.84
CA GLY B 160 -5.12 -63.84 -11.16
C GLY B 160 -4.94 -64.28 -9.71
N VAL B 161 -4.00 -65.19 -9.47
CA VAL B 161 -3.77 -65.67 -8.11
C VAL B 161 -3.20 -64.55 -7.25
N LEU B 162 -2.27 -63.76 -7.79
CA LEU B 162 -1.69 -62.65 -7.05
C LEU B 162 -2.59 -61.42 -7.02
N GLY B 163 -3.61 -61.36 -7.87
CA GLY B 163 -4.48 -60.21 -7.93
C GLY B 163 -3.76 -58.96 -8.36
N LEU B 164 -3.00 -59.05 -9.45
CA LEU B 164 -2.21 -57.91 -9.92
C LEU B 164 -3.06 -56.83 -10.58
N ASP B 165 -4.34 -57.10 -10.83
CA ASP B 165 -5.25 -56.06 -11.33
C ASP B 165 -5.74 -55.13 -10.24
N ASP B 166 -5.25 -55.30 -9.02
CA ASP B 166 -5.69 -54.49 -7.89
C ASP B 166 -4.95 -53.15 -7.87
N VAL B 167 -5.45 -52.24 -7.04
CA VAL B 167 -4.86 -50.91 -6.87
C VAL B 167 -4.80 -50.60 -5.39
N VAL B 168 -3.60 -50.25 -4.92
CA VAL B 168 -3.40 -49.92 -3.51
C VAL B 168 -3.52 -48.41 -3.32
N PHE B 169 -4.31 -48.00 -2.33
CA PHE B 169 -4.55 -46.60 -2.03
C PHE B 169 -3.82 -46.24 -0.74
N HIS B 170 -2.94 -45.24 -0.82
CA HIS B 170 -2.21 -44.74 0.34
C HIS B 170 -2.89 -43.45 0.80
N LEU B 171 -3.61 -43.52 1.92
N LEU B 171 -3.60 -43.52 1.93
CA LEU B 171 -4.34 -42.39 2.46
CA LEU B 171 -4.35 -42.39 2.45
C LEU B 171 -3.61 -41.80 3.65
C LEU B 171 -3.66 -41.82 3.68
N ALA B 172 -3.84 -40.52 3.88
CA ALA B 172 -3.32 -39.81 5.06
C ALA B 172 -4.53 -39.34 5.85
N ILE B 173 -4.88 -40.09 6.88
CA ILE B 173 -6.11 -39.85 7.63
C ILE B 173 -5.87 -38.74 8.65
N THR B 174 -6.77 -37.76 8.67
CA THR B 174 -6.68 -36.70 9.65
C THR B 174 -7.00 -37.23 11.05
N PRO B 175 -6.39 -36.65 12.10
CA PRO B 175 -6.56 -37.21 13.45
C PRO B 175 -7.98 -37.09 14.00
N ASP B 176 -8.88 -36.41 13.31
CA ASP B 176 -10.27 -36.32 13.76
C ASP B 176 -11.13 -37.44 13.19
N ARG B 177 -10.58 -38.31 12.35
CA ARG B 177 -11.34 -39.37 11.69
C ARG B 177 -10.63 -40.71 11.89
N GLY B 178 -10.36 -41.05 13.14
CA GLY B 178 -9.78 -42.34 13.46
C GLY B 178 -10.60 -43.51 12.99
N TYR B 179 -11.92 -43.34 12.85
CA TYR B 179 -12.78 -44.40 12.35
C TYR B 179 -12.49 -44.75 10.90
N CYS B 180 -11.76 -43.90 10.18
CA CYS B 180 -11.41 -44.16 8.79
C CYS B 180 -10.09 -44.90 8.65
N MET B 181 -9.47 -45.31 9.76
CA MET B 181 -8.27 -46.14 9.70
C MET B 181 -8.61 -47.62 9.60
N SER B 182 -9.62 -47.94 8.80
CA SER B 182 -10.04 -49.33 8.59
C SER B 182 -10.85 -49.37 7.31
N VAL B 183 -11.06 -50.60 6.81
CA VAL B 183 -11.93 -50.77 5.65
C VAL B 183 -13.37 -50.43 6.01
N ARG B 184 -13.75 -50.65 7.27
CA ARG B 184 -15.12 -50.35 7.70
C ARG B 184 -15.46 -48.88 7.53
N GLY B 185 -14.62 -47.99 8.07
CA GLY B 185 -14.93 -46.57 8.02
C GLY B 185 -14.86 -46.00 6.63
N LEU B 186 -13.82 -46.36 5.87
CA LEU B 186 -13.69 -45.85 4.51
C LEU B 186 -14.83 -46.32 3.63
N ALA B 187 -15.29 -47.56 3.81
CA ALA B 187 -16.44 -48.04 3.06
C ALA B 187 -17.69 -47.28 3.44
N ARG B 188 -17.84 -46.94 4.73
CA ARG B 188 -18.98 -46.13 5.15
C ARG B 188 -18.92 -44.74 4.53
N GLU B 189 -17.72 -44.16 4.46
CA GLU B 189 -17.56 -42.85 3.83
C GLU B 189 -17.96 -42.89 2.36
N LEU B 190 -17.52 -43.92 1.64
CA LEU B 190 -17.90 -44.07 0.24
C LEU B 190 -19.40 -44.30 0.08
N ALA B 191 -20.01 -45.04 1.02
CA ALA B 191 -21.44 -45.24 0.98
C ALA B 191 -22.18 -43.92 1.17
N CYS B 192 -21.66 -43.04 2.04
CA CYS B 192 -22.24 -41.72 2.19
C CYS B 192 -22.05 -40.88 0.93
N ALA B 193 -20.84 -40.92 0.36
CA ALA B 193 -20.54 -40.08 -0.80
C ALA B 193 -21.37 -40.49 -2.01
N TYR B 194 -21.58 -41.79 -2.21
CA TYR B 194 -22.33 -42.28 -3.36
C TYR B 194 -23.79 -42.55 -3.06
N ASP B 195 -24.27 -42.18 -1.87
CA ASP B 195 -25.68 -42.35 -1.47
C ASP B 195 -26.10 -43.80 -1.59
N LEU B 196 -25.28 -44.70 -1.06
CA LEU B 196 -25.53 -46.13 -1.12
C LEU B 196 -25.98 -46.65 0.24
N ASP B 197 -26.57 -47.84 0.23
N ASP B 197 -26.58 -47.83 0.22
CA ASP B 197 -26.92 -48.53 1.45
CA ASP B 197 -26.92 -48.54 1.45
C ASP B 197 -25.68 -49.22 2.00
C ASP B 197 -25.67 -49.22 2.00
N PHE B 198 -25.38 -48.98 3.27
CA PHE B 198 -24.18 -49.51 3.90
C PHE B 198 -24.55 -50.66 4.84
N VAL B 199 -23.83 -51.77 4.69
CA VAL B 199 -23.92 -52.90 5.61
C VAL B 199 -22.65 -52.90 6.44
N ASP B 200 -22.79 -52.60 7.73
CA ASP B 200 -21.64 -52.48 8.62
C ASP B 200 -20.96 -53.84 8.77
N PRO B 201 -19.68 -53.98 8.39
CA PRO B 201 -19.00 -55.27 8.55
C PRO B 201 -18.80 -55.68 10.00
N ALA B 202 -19.06 -54.80 10.96
CA ALA B 202 -18.97 -55.13 12.38
C ALA B 202 -20.32 -55.38 13.02
N SER B 203 -21.41 -55.34 12.25
CA SER B 203 -22.73 -55.55 12.82
C SER B 203 -22.95 -57.02 13.13
N ASN B 204 -24.02 -57.30 13.89
CA ASN B 204 -24.32 -58.67 14.27
C ASN B 204 -24.71 -59.52 13.07
N SER B 205 -25.27 -58.91 12.02
CA SER B 205 -25.62 -59.67 10.82
C SER B 205 -24.37 -60.21 10.13
N ARG B 206 -23.31 -59.41 10.09
CA ARG B 206 -22.08 -59.86 9.44
C ARG B 206 -21.20 -60.66 10.40
N VAL B 207 -21.19 -60.29 11.68
CA VAL B 207 -20.47 -61.04 12.69
C VAL B 207 -21.48 -61.58 13.70
N PRO B 208 -22.12 -62.72 13.43
CA PRO B 208 -23.08 -63.27 14.39
C PRO B 208 -22.42 -63.57 15.72
N PRO B 209 -23.02 -63.17 16.84
CA PRO B 209 -22.38 -63.35 18.13
C PRO B 209 -22.18 -64.83 18.47
N LEU B 210 -21.09 -65.10 19.16
CA LEU B 210 -20.73 -66.43 19.63
C LEU B 210 -21.37 -66.70 20.98
N PRO B 211 -21.47 -67.96 21.39
CA PRO B 211 -22.11 -68.27 22.69
C PRO B 211 -21.41 -67.59 23.85
N ILE B 212 -22.19 -67.33 24.89
CA ILE B 212 -21.69 -66.73 26.14
C ILE B 212 -22.18 -67.62 27.27
N GLU B 213 -21.39 -68.64 27.61
CA GLU B 213 -21.78 -69.61 28.63
C GLU B 213 -21.06 -69.40 29.96
N GLY B 214 -20.12 -68.46 30.03
CA GLY B 214 -19.40 -68.21 31.25
C GLY B 214 -18.15 -67.38 31.03
N PRO B 215 -17.42 -67.10 32.10
CA PRO B 215 -16.21 -66.28 31.99
C PRO B 215 -15.10 -67.01 31.25
N ALA B 216 -14.30 -66.25 30.51
CA ALA B 216 -13.19 -66.81 29.76
C ALA B 216 -11.88 -66.81 30.54
N TRP B 217 -11.70 -65.83 31.43
CA TRP B 217 -10.50 -65.74 32.25
C TRP B 217 -10.75 -64.76 33.39
N PRO B 218 -10.24 -65.04 34.59
CA PRO B 218 -10.44 -64.10 35.70
C PRO B 218 -9.76 -62.77 35.41
N LEU B 219 -10.50 -61.68 35.64
CA LEU B 219 -10.07 -60.35 35.24
C LEU B 219 -10.34 -59.35 36.35
N THR B 220 -9.32 -58.55 36.67
CA THR B 220 -9.44 -57.46 37.64
C THR B 220 -8.98 -56.18 36.95
N VAL B 221 -9.90 -55.25 36.75
CA VAL B 221 -9.64 -54.02 36.01
C VAL B 221 -9.73 -52.84 36.97
N GLN B 222 -8.65 -52.06 37.03
CA GLN B 222 -8.66 -50.83 37.81
C GLN B 222 -9.24 -49.71 36.96
N PRO B 223 -10.40 -49.16 37.33
CA PRO B 223 -11.06 -48.16 36.47
C PRO B 223 -10.30 -46.85 36.36
N GLU B 224 -9.33 -46.59 37.23
CA GLU B 224 -8.57 -45.35 37.15
C GLU B 224 -7.67 -45.28 35.93
N THR B 225 -7.44 -46.39 35.25
CA THR B 225 -6.60 -46.41 34.06
C THR B 225 -7.29 -45.88 32.82
N GLY B 226 -8.59 -45.59 32.90
CA GLY B 226 -9.31 -45.04 31.77
C GLY B 226 -9.77 -46.03 30.73
N VAL B 227 -9.59 -47.33 30.98
N VAL B 227 -9.59 -47.34 30.97
CA VAL B 227 -10.04 -48.35 30.03
CA VAL B 227 -10.03 -48.34 30.01
C VAL B 227 -11.56 -48.39 30.02
C VAL B 227 -11.55 -48.41 30.01
N ARG B 228 -12.14 -48.35 28.82
CA ARG B 228 -13.59 -48.37 28.69
C ARG B 228 -14.16 -49.76 28.48
N ARG B 229 -13.39 -50.67 27.89
CA ARG B 229 -13.87 -52.02 27.64
C ARG B 229 -12.69 -52.97 27.54
N PHE B 230 -12.91 -54.21 27.98
CA PHE B 230 -11.85 -55.23 27.95
C PHE B 230 -12.54 -56.58 27.77
N ALA B 231 -12.33 -57.21 26.62
CA ALA B 231 -12.98 -58.46 26.28
C ALA B 231 -11.95 -59.56 26.04
N LEU B 232 -12.32 -60.79 26.41
CA LEU B 232 -11.46 -61.95 26.29
C LEU B 232 -12.26 -63.15 25.83
N ARG B 233 -11.74 -63.89 24.84
CA ARG B 233 -12.37 -65.12 24.38
C ARG B 233 -11.29 -66.09 23.94
N PRO B 234 -11.34 -67.34 24.38
CA PRO B 234 -10.30 -68.31 24.00
C PRO B 234 -10.60 -69.03 22.70
N VAL B 235 -9.52 -69.47 22.06
CA VAL B 235 -9.57 -70.36 20.90
C VAL B 235 -8.60 -71.50 21.18
N ILE B 236 -9.11 -72.71 21.34
CA ILE B 236 -8.31 -73.83 21.78
C ILE B 236 -8.09 -74.80 20.64
N GLY B 237 -6.96 -75.50 20.68
CA GLY B 237 -6.69 -76.55 19.72
C GLY B 237 -6.28 -76.09 18.34
N ILE B 238 -5.57 -74.98 18.22
CA ILE B 238 -5.13 -74.50 16.93
C ILE B 238 -3.96 -75.37 16.46
N ASP B 239 -3.82 -75.50 15.14
CA ASP B 239 -2.76 -76.31 14.57
C ASP B 239 -1.49 -75.49 14.44
N PRO B 240 -0.41 -75.86 15.14
CA PRO B 240 0.84 -75.08 15.01
C PRO B 240 1.43 -75.09 13.60
N ALA B 241 1.13 -76.12 12.81
CA ALA B 241 1.63 -76.21 11.44
C ALA B 241 0.77 -75.45 10.44
N ALA B 242 -0.41 -74.98 10.84
CA ALA B 242 -1.29 -74.27 9.92
C ALA B 242 -0.71 -72.92 9.52
N VAL B 243 -1.03 -72.50 8.31
CA VAL B 243 -0.62 -71.20 7.78
C VAL B 243 -1.84 -70.47 7.26
N SER B 244 -1.79 -69.14 7.29
CA SER B 244 -2.89 -68.35 6.82
C SER B 244 -3.10 -68.55 5.32
N PRO B 245 -4.33 -68.56 4.84
CA PRO B 245 -4.57 -68.69 3.40
C PRO B 245 -4.05 -67.48 2.65
N TRP B 246 -3.84 -67.67 1.35
CA TRP B 246 -3.19 -66.63 0.55
C TRP B 246 -4.04 -65.36 0.48
N TRP B 247 -5.36 -65.49 0.46
CA TRP B 247 -6.20 -64.30 0.40
C TRP B 247 -6.02 -63.43 1.64
N LEU B 248 -5.70 -64.04 2.77
CA LEU B 248 -5.49 -63.27 4.00
C LEU B 248 -4.09 -62.67 4.05
N GLN B 249 -3.07 -63.45 3.69
CA GLN B 249 -1.71 -62.91 3.67
C GLN B 249 -1.55 -61.83 2.63
N ARG B 250 -2.25 -61.94 1.50
CA ARG B 250 -2.14 -60.94 0.44
C ARG B 250 -2.71 -59.60 0.90
N ARG B 251 -3.90 -59.61 1.51
CA ARG B 251 -4.50 -58.37 1.99
C ARG B 251 -3.66 -57.74 3.09
N LEU B 252 -3.00 -58.54 3.91
CA LEU B 252 -2.06 -57.98 4.89
C LEU B 252 -0.86 -57.37 4.20
N LEU B 253 -0.32 -58.04 3.19
CA LEU B 253 0.84 -57.52 2.47
C LEU B 253 0.52 -56.20 1.79
N LEU B 254 -0.63 -56.14 1.09
CA LEU B 254 -1.02 -54.90 0.41
C LEU B 254 -1.34 -53.78 1.38
N CYS B 255 -1.71 -54.10 2.62
CA CYS B 255 -1.93 -53.10 3.65
C CYS B 255 -0.66 -52.73 4.41
N GLY B 256 0.47 -53.36 4.08
CA GLY B 256 1.72 -53.01 4.72
C GLY B 256 2.06 -53.81 5.96
N ILE B 257 1.53 -55.02 6.10
CA ILE B 257 1.77 -55.87 7.26
C ILE B 257 2.27 -57.22 6.76
N ARG B 258 3.31 -57.75 7.43
CA ARG B 258 3.86 -59.05 7.09
C ARG B 258 3.11 -60.15 7.83
N ALA B 259 2.90 -61.27 7.14
CA ALA B 259 2.26 -62.43 7.76
C ALA B 259 3.28 -63.23 8.55
N THR B 260 2.85 -63.75 9.69
CA THR B 260 3.72 -64.54 10.56
C THR B 260 3.10 -65.90 10.86
N CYS B 261 2.01 -65.90 11.60
CA CYS B 261 1.30 -67.12 11.96
C CYS B 261 -0.20 -66.82 11.94
N PRO B 262 -1.03 -67.85 11.77
CA PRO B 262 -2.49 -67.61 11.69
C PRO B 262 -3.05 -66.82 12.85
N ALA B 263 -2.56 -67.04 14.07
CA ALA B 263 -3.09 -66.33 15.23
C ALA B 263 -2.87 -64.83 15.13
N VAL B 264 -1.65 -64.42 14.79
CA VAL B 264 -1.35 -63.00 14.66
C VAL B 264 -1.91 -62.42 13.37
N ASP B 265 -1.92 -63.21 12.29
CA ASP B 265 -2.45 -62.72 11.02
C ASP B 265 -3.92 -62.34 11.13
N VAL B 266 -4.69 -63.11 11.90
CA VAL B 266 -6.12 -62.82 12.05
C VAL B 266 -6.32 -61.52 12.82
N THR B 267 -5.54 -61.32 13.88
CA THR B 267 -5.69 -60.11 14.68
C THR B 267 -5.37 -58.85 13.87
N ASN B 268 -4.33 -58.92 13.04
CA ASN B 268 -4.00 -57.77 12.20
C ASN B 268 -5.05 -57.59 11.10
N TYR B 269 -5.56 -58.68 10.54
CA TYR B 269 -6.55 -58.58 9.48
C TYR B 269 -7.84 -57.94 9.98
N VAL B 270 -8.32 -58.39 11.14
CA VAL B 270 -9.56 -57.84 11.68
C VAL B 270 -9.36 -56.39 12.13
N MET B 271 -8.17 -56.05 12.61
CA MET B 271 -7.87 -54.65 12.93
C MET B 271 -7.98 -53.78 11.69
N LEU B 272 -7.50 -54.26 10.55
CA LEU B 272 -7.63 -53.51 9.31
C LEU B 272 -9.06 -53.49 8.81
N GLU B 273 -9.84 -54.52 9.10
CA GLU B 273 -11.21 -54.60 8.60
C GLU B 273 -12.16 -53.73 9.41
N LEU B 274 -12.13 -53.87 10.73
CA LEU B 274 -13.10 -53.18 11.59
C LEU B 274 -12.55 -51.95 12.29
N GLY B 275 -11.22 -51.85 12.43
CA GLY B 275 -10.63 -50.72 13.14
C GLY B 275 -10.37 -50.96 14.61
N HIS B 276 -10.70 -52.15 15.12
CA HIS B 276 -10.45 -52.47 16.52
C HIS B 276 -9.17 -53.29 16.62
N PRO B 277 -8.10 -52.75 17.21
CA PRO B 277 -6.88 -53.54 17.35
C PRO B 277 -7.11 -54.78 18.21
N MET B 278 -6.49 -55.88 17.81
CA MET B 278 -6.64 -57.16 18.48
C MET B 278 -5.27 -57.74 18.77
N HIS B 279 -5.19 -58.56 19.82
CA HIS B 279 -3.95 -59.23 20.19
C HIS B 279 -4.27 -60.65 20.65
N ALA B 280 -3.37 -61.57 20.32
CA ALA B 280 -3.51 -62.98 20.66
C ALA B 280 -2.48 -63.34 21.73
N HIS B 281 -2.96 -63.78 22.88
CA HIS B 281 -2.10 -64.23 23.97
C HIS B 281 -2.08 -65.75 24.03
N ASP B 282 -0.90 -66.31 24.21
CA ASP B 282 -0.78 -67.75 24.50
C ASP B 282 -1.37 -67.99 25.88
N ARG B 283 -2.55 -68.62 25.93
CA ARG B 283 -3.22 -68.81 27.21
C ARG B 283 -2.45 -69.73 28.13
N ASN B 284 -1.70 -70.68 27.57
CA ASN B 284 -0.94 -71.61 28.40
C ASN B 284 0.23 -70.94 29.10
N ARG B 285 0.63 -69.75 28.65
CA ARG B 285 1.71 -69.00 29.29
C ARG B 285 1.18 -67.88 30.18
N ILE B 286 -0.13 -67.82 30.41
CA ILE B 286 -0.73 -66.87 31.33
C ILE B 286 -0.80 -67.52 32.70
N SER B 287 -0.29 -66.84 33.72
CA SER B 287 -0.18 -67.38 35.07
C SER B 287 -1.10 -66.60 35.99
N GLY B 288 -2.33 -67.09 36.16
CA GLY B 288 -3.24 -66.53 37.13
C GLY B 288 -4.17 -65.45 36.62
N THR B 289 -4.58 -64.56 37.51
CA THR B 289 -5.56 -63.53 37.19
C THR B 289 -4.92 -62.44 36.35
N LEU B 290 -5.54 -62.12 35.21
CA LEU B 290 -5.12 -60.99 34.40
C LEU B 290 -5.58 -59.69 35.05
N GLY B 291 -4.64 -58.77 35.23
CA GLY B 291 -4.92 -57.50 35.88
C GLY B 291 -4.59 -56.33 34.98
N VAL B 292 -5.47 -55.34 34.95
CA VAL B 292 -5.26 -54.10 34.22
C VAL B 292 -5.06 -53.00 35.26
N ARG B 293 -3.83 -52.49 35.36
CA ARG B 293 -3.50 -51.48 36.35
C ARG B 293 -2.45 -50.55 35.76
N PHE B 294 -2.14 -49.50 36.52
CA PHE B 294 -1.03 -48.63 36.15
C PHE B 294 0.30 -49.28 36.51
N ALA B 295 1.34 -48.90 35.78
CA ALA B 295 2.69 -49.37 36.09
C ALA B 295 3.25 -48.62 37.29
N ARG B 296 3.96 -49.34 38.15
CA ARG B 296 4.58 -48.70 39.29
C ARG B 296 5.88 -48.02 38.86
N SER B 297 6.42 -47.19 39.77
CA SER B 297 7.61 -46.42 39.46
C SER B 297 8.80 -47.34 39.22
N GLY B 298 9.53 -47.08 38.13
CA GLY B 298 10.68 -47.88 37.78
C GLY B 298 10.38 -49.28 37.30
N GLU B 299 9.11 -49.61 37.06
CA GLU B 299 8.77 -50.94 36.56
C GLU B 299 9.19 -51.07 35.11
N THR B 300 9.67 -52.25 34.74
CA THR B 300 10.10 -52.53 33.38
C THR B 300 9.27 -53.69 32.81
N ALA B 301 9.29 -53.79 31.48
CA ALA B 301 8.56 -54.86 30.80
C ALA B 301 9.22 -55.08 29.45
N VAL B 302 9.46 -56.36 29.12
CA VAL B 302 10.05 -56.73 27.84
C VAL B 302 8.89 -57.00 26.87
N THR B 303 8.74 -56.15 25.87
CA THR B 303 7.69 -56.35 24.87
C THR B 303 8.04 -57.53 23.98
N LEU B 304 7.09 -57.89 23.11
CA LEU B 304 7.23 -59.08 22.27
C LEU B 304 8.33 -58.95 21.23
N ASP B 305 8.99 -57.81 21.12
CA ASP B 305 10.14 -57.65 20.24
C ASP B 305 11.46 -57.93 20.95
N GLY B 306 11.43 -58.32 22.22
CA GLY B 306 12.65 -58.63 22.95
C GLY B 306 13.40 -57.44 23.48
N ILE B 307 12.75 -56.28 23.62
CA ILE B 307 13.38 -55.06 24.09
C ILE B 307 12.74 -54.67 25.42
N GLU B 308 13.57 -54.38 26.41
CA GLU B 308 13.08 -53.98 27.73
C GLU B 308 12.62 -52.54 27.70
N ARG B 309 11.41 -52.29 28.20
CA ARG B 309 10.80 -50.97 28.18
C ARG B 309 10.74 -50.41 29.60
N LYS B 310 11.24 -49.20 29.77
CA LYS B 310 11.14 -48.50 31.05
C LYS B 310 9.78 -47.81 31.13
N LEU B 311 8.96 -48.23 32.07
CA LEU B 311 7.57 -47.79 32.14
C LEU B 311 7.42 -46.58 33.06
N ASP B 312 6.28 -45.91 32.93
CA ASP B 312 5.93 -44.77 33.75
C ASP B 312 4.64 -45.07 34.51
N THR B 313 4.40 -44.30 35.57
CA THR B 313 3.19 -44.48 36.37
C THR B 313 1.91 -44.15 35.61
N ALA B 314 2.01 -43.48 34.46
CA ALA B 314 0.86 -43.19 33.63
C ALA B 314 0.61 -44.25 32.56
N ASP B 315 1.42 -45.31 32.54
CA ASP B 315 1.26 -46.38 31.56
C ASP B 315 0.31 -47.43 32.09
N VAL B 316 -0.64 -47.83 31.25
CA VAL B 316 -1.59 -48.88 31.60
C VAL B 316 -0.99 -50.23 31.21
N LEU B 317 -1.01 -51.18 32.14
CA LEU B 317 -0.39 -52.48 31.95
C LEU B 317 -1.43 -53.59 32.00
N ILE B 318 -1.10 -54.69 31.31
CA ILE B 318 -1.79 -55.96 31.49
C ILE B 318 -0.81 -56.90 32.17
N VAL B 319 -1.15 -57.35 33.38
CA VAL B 319 -0.26 -58.19 34.16
C VAL B 319 -1.02 -59.41 34.65
N ASP B 320 -0.27 -60.46 34.97
CA ASP B 320 -0.80 -61.62 35.67
C ASP B 320 -0.07 -61.79 36.99
N ASP B 321 -0.02 -63.01 37.51
CA ASP B 321 0.71 -63.25 38.75
C ASP B 321 2.22 -63.38 38.54
N ALA B 322 2.65 -63.62 37.30
CA ALA B 322 4.07 -63.85 37.01
C ALA B 322 4.77 -62.59 36.53
N ALA B 323 4.29 -61.99 35.44
CA ALA B 323 4.95 -60.84 34.85
C ALA B 323 3.93 -60.06 34.03
N THR B 324 4.38 -58.95 33.44
CA THR B 324 3.52 -58.13 32.62
C THR B 324 3.21 -58.84 31.30
N ALA B 325 1.93 -58.80 30.91
CA ALA B 325 1.49 -59.47 29.69
C ALA B 325 1.46 -58.56 28.49
N ALA B 326 1.31 -57.25 28.69
CA ALA B 326 1.21 -56.31 27.58
C ALA B 326 1.29 -54.90 28.11
N ILE B 327 1.67 -53.98 27.22
CA ILE B 327 1.56 -52.54 27.46
C ILE B 327 0.24 -52.09 26.84
N GLY B 328 -0.70 -51.70 27.70
CA GLY B 328 -2.06 -51.41 27.29
C GLY B 328 -2.22 -50.49 26.10
N GLY B 329 -2.55 -51.07 24.94
CA GLY B 329 -2.81 -50.31 23.75
C GLY B 329 -1.60 -50.00 22.89
N VAL B 330 -0.42 -50.51 23.26
CA VAL B 330 0.79 -50.23 22.49
C VAL B 330 1.31 -51.52 21.86
N MET B 331 1.78 -52.44 22.70
CA MET B 331 2.36 -53.68 22.21
C MET B 331 2.40 -54.70 23.33
N GLY B 332 2.12 -55.95 23.01
CA GLY B 332 2.14 -57.01 24.00
C GLY B 332 3.55 -57.37 24.41
N ALA B 333 3.64 -58.17 25.48
CA ALA B 333 4.91 -58.60 26.03
C ALA B 333 5.30 -59.96 25.49
N ALA B 334 6.57 -60.31 25.70
CA ALA B 334 7.11 -61.58 25.23
C ALA B 334 6.69 -62.77 26.09
N SER B 335 6.11 -62.52 27.25
N SER B 335 6.11 -62.52 27.26
CA SER B 335 5.71 -63.62 28.13
CA SER B 335 5.71 -63.62 28.13
C SER B 335 4.54 -64.40 27.55
C SER B 335 4.54 -64.40 27.53
N THR B 336 3.47 -63.70 27.16
CA THR B 336 2.28 -64.32 26.61
C THR B 336 2.23 -64.25 25.09
N GLU B 337 3.37 -63.99 24.45
CA GLU B 337 3.40 -63.90 22.99
C GLU B 337 3.16 -65.26 22.35
N VAL B 338 2.36 -65.27 21.29
CA VAL B 338 2.12 -66.50 20.54
C VAL B 338 3.41 -66.94 19.87
N ARG B 339 3.74 -68.22 20.01
CA ARG B 339 4.95 -68.80 19.45
C ARG B 339 4.58 -69.87 18.42
N ALA B 340 5.60 -70.56 17.91
CA ALA B 340 5.37 -71.58 16.90
C ALA B 340 4.70 -72.83 17.46
N ASP B 341 4.77 -73.04 18.77
CA ASP B 341 4.16 -74.20 19.41
C ASP B 341 2.88 -73.86 20.17
N SER B 342 2.33 -72.66 19.97
CA SER B 342 1.13 -72.25 20.68
C SER B 342 -0.07 -73.04 20.18
N THR B 343 -0.81 -73.66 21.11
CA THR B 343 -2.00 -74.43 20.79
C THR B 343 -3.29 -73.80 21.29
N ASP B 344 -3.23 -73.08 22.42
CA ASP B 344 -4.40 -72.44 23.00
C ASP B 344 -4.14 -70.94 23.05
N VAL B 345 -5.08 -70.16 22.53
CA VAL B 345 -4.91 -68.72 22.36
C VAL B 345 -6.08 -68.00 23.04
N LEU B 346 -5.76 -67.00 23.85
CA LEU B 346 -6.75 -66.13 24.46
C LEU B 346 -6.69 -64.79 23.74
N LEU B 347 -7.76 -64.44 23.03
CA LEU B 347 -7.80 -63.22 22.23
C LEU B 347 -8.24 -62.04 23.10
N GLU B 348 -7.57 -60.90 22.91
CA GLU B 348 -7.81 -59.70 23.70
C GLU B 348 -8.43 -58.63 22.81
N ALA B 349 -9.57 -58.10 23.27
CA ALA B 349 -10.26 -56.99 22.60
C ALA B 349 -10.53 -55.93 23.66
N ALA B 350 -9.75 -54.85 23.64
CA ALA B 350 -9.82 -53.83 24.68
C ALA B 350 -9.86 -52.44 24.06
N ILE B 351 -10.48 -51.52 24.79
CA ILE B 351 -10.58 -50.12 24.39
C ILE B 351 -9.85 -49.28 25.43
N TRP B 352 -8.70 -48.74 25.05
CA TRP B 352 -7.84 -48.00 25.97
C TRP B 352 -8.11 -46.51 25.88
N ASP B 353 -7.62 -45.79 26.88
CA ASP B 353 -7.75 -44.34 26.88
C ASP B 353 -6.88 -43.75 25.78
N PRO B 354 -7.43 -42.93 24.89
CA PRO B 354 -6.61 -42.37 23.80
C PRO B 354 -5.46 -41.51 24.29
N ALA B 355 -5.69 -40.70 25.33
CA ALA B 355 -4.63 -39.83 25.82
C ALA B 355 -3.54 -40.63 26.51
N ALA B 356 -3.91 -41.68 27.25
CA ALA B 356 -2.90 -42.49 27.93
C ALA B 356 -2.04 -43.25 26.94
N VAL B 357 -2.65 -43.79 25.88
CA VAL B 357 -1.88 -44.51 24.86
C VAL B 357 -0.95 -43.55 24.13
N SER B 358 -1.42 -42.33 23.84
CA SER B 358 -0.60 -41.37 23.13
C SER B 358 0.64 -40.99 23.93
N ARG B 359 0.49 -40.73 25.23
CA ARG B 359 1.64 -40.39 26.05
C ARG B 359 2.62 -41.55 26.15
N THR B 360 2.11 -42.78 26.23
CA THR B 360 2.99 -43.93 26.39
C THR B 360 3.73 -44.26 25.11
N GLN B 361 3.02 -44.30 23.98
CA GLN B 361 3.66 -44.64 22.71
C GLN B 361 4.64 -43.56 22.26
N ARG B 362 4.46 -42.31 22.70
CA ARG B 362 5.40 -41.25 22.35
C ARG B 362 6.62 -41.28 23.25
N ARG B 363 6.45 -41.62 24.53
N ARG B 363 6.45 -41.60 24.53
CA ARG B 363 7.59 -41.69 25.43
CA ARG B 363 7.59 -41.69 25.43
C ARG B 363 8.47 -42.89 25.12
C ARG B 363 8.48 -42.88 25.10
N LEU B 364 7.89 -43.98 24.64
CA LEU B 364 8.62 -45.19 24.30
C LEU B 364 8.96 -45.29 22.83
N HIS B 365 8.51 -44.33 22.01
CA HIS B 365 8.76 -44.32 20.56
C HIS B 365 8.26 -45.60 19.91
N LEU B 366 6.98 -45.92 20.14
CA LEU B 366 6.34 -47.12 19.60
C LEU B 366 5.06 -46.74 18.89
N PRO B 367 5.16 -46.22 17.67
CA PRO B 367 3.95 -45.90 16.88
C PRO B 367 3.42 -47.13 16.14
N SER B 368 2.92 -48.10 16.91
CA SER B 368 2.45 -49.35 16.33
C SER B 368 1.10 -49.14 15.63
N GLU B 369 0.70 -50.16 14.87
CA GLU B 369 -0.60 -50.13 14.21
C GLU B 369 -1.74 -50.00 15.23
N ALA B 370 -1.58 -50.61 16.41
CA ALA B 370 -2.60 -50.52 17.43
C ALA B 370 -2.56 -49.16 18.14
N ALA B 371 -1.35 -48.65 18.41
CA ALA B 371 -1.23 -47.41 19.17
C ALA B 371 -1.81 -46.24 18.40
N ARG B 372 -1.45 -46.09 17.12
CA ARG B 372 -1.93 -44.95 16.35
C ARG B 372 -3.41 -45.04 16.03
N ARG B 373 -4.07 -46.15 16.36
CA ARG B 373 -5.52 -46.26 16.26
C ARG B 373 -6.21 -45.98 17.58
N TYR B 374 -5.64 -46.41 18.70
CA TYR B 374 -6.25 -46.12 20.00
C TYR B 374 -6.17 -44.64 20.34
N GLU B 375 -5.04 -44.00 20.05
CA GLU B 375 -4.90 -42.57 20.34
C GLU B 375 -5.86 -41.72 19.51
N ARG B 376 -6.44 -42.29 18.46
CA ARG B 376 -7.47 -41.62 17.66
C ARG B 376 -8.87 -42.15 17.97
N THR B 377 -9.05 -42.78 19.13
CA THR B 377 -10.31 -43.34 19.61
C THR B 377 -10.80 -44.50 18.75
N VAL B 378 -10.98 -45.66 19.36
CA VAL B 378 -11.52 -46.84 18.69
C VAL B 378 -12.94 -47.06 19.19
N ASP B 379 -13.84 -47.41 18.27
CA ASP B 379 -15.26 -47.64 18.55
C ASP B 379 -15.43 -48.67 19.66
N PRO B 380 -15.88 -48.26 20.85
CA PRO B 380 -15.99 -49.21 21.97
C PRO B 380 -17.16 -50.16 21.87
N ALA B 381 -18.01 -50.03 20.84
CA ALA B 381 -19.19 -50.87 20.70
C ALA B 381 -18.94 -52.15 19.91
N ILE B 382 -17.82 -52.23 19.18
CA ILE B 382 -17.56 -53.37 18.31
C ILE B 382 -16.48 -54.29 18.89
N SER B 383 -16.19 -54.14 20.19
CA SER B 383 -15.12 -54.92 20.80
C SER B 383 -15.42 -56.42 20.76
N VAL B 384 -16.64 -56.80 21.17
CA VAL B 384 -17.02 -58.21 21.13
C VAL B 384 -17.20 -58.67 19.69
N ALA B 385 -17.76 -57.80 18.83
CA ALA B 385 -17.88 -58.13 17.42
C ALA B 385 -16.51 -58.41 16.80
N ALA B 386 -15.54 -57.53 17.06
CA ALA B 386 -14.18 -57.78 16.57
C ALA B 386 -13.58 -59.01 17.24
N LEU B 387 -13.97 -59.29 18.47
CA LEU B 387 -13.47 -60.48 19.17
C LEU B 387 -14.02 -61.76 18.54
N ASP B 388 -15.35 -61.81 18.34
CA ASP B 388 -15.95 -62.98 17.73
C ASP B 388 -15.48 -63.17 16.29
N ARG B 389 -15.29 -62.05 15.57
CA ARG B 389 -14.71 -62.14 14.23
C ARG B 389 -13.34 -62.79 14.26
N CYS B 390 -12.51 -62.44 15.25
N CYS B 390 -12.54 -62.47 15.28
CA CYS B 390 -11.17 -63.02 15.34
CA CYS B 390 -11.18 -63.00 15.37
C CYS B 390 -11.25 -64.50 15.70
C CYS B 390 -11.18 -64.47 15.77
N ALA B 391 -12.10 -64.87 16.65
CA ALA B 391 -12.16 -66.25 17.09
C ALA B 391 -12.64 -67.18 15.98
N ARG B 392 -13.77 -66.83 15.35
CA ARG B 392 -14.31 -67.68 14.29
C ARG B 392 -13.35 -67.79 13.11
N LEU B 393 -12.62 -66.72 12.81
CA LEU B 393 -11.68 -66.76 11.70
C LEU B 393 -10.45 -67.60 12.04
N LEU B 394 -9.92 -67.44 13.25
CA LEU B 394 -8.75 -68.22 13.66
C LEU B 394 -9.07 -69.70 13.77
N ALA B 395 -10.22 -70.03 14.37
CA ALA B 395 -10.59 -71.44 14.51
C ALA B 395 -10.80 -72.10 13.15
N ASP B 396 -11.20 -71.33 12.14
CA ASP B 396 -11.45 -71.90 10.83
C ASP B 396 -10.14 -72.21 10.11
N ILE B 397 -9.18 -71.28 10.18
N ILE B 397 -9.16 -71.30 10.19
CA ILE B 397 -7.92 -71.44 9.46
CA ILE B 397 -7.94 -71.49 9.42
C ILE B 397 -7.01 -72.42 10.20
C ILE B 397 -6.88 -72.30 10.17
N ALA B 398 -6.84 -72.22 11.50
CA ALA B 398 -5.89 -72.98 12.30
C ALA B 398 -6.46 -74.30 12.81
N GLY B 399 -7.63 -74.71 12.34
CA GLY B 399 -8.22 -75.96 12.77
C GLY B 399 -8.56 -76.02 14.25
N GLY B 400 -8.74 -74.87 14.89
CA GLY B 400 -9.05 -74.80 16.30
C GLY B 400 -10.54 -74.85 16.57
N GLU B 401 -10.90 -74.57 17.82
CA GLU B 401 -12.28 -74.60 18.25
C GLU B 401 -12.54 -73.42 19.18
N VAL B 402 -13.57 -72.64 18.88
CA VAL B 402 -13.88 -71.46 19.69
C VAL B 402 -14.50 -71.90 21.01
N SER B 403 -13.97 -71.38 22.11
N SER B 403 -13.97 -71.38 22.11
CA SER B 403 -14.55 -71.66 23.41
CA SER B 403 -14.55 -71.67 23.41
C SER B 403 -15.79 -70.80 23.63
C SER B 403 -15.79 -70.80 23.64
N PRO B 404 -16.86 -71.37 24.20
CA PRO B 404 -18.09 -70.59 24.38
C PRO B 404 -18.03 -69.60 25.53
N THR B 405 -16.86 -69.42 26.12
CA THR B 405 -16.71 -68.51 27.25
C THR B 405 -16.33 -67.12 26.77
N LEU B 406 -16.74 -66.11 27.54
CA LEU B 406 -16.47 -64.72 27.18
C LEU B 406 -16.43 -63.87 28.44
N THR B 407 -15.37 -63.10 28.59
CA THR B 407 -15.26 -62.06 29.61
C THR B 407 -15.37 -60.71 28.93
N ASP B 408 -16.31 -59.88 29.39
CA ASP B 408 -16.58 -58.58 28.77
C ASP B 408 -16.77 -57.54 29.86
N TRP B 409 -15.67 -56.96 30.32
CA TRP B 409 -15.72 -55.88 31.29
C TRP B 409 -16.01 -54.57 30.57
N ARG B 410 -17.16 -53.96 30.88
CA ARG B 410 -17.61 -52.75 30.20
C ARG B 410 -17.72 -51.57 31.16
N GLY B 411 -17.00 -51.59 32.27
CA GLY B 411 -17.02 -50.52 33.23
C GLY B 411 -17.78 -50.89 34.49
N ASP B 412 -17.68 -50.01 35.48
CA ASP B 412 -18.38 -50.16 36.76
C ASP B 412 -19.17 -48.88 37.03
N PRO B 413 -20.50 -48.90 36.84
CA PRO B 413 -21.35 -50.03 36.42
C PRO B 413 -21.18 -50.37 34.93
N PRO B 414 -21.58 -51.57 34.51
CA PRO B 414 -21.40 -51.95 33.11
C PRO B 414 -22.20 -51.06 32.18
N CYS B 415 -21.53 -50.58 31.13
CA CYS B 415 -22.14 -49.70 30.15
C CYS B 415 -22.68 -50.54 28.98
N ASP B 416 -24.00 -50.48 28.78
CA ASP B 416 -24.66 -51.22 27.70
C ASP B 416 -25.07 -50.31 26.55
N ASP B 417 -24.70 -49.03 26.58
CA ASP B 417 -25.06 -48.09 25.52
C ASP B 417 -23.94 -47.06 25.41
N TRP B 418 -23.16 -47.14 24.33
CA TRP B 418 -22.02 -46.26 24.12
C TRP B 418 -22.37 -45.02 23.31
N SER B 419 -23.62 -44.57 23.37
CA SER B 419 -24.03 -43.43 22.56
C SER B 419 -23.48 -42.13 23.15
N PRO B 420 -22.80 -41.31 22.36
CA PRO B 420 -22.36 -39.99 22.84
C PRO B 420 -23.55 -39.11 23.19
N PRO B 421 -23.33 -38.00 23.89
CA PRO B 421 -24.44 -37.13 24.26
C PRO B 421 -25.11 -36.52 23.03
N PRO B 422 -26.43 -36.34 23.06
CA PRO B 422 -27.12 -35.75 21.92
C PRO B 422 -26.76 -34.29 21.73
N ILE B 423 -26.91 -33.82 20.49
CA ILE B 423 -26.56 -32.46 20.11
C ILE B 423 -27.81 -31.80 19.54
N ARG B 424 -28.12 -30.60 20.04
CA ARG B 424 -29.24 -29.81 19.54
C ARG B 424 -28.72 -28.77 18.55
N MET B 425 -29.32 -28.74 17.36
CA MET B 425 -28.89 -27.82 16.32
C MET B 425 -30.09 -27.46 15.46
N GLY B 426 -30.17 -26.19 15.05
CA GLY B 426 -31.21 -25.77 14.15
C GLY B 426 -31.08 -26.42 12.78
N VAL B 427 -32.23 -26.67 12.15
CA VAL B 427 -32.24 -27.39 10.88
C VAL B 427 -31.57 -26.58 9.77
N ASP B 428 -31.51 -25.26 9.89
CA ASP B 428 -30.93 -24.40 8.87
C ASP B 428 -29.53 -23.91 9.24
N VAL B 429 -28.93 -24.45 10.31
CA VAL B 429 -27.59 -24.04 10.70
C VAL B 429 -26.55 -24.37 9.63
N PRO B 430 -26.52 -25.59 9.07
CA PRO B 430 -25.57 -25.82 7.96
C PRO B 430 -25.81 -24.93 6.76
N ASP B 431 -27.06 -24.54 6.51
CA ASP B 431 -27.35 -23.64 5.39
C ASP B 431 -26.75 -22.26 5.63
N ARG B 432 -26.78 -21.79 6.87
CA ARG B 432 -26.27 -20.45 7.17
C ARG B 432 -24.75 -20.41 7.08
N ILE B 433 -24.06 -21.42 7.61
CA ILE B 433 -22.61 -21.43 7.58
C ILE B 433 -22.10 -21.64 6.17
N ALA B 434 -22.81 -22.44 5.36
CA ALA B 434 -22.38 -22.68 3.99
C ALA B 434 -22.80 -21.59 3.03
N GLY B 435 -23.75 -20.74 3.42
CA GLY B 435 -24.28 -19.76 2.49
C GLY B 435 -25.08 -20.34 1.36
N VAL B 436 -25.49 -21.60 1.47
CA VAL B 436 -26.25 -22.29 0.44
C VAL B 436 -27.58 -22.73 1.03
N ALA B 437 -28.65 -22.58 0.25
CA ALA B 437 -29.97 -23.06 0.64
C ALA B 437 -30.08 -24.51 0.19
N TYR B 438 -29.68 -25.42 1.06
CA TYR B 438 -29.77 -26.84 0.74
C TYR B 438 -31.24 -27.26 0.62
N PRO B 439 -31.52 -28.30 -0.18
CA PRO B 439 -32.89 -28.80 -0.28
C PRO B 439 -33.44 -29.25 1.07
N GLN B 440 -34.76 -29.41 1.12
CA GLN B 440 -35.42 -29.81 2.35
C GLN B 440 -34.94 -31.17 2.82
N GLY B 441 -34.63 -31.28 4.11
CA GLY B 441 -34.19 -32.53 4.68
C GLY B 441 -32.76 -32.91 4.40
N THR B 442 -31.96 -32.00 3.84
CA THR B 442 -30.58 -32.33 3.50
C THR B 442 -29.75 -32.55 4.77
N THR B 443 -29.91 -31.68 5.77
CA THR B 443 -29.12 -31.82 7.00
C THR B 443 -29.46 -33.11 7.73
N ALA B 444 -30.76 -33.42 7.85
CA ALA B 444 -31.16 -34.63 8.55
C ALA B 444 -30.70 -35.89 7.81
N ARG B 445 -30.77 -35.87 6.48
CA ARG B 445 -30.39 -37.06 5.71
C ARG B 445 -28.90 -37.34 5.81
N ARG B 446 -28.07 -36.30 5.68
CA ARG B 446 -26.62 -36.49 5.74
C ARG B 446 -26.17 -36.91 7.14
N LEU B 447 -26.79 -36.34 8.17
CA LEU B 447 -26.43 -36.73 9.53
C LEU B 447 -26.88 -38.16 9.84
N ALA B 448 -27.94 -38.63 9.19
CA ALA B 448 -28.35 -40.02 9.36
C ALA B 448 -27.44 -40.97 8.58
N GLN B 449 -26.84 -40.50 7.50
CA GLN B 449 -25.94 -41.36 6.72
C GLN B 449 -24.68 -41.71 7.51
N ILE B 450 -24.15 -40.75 8.28
CA ILE B 450 -22.89 -40.95 8.98
C ILE B 450 -23.12 -41.76 10.25
N GLY B 451 -24.35 -42.23 10.45
CA GLY B 451 -24.66 -43.13 11.54
C GLY B 451 -25.34 -42.52 12.74
N ALA B 452 -25.72 -41.25 12.68
CA ALA B 452 -26.37 -40.60 13.81
C ALA B 452 -27.89 -40.72 13.70
N VAL B 453 -28.55 -40.69 14.84
CA VAL B 453 -30.00 -40.70 14.93
C VAL B 453 -30.49 -39.27 15.11
N VAL B 454 -31.40 -38.84 14.25
CA VAL B 454 -31.88 -37.46 14.21
C VAL B 454 -33.38 -37.46 14.50
N THR B 455 -33.80 -36.62 15.43
CA THR B 455 -35.21 -36.43 15.76
C THR B 455 -35.57 -34.96 15.52
N HIS B 456 -36.79 -34.74 15.03
CA HIS B 456 -37.25 -33.40 14.68
C HIS B 456 -38.12 -32.84 15.79
N ASP B 457 -37.81 -31.63 16.24
CA ASP B 457 -38.59 -30.91 17.25
C ASP B 457 -38.95 -29.54 16.67
N GLY B 458 -39.76 -29.55 15.61
CA GLY B 458 -40.13 -28.33 14.92
C GLY B 458 -39.05 -27.86 13.97
N ASP B 459 -38.28 -26.85 14.37
CA ASP B 459 -37.18 -26.34 13.59
C ASP B 459 -35.82 -26.73 14.14
N THR B 460 -35.78 -27.41 15.29
CA THR B 460 -34.53 -27.79 15.94
C THR B 460 -34.34 -29.30 15.81
N LEU B 461 -33.13 -29.71 15.46
CA LEU B 461 -32.77 -31.11 15.35
C LEU B 461 -32.06 -31.55 16.62
N THR B 462 -32.33 -32.78 17.05
CA THR B 462 -31.62 -33.42 18.16
C THR B 462 -30.83 -34.58 17.58
N VAL B 463 -29.52 -34.39 17.46
CA VAL B 463 -28.64 -35.33 16.77
C VAL B 463 -27.79 -36.06 17.82
N THR B 464 -27.80 -37.38 17.76
CA THR B 464 -26.95 -38.21 18.62
C THR B 464 -25.95 -38.94 17.73
N PRO B 465 -24.68 -38.56 17.74
CA PRO B 465 -23.70 -39.18 16.85
C PRO B 465 -23.48 -40.64 17.20
N PRO B 466 -23.00 -41.45 16.26
CA PRO B 466 -22.73 -42.86 16.56
C PRO B 466 -21.48 -43.00 17.43
N SER B 467 -21.33 -44.21 17.98
CA SER B 467 -20.23 -44.47 18.91
C SER B 467 -18.86 -44.35 18.24
N TRP B 468 -18.77 -44.52 16.93
CA TRP B 468 -17.50 -44.44 16.22
C TRP B 468 -17.18 -43.03 15.74
N ARG B 469 -17.92 -42.02 16.18
CA ARG B 469 -17.69 -40.64 15.78
C ARG B 469 -17.63 -39.75 17.01
N PRO B 470 -16.59 -39.90 17.85
CA PRO B 470 -16.44 -39.02 19.01
C PRO B 470 -15.98 -37.62 18.66
N ASP B 471 -15.67 -37.34 17.39
CA ASP B 471 -15.32 -36.00 16.95
C ASP B 471 -16.54 -35.08 16.84
N LEU B 472 -17.75 -35.63 16.88
CA LEU B 472 -18.98 -34.85 16.71
C LEU B 472 -19.51 -34.51 18.11
N ARG B 473 -19.12 -33.32 18.59
CA ARG B 473 -19.55 -32.85 19.90
C ARG B 473 -20.40 -31.60 19.86
N GLN B 474 -20.15 -30.69 18.91
CA GLN B 474 -20.84 -29.41 18.81
C GLN B 474 -21.54 -29.30 17.46
N PRO B 475 -22.50 -28.37 17.33
CA PRO B 475 -23.17 -28.22 16.03
C PRO B 475 -22.24 -27.94 14.88
N ALA B 476 -21.11 -27.27 15.12
CA ALA B 476 -20.15 -27.02 14.05
C ALA B 476 -19.60 -28.34 13.51
N ASP B 477 -19.39 -29.32 14.38
CA ASP B 477 -18.92 -30.63 13.93
C ASP B 477 -19.94 -31.29 13.00
N LEU B 478 -21.23 -31.06 13.25
CA LEU B 478 -22.26 -31.60 12.37
C LEU B 478 -22.34 -30.81 11.06
N VAL B 479 -22.07 -29.50 11.12
CA VAL B 479 -22.10 -28.68 9.91
C VAL B 479 -21.05 -29.17 8.92
N GLU B 480 -19.86 -29.54 9.41
CA GLU B 480 -18.82 -30.05 8.51
C GLU B 480 -19.26 -31.33 7.83
N GLU B 481 -20.05 -32.16 8.51
CA GLU B 481 -20.50 -33.41 7.91
C GLU B 481 -21.44 -33.17 6.74
N VAL B 482 -22.35 -32.19 6.87
CA VAL B 482 -23.27 -31.89 5.78
C VAL B 482 -22.55 -31.20 4.65
N LEU B 483 -21.68 -30.24 4.97
CA LEU B 483 -21.00 -29.47 3.94
C LEU B 483 -20.04 -30.34 3.13
N ARG B 484 -19.35 -31.28 3.79
CA ARG B 484 -18.39 -32.11 3.06
C ARG B 484 -19.08 -33.17 2.22
N LEU B 485 -20.25 -33.65 2.65
CA LEU B 485 -20.96 -34.64 1.86
C LEU B 485 -21.77 -34.02 0.74
N GLU B 486 -22.21 -32.76 0.91
CA GLU B 486 -22.86 -32.04 -0.17
C GLU B 486 -21.86 -31.43 -1.15
N GLY B 487 -20.56 -31.47 -0.84
CA GLY B 487 -19.56 -30.92 -1.72
C GLY B 487 -19.31 -29.45 -1.47
N LEU B 488 -18.07 -29.08 -1.13
CA LEU B 488 -17.74 -27.68 -0.91
C LEU B 488 -17.74 -26.87 -2.19
N GLU B 489 -17.83 -27.50 -3.36
CA GLU B 489 -17.87 -26.77 -4.62
C GLU B 489 -19.19 -26.05 -4.84
N VAL B 490 -20.25 -26.44 -4.12
CA VAL B 490 -21.54 -25.77 -4.27
C VAL B 490 -21.63 -24.48 -3.48
N ILE B 491 -20.63 -24.18 -2.65
CA ILE B 491 -20.61 -22.96 -1.85
C ILE B 491 -20.25 -21.79 -2.76
N PRO B 492 -21.07 -20.75 -2.85
CA PRO B 492 -20.79 -19.65 -3.78
C PRO B 492 -19.64 -18.78 -3.30
N SER B 493 -19.25 -17.82 -4.12
CA SER B 493 -18.13 -16.93 -3.82
C SER B 493 -18.66 -15.50 -3.73
N VAL B 494 -18.85 -15.02 -2.51
CA VAL B 494 -19.30 -13.66 -2.26
C VAL B 494 -18.30 -12.97 -1.35
N LEU B 495 -18.04 -11.70 -1.60
CA LEU B 495 -17.07 -10.96 -0.82
C LEU B 495 -17.69 -10.47 0.48
N PRO B 496 -16.96 -10.56 1.59
CA PRO B 496 -17.51 -10.15 2.89
C PRO B 496 -17.62 -8.64 2.99
N PRO B 497 -18.50 -8.13 3.85
CA PRO B 497 -18.63 -6.66 4.02
C PRO B 497 -17.63 -6.10 5.03
N ALA B 498 -16.38 -5.99 4.60
CA ALA B 498 -15.34 -5.47 5.47
C ALA B 498 -15.51 -3.97 5.65
N PRO B 499 -15.34 -3.46 6.87
CA PRO B 499 -15.47 -2.02 7.11
C PRO B 499 -14.26 -1.26 6.59
N ALA B 500 -14.35 0.06 6.67
CA ALA B 500 -13.26 0.93 6.25
C ALA B 500 -12.08 0.76 7.19
N GLY B 501 -10.91 0.43 6.63
CA GLY B 501 -9.73 0.20 7.41
C GLY B 501 -8.82 1.42 7.50
N ARG B 502 -7.79 1.30 8.33
CA ARG B 502 -6.84 2.38 8.56
C ARG B 502 -5.54 2.20 7.78
N GLY B 503 -5.40 1.09 7.05
CA GLY B 503 -4.20 0.87 6.27
C GLY B 503 -3.00 0.48 7.12
N LEU B 504 -1.83 0.75 6.56
CA LEU B 504 -0.58 0.42 7.24
C LEU B 504 -0.34 1.35 8.42
N THR B 505 0.17 0.79 9.51
CA THR B 505 0.61 1.60 10.63
C THR B 505 1.88 2.36 10.27
N ALA B 506 2.25 3.30 11.14
CA ALA B 506 3.47 4.07 10.90
C ALA B 506 4.71 3.18 10.91
N GLY B 507 4.71 2.17 11.79
CA GLY B 507 5.85 1.26 11.84
C GLY B 507 5.94 0.39 10.60
N GLN B 508 4.79 -0.12 10.13
CA GLN B 508 4.79 -0.92 8.90
C GLN B 508 5.17 -0.06 7.71
N GLN B 509 4.71 1.19 7.68
CA GLN B 509 5.06 2.09 6.58
C GLN B 509 6.54 2.41 6.58
N ARG B 510 7.13 2.60 7.77
CA ARG B 510 8.55 2.92 7.87
C ARG B 510 9.42 1.74 7.46
N ARG B 511 9.00 0.52 7.81
CA ARG B 511 9.77 -0.65 7.45
C ARG B 511 9.88 -0.81 5.94
N ARG B 512 8.83 -0.43 5.20
CA ARG B 512 8.92 -0.45 3.74
C ARG B 512 9.91 0.60 3.25
N THR B 513 9.83 1.81 3.80
CA THR B 513 10.69 2.90 3.35
C THR B 513 12.16 2.61 3.62
N ILE B 514 12.45 1.99 4.77
CA ILE B 514 13.83 1.62 5.08
C ILE B 514 14.32 0.56 4.11
N GLY B 515 13.48 -0.41 3.77
CA GLY B 515 13.87 -1.44 2.82
C GLY B 515 14.09 -0.89 1.42
N ARG B 516 13.22 0.04 0.99
CA ARG B 516 13.39 0.65 -0.33
C ARG B 516 14.67 1.47 -0.40
N SER B 517 14.94 2.27 0.63
CA SER B 517 16.09 3.15 0.61
C SER B 517 17.40 2.37 0.61
N LEU B 518 17.49 1.31 1.42
CA LEU B 518 18.70 0.49 1.43
C LEU B 518 18.88 -0.25 0.11
N ALA B 519 17.79 -0.77 -0.45
CA ALA B 519 17.89 -1.45 -1.73
C ALA B 519 18.33 -0.51 -2.84
N LEU B 520 17.75 0.69 -2.88
CA LEU B 520 18.14 1.68 -3.88
C LEU B 520 19.54 2.24 -3.63
N SER B 521 20.08 2.05 -2.43
CA SER B 521 21.43 2.50 -2.11
C SER B 521 22.48 1.43 -2.35
N GLY B 522 22.08 0.23 -2.73
CA GLY B 522 23.02 -0.82 -3.09
C GLY B 522 22.99 -2.05 -2.21
N TYR B 523 22.11 -2.14 -1.21
CA TYR B 523 22.09 -3.27 -0.30
C TYR B 523 21.11 -4.34 -0.77
N VAL B 524 21.44 -5.59 -0.47
CA VAL B 524 20.64 -6.74 -0.88
C VAL B 524 20.01 -7.35 0.37
N GLU B 525 18.69 -7.47 0.36
CA GLU B 525 17.96 -7.98 1.52
C GLU B 525 18.06 -9.49 1.60
N ILE B 526 18.25 -10.00 2.82
CA ILE B 526 18.27 -11.43 3.08
C ILE B 526 17.28 -11.73 4.20
N LEU B 527 16.93 -13.01 4.34
CA LEU B 527 16.07 -13.45 5.43
C LEU B 527 16.95 -14.04 6.52
N PRO B 528 17.14 -13.37 7.65
CA PRO B 528 18.07 -13.87 8.67
C PRO B 528 17.45 -15.01 9.46
N THR B 529 18.28 -16.02 9.73
CA THR B 529 17.81 -17.14 10.53
C THR B 529 17.91 -16.82 12.01
N PRO B 530 16.88 -17.14 12.80
CA PRO B 530 16.94 -16.83 14.24
C PRO B 530 17.94 -17.68 15.01
N PHE B 531 18.40 -18.79 14.45
CA PHE B 531 19.33 -19.67 15.15
C PHE B 531 20.75 -19.15 14.98
N LEU B 532 21.42 -18.91 16.10
CA LEU B 532 22.78 -18.39 16.08
C LEU B 532 23.79 -19.49 15.72
N PRO B 533 24.87 -19.13 15.03
CA PRO B 533 25.94 -20.10 14.78
C PRO B 533 26.60 -20.54 16.09
N ALA B 534 27.26 -21.69 16.04
CA ALA B 534 27.88 -22.26 17.21
C ALA B 534 29.07 -21.41 17.65
N GLY B 535 29.04 -20.97 18.90
CA GLY B 535 30.16 -20.23 19.48
C GLY B 535 30.49 -18.93 18.77
N VAL B 536 29.48 -18.28 18.17
CA VAL B 536 29.75 -17.04 17.45
C VAL B 536 30.18 -15.93 18.41
N PHE B 537 29.63 -15.92 19.62
CA PHE B 537 30.02 -14.90 20.60
C PHE B 537 31.44 -15.14 21.11
N ASP B 538 31.89 -16.40 21.15
CA ASP B 538 33.29 -16.67 21.47
C ASP B 538 34.20 -16.22 20.34
N LEU B 539 33.72 -16.28 19.09
CA LEU B 539 34.49 -15.72 17.98
C LEU B 539 34.54 -14.20 18.08
N TRP B 540 33.45 -13.57 18.52
CA TRP B 540 33.43 -12.12 18.68
C TRP B 540 34.25 -11.66 19.87
N GLY B 541 34.60 -12.58 20.78
CA GLY B 541 35.33 -12.18 21.96
C GLY B 541 34.50 -11.46 23.00
N LEU B 542 33.18 -11.65 23.00
CA LEU B 542 32.31 -10.97 23.95
C LEU B 542 32.60 -11.45 25.37
N GLU B 543 32.38 -10.56 26.33
CA GLU B 543 32.56 -10.92 27.73
C GLU B 543 31.49 -11.91 28.16
N ALA B 544 31.76 -12.59 29.28
CA ALA B 544 30.84 -13.61 29.77
C ALA B 544 29.50 -13.02 30.19
N ASP B 545 29.48 -11.75 30.60
CA ASP B 545 28.26 -11.09 31.05
C ASP B 545 27.64 -10.22 29.98
N ASP B 546 28.06 -10.35 28.73
CA ASP B 546 27.49 -9.55 27.65
C ASP B 546 26.02 -9.90 27.47
N SER B 547 25.18 -8.86 27.34
CA SER B 547 23.74 -9.07 27.28
C SER B 547 23.35 -9.91 26.07
N ARG B 548 24.13 -9.85 25.00
CA ARG B 548 23.83 -10.64 23.81
C ARG B 548 23.98 -12.14 24.05
N ARG B 549 24.75 -12.53 25.07
CA ARG B 549 24.90 -13.96 25.37
C ARG B 549 23.66 -14.52 26.05
N MET B 550 22.87 -13.67 26.72
CA MET B 550 21.65 -14.10 27.41
C MET B 550 20.60 -14.40 26.34
N THR B 551 20.65 -15.61 25.82
CA THR B 551 19.82 -16.04 24.70
C THR B 551 18.71 -16.95 25.16
N THR B 552 17.77 -17.17 24.24
CA THR B 552 16.71 -18.16 24.40
C THR B 552 17.06 -19.39 23.58
N ARG B 553 17.02 -20.56 24.22
CA ARG B 553 17.47 -21.80 23.61
C ARG B 553 16.28 -22.67 23.24
N VAL B 554 16.39 -23.34 22.09
CA VAL B 554 15.35 -24.25 21.61
C VAL B 554 15.70 -25.66 22.06
N LEU B 555 14.71 -26.36 22.61
CA LEU B 555 14.94 -27.68 23.18
C LEU B 555 15.29 -28.70 22.09
N ASN B 556 14.59 -28.67 20.97
CA ASN B 556 14.78 -29.63 19.88
C ASN B 556 15.07 -28.90 18.57
N PRO B 557 16.28 -28.38 18.42
CA PRO B 557 16.65 -27.73 17.15
C PRO B 557 17.03 -28.76 16.10
N LEU B 558 17.04 -28.31 14.85
CA LEU B 558 17.49 -29.18 13.76
C LEU B 558 18.97 -29.50 13.89
N GLU B 559 19.77 -28.53 14.32
CA GLU B 559 21.19 -28.72 14.58
C GLU B 559 21.43 -28.53 16.07
N ALA B 560 21.97 -29.56 16.72
CA ALA B 560 22.16 -29.51 18.17
C ALA B 560 23.16 -28.44 18.57
N ASP B 561 24.10 -28.09 17.69
CA ASP B 561 25.08 -27.06 17.98
C ASP B 561 24.55 -25.65 17.73
N ARG B 562 23.28 -25.50 17.36
CA ARG B 562 22.65 -24.19 17.15
C ARG B 562 21.31 -24.15 17.87
N PRO B 563 21.30 -24.11 19.20
CA PRO B 563 20.02 -24.10 19.92
C PRO B 563 19.55 -22.69 20.29
N GLN B 564 20.47 -21.75 20.36
CA GLN B 564 20.16 -20.42 20.87
C GLN B 564 19.51 -19.56 19.81
N LEU B 565 18.58 -18.71 20.24
CA LEU B 565 17.92 -17.76 19.35
C LEU B 565 18.72 -16.46 19.28
N ALA B 566 18.50 -15.71 18.21
CA ALA B 566 19.34 -14.56 17.88
C ALA B 566 18.98 -13.36 18.75
N THR B 567 19.96 -12.85 19.49
CA THR B 567 19.84 -11.57 20.17
C THR B 567 20.27 -10.41 19.27
N THR B 568 20.88 -10.71 18.13
CA THR B 568 21.34 -9.69 17.19
C THR B 568 21.27 -10.28 15.79
N LEU B 569 21.06 -9.41 14.80
CA LEU B 569 20.91 -9.85 13.41
C LEU B 569 22.24 -10.03 12.70
N LEU B 570 23.35 -9.61 13.30
CA LEU B 570 24.66 -9.65 12.64
C LEU B 570 25.15 -11.06 12.33
N PRO B 571 25.04 -12.04 13.25
CA PRO B 571 25.55 -13.38 12.91
C PRO B 571 24.92 -13.99 11.66
N ALA B 572 23.61 -13.79 11.46
CA ALA B 572 22.97 -14.31 10.26
C ALA B 572 23.44 -13.56 9.02
N LEU B 573 23.63 -12.26 9.13
CA LEU B 573 24.14 -11.48 8.00
C LEU B 573 25.57 -11.86 7.66
N LEU B 574 26.42 -12.03 8.69
CA LEU B 574 27.81 -12.41 8.44
C LEU B 574 27.91 -13.80 7.84
N GLU B 575 27.04 -14.72 8.28
CA GLU B 575 27.02 -16.05 7.67
C GLU B 575 26.60 -15.98 6.21
N ALA B 576 25.62 -15.13 5.89
CA ALA B 576 25.25 -14.92 4.50
C ALA B 576 26.33 -14.17 3.74
N LEU B 577 27.07 -13.30 4.42
N LEU B 577 27.06 -13.29 4.42
CA LEU B 577 28.17 -12.60 3.75
CA LEU B 577 28.18 -12.60 3.78
C LEU B 577 29.32 -13.55 3.41
C LEU B 577 29.28 -13.57 3.40
N VAL B 578 29.56 -14.56 4.26
CA VAL B 578 30.60 -15.53 3.97
C VAL B 578 30.19 -16.40 2.78
N ARG B 579 28.91 -16.74 2.69
CA ARG B 579 28.44 -17.57 1.58
C ARG B 579 28.64 -16.87 0.24
N ASN B 580 28.28 -15.59 0.17
CA ASN B 580 28.45 -14.85 -1.08
C ASN B 580 29.92 -14.73 -1.46
N VAL B 581 30.77 -14.32 -0.50
CA VAL B 581 32.18 -14.12 -0.79
C VAL B 581 32.85 -15.44 -1.14
N SER B 582 32.53 -16.51 -0.41
CA SER B 582 33.15 -17.80 -0.66
C SER B 582 32.80 -18.38 -2.02
N ARG B 583 31.85 -17.78 -2.74
CA ARG B 583 31.38 -18.31 -4.01
C ARG B 583 31.64 -17.33 -5.16
N GLY B 584 32.62 -16.45 -5.00
CA GLY B 584 33.02 -15.55 -6.05
C GLY B 584 32.37 -14.19 -6.04
N LEU B 585 31.45 -13.94 -5.11
CA LEU B 585 30.78 -12.63 -5.01
C LEU B 585 31.42 -11.87 -3.86
N VAL B 586 32.56 -11.25 -4.15
CA VAL B 586 33.38 -10.64 -3.11
C VAL B 586 32.97 -9.22 -2.76
N ASP B 587 32.26 -8.52 -3.64
CA ASP B 587 31.82 -7.15 -3.41
C ASP B 587 30.31 -7.20 -3.18
N VAL B 588 29.90 -7.16 -1.92
CA VAL B 588 28.51 -7.40 -1.56
C VAL B 588 28.15 -6.54 -0.36
N ALA B 589 26.91 -6.04 -0.35
CA ALA B 589 26.35 -5.30 0.77
C ALA B 589 24.98 -5.90 1.08
N LEU B 590 24.84 -6.49 2.26
CA LEU B 590 23.63 -7.17 2.67
C LEU B 590 22.94 -6.41 3.79
N PHE B 591 21.62 -6.55 3.87
CA PHE B 591 20.87 -5.97 4.97
C PHE B 591 19.68 -6.86 5.29
N ALA B 592 19.14 -6.67 6.50
CA ALA B 592 18.01 -7.46 6.96
C ALA B 592 17.21 -6.64 7.96
N ILE B 593 15.89 -6.89 7.97
CA ILE B 593 14.98 -6.27 8.91
C ILE B 593 14.16 -7.39 9.54
N ALA B 594 14.44 -7.70 10.80
CA ALA B 594 13.74 -8.78 11.49
C ALA B 594 13.81 -8.51 12.99
N GLN B 595 13.17 -9.39 13.76
CA GLN B 595 13.16 -9.28 15.20
C GLN B 595 14.29 -10.09 15.81
N VAL B 596 14.63 -9.76 17.05
CA VAL B 596 15.58 -10.53 17.85
C VAL B 596 14.85 -11.05 19.08
N VAL B 597 15.53 -11.92 19.83
CA VAL B 597 14.97 -12.52 21.04
C VAL B 597 15.92 -12.16 22.18
N GLN B 598 15.52 -11.20 23.01
CA GLN B 598 16.35 -10.70 24.12
C GLN B 598 15.60 -10.95 25.43
N PRO B 599 15.80 -12.09 26.07
CA PRO B 599 15.11 -12.36 27.33
C PRO B 599 15.67 -11.52 28.47
N THR B 600 14.82 -11.31 29.49
CA THR B 600 15.19 -10.56 30.67
C THR B 600 15.26 -11.44 31.92
N GLU B 601 14.96 -12.74 31.80
CA GLU B 601 14.99 -13.66 32.93
C GLU B 601 15.14 -15.07 32.38
N GLN B 602 15.16 -16.04 33.28
CA GLN B 602 15.18 -17.44 32.87
C GLN B 602 13.82 -17.82 32.27
N THR B 603 13.83 -18.90 31.48
CA THR B 603 12.63 -19.37 30.81
C THR B 603 11.55 -19.74 31.82
N ARG B 604 10.56 -18.87 32.00
CA ARG B 604 9.47 -19.08 32.94
C ARG B 604 8.16 -19.18 32.18
N GLY B 605 7.41 -20.27 32.42
CA GLY B 605 6.15 -20.48 31.75
C GLY B 605 4.96 -20.08 32.62
N VAL B 606 3.79 -20.07 31.98
CA VAL B 606 2.53 -19.75 32.64
C VAL B 606 1.61 -20.94 32.52
N GLY B 607 0.91 -21.25 33.60
CA GLY B 607 0.03 -22.40 33.63
C GLY B 607 -1.10 -22.29 32.62
N LEU B 608 -1.82 -23.40 32.48
CA LEU B 608 -2.91 -23.48 31.51
C LEU B 608 -4.10 -22.65 31.97
N ILE B 609 -4.49 -21.67 31.15
CA ILE B 609 -5.66 -20.85 31.42
C ILE B 609 -6.87 -21.55 30.82
N PRO B 610 -7.98 -21.68 31.56
CA PRO B 610 -9.16 -22.37 31.01
C PRO B 610 -9.68 -21.68 29.76
N VAL B 611 -9.78 -22.45 28.66
CA VAL B 611 -10.21 -21.90 27.38
C VAL B 611 -11.72 -21.81 27.26
N ASP B 612 -12.46 -22.14 28.30
CA ASP B 612 -13.92 -22.00 28.30
C ASP B 612 -14.38 -20.57 28.52
N ARG B 613 -13.46 -19.63 28.72
CA ARG B 613 -13.78 -18.24 28.97
C ARG B 613 -12.71 -17.36 28.32
N ARG B 614 -12.85 -16.05 28.51
CA ARG B 614 -11.86 -15.11 28.01
C ARG B 614 -10.82 -14.84 29.09
N PRO B 615 -9.52 -14.88 28.76
CA PRO B 615 -8.51 -14.53 29.75
C PRO B 615 -8.62 -13.06 30.14
N THR B 616 -8.53 -12.80 31.43
CA THR B 616 -8.61 -11.43 31.92
C THR B 616 -7.41 -10.62 31.43
N ASP B 617 -7.56 -9.29 31.50
CA ASP B 617 -6.47 -8.42 31.04
C ASP B 617 -5.20 -8.62 31.85
N ASP B 618 -5.33 -8.97 33.12
CA ASP B 618 -4.14 -9.26 33.93
C ASP B 618 -3.49 -10.55 33.50
N GLU B 619 -4.29 -11.56 33.13
CA GLU B 619 -3.72 -12.81 32.62
C GLU B 619 -3.08 -12.63 31.25
N ILE B 620 -3.62 -11.72 30.44
CA ILE B 620 -3.00 -11.42 29.15
C ILE B 620 -1.67 -10.69 29.37
N ALA B 621 -1.64 -9.76 30.33
CA ALA B 621 -0.39 -9.07 30.66
C ALA B 621 0.63 -10.01 31.26
N MET B 622 0.17 -11.05 31.97
CA MET B 622 1.09 -12.03 32.53
C MET B 622 1.72 -12.89 31.44
N LEU B 623 0.93 -13.25 30.41
CA LEU B 623 1.47 -14.03 29.31
C LEU B 623 2.47 -13.24 28.48
N ASP B 624 2.30 -11.91 28.40
CA ASP B 624 3.24 -11.08 27.68
C ASP B 624 4.53 -10.87 28.46
N ALA B 625 4.42 -10.74 29.79
CA ALA B 625 5.61 -10.54 30.61
C ALA B 625 6.48 -11.79 30.65
N SER B 626 5.89 -12.98 30.48
CA SER B 626 6.65 -14.22 30.47
C SER B 626 7.40 -14.45 29.17
N LEU B 627 7.12 -13.66 28.13
CA LEU B 627 7.82 -13.81 26.86
C LEU B 627 9.02 -12.87 26.80
N PRO B 628 10.10 -13.30 26.16
CA PRO B 628 11.27 -12.42 26.01
C PRO B 628 10.94 -11.23 25.12
N ARG B 629 11.72 -10.16 25.31
CA ARG B 629 11.55 -8.96 24.51
C ARG B 629 11.98 -9.22 23.07
N GLN B 630 11.11 -8.85 22.12
CA GLN B 630 11.33 -9.14 20.71
C GLN B 630 11.13 -7.87 19.89
N PRO B 631 12.11 -6.97 19.90
CA PRO B 631 12.01 -5.73 19.13
C PRO B 631 12.48 -5.90 17.70
N GLN B 632 12.02 -4.98 16.85
CA GLN B 632 12.41 -4.97 15.45
C GLN B 632 13.80 -4.38 15.29
N HIS B 633 14.66 -5.09 14.57
CA HIS B 633 16.02 -4.64 14.31
C HIS B 633 16.25 -4.50 12.81
N VAL B 634 17.08 -3.53 12.45
CA VAL B 634 17.60 -3.39 11.10
C VAL B 634 19.12 -3.44 11.17
N ALA B 635 19.74 -4.18 10.26
CA ALA B 635 21.17 -4.36 10.29
C ALA B 635 21.68 -4.57 8.87
N ALA B 636 22.98 -4.35 8.70
CA ALA B 636 23.61 -4.48 7.39
C ALA B 636 25.08 -4.81 7.55
N VAL B 637 25.64 -5.46 6.54
CA VAL B 637 27.06 -5.82 6.50
C VAL B 637 27.60 -5.51 5.11
N LEU B 638 28.87 -5.12 5.05
CA LEU B 638 29.51 -4.72 3.81
C LEU B 638 30.92 -5.30 3.73
N ALA B 639 31.33 -5.67 2.52
CA ALA B 639 32.68 -6.18 2.30
C ALA B 639 33.03 -6.01 0.83
N GLY B 640 34.33 -6.03 0.55
CA GLY B 640 34.79 -5.90 -0.82
C GLY B 640 34.74 -4.46 -1.28
N LEU B 641 34.39 -4.28 -2.55
CA LEU B 641 34.25 -2.94 -3.13
C LEU B 641 32.88 -2.39 -2.81
N ARG B 642 32.83 -1.18 -2.26
CA ARG B 642 31.55 -0.49 -2.08
C ARG B 642 31.07 0.09 -3.41
N GLU B 643 31.95 0.74 -4.14
CA GLU B 643 31.67 1.23 -5.48
C GLU B 643 32.46 0.40 -6.49
N PRO B 644 31.81 -0.20 -7.47
CA PRO B 644 32.52 -1.09 -8.39
C PRO B 644 33.45 -0.30 -9.32
N ARG B 645 34.37 -1.04 -9.94
CA ARG B 645 35.25 -0.42 -10.92
C ARG B 645 34.53 -0.31 -12.25
N GLY B 646 35.00 0.63 -13.07
CA GLY B 646 34.45 0.87 -14.38
C GLY B 646 35.32 1.82 -15.18
N PRO B 647 34.74 2.44 -16.21
CA PRO B 647 35.49 3.46 -16.96
C PRO B 647 35.83 4.69 -16.14
N TRP B 648 35.22 4.86 -14.96
CA TRP B 648 35.54 5.99 -14.10
C TRP B 648 36.81 5.77 -13.30
N GLY B 649 37.11 4.54 -12.91
CA GLY B 649 38.29 4.23 -12.14
C GLY B 649 38.26 2.83 -11.56
N PRO B 650 39.17 2.56 -10.63
CA PRO B 650 39.26 1.22 -10.02
C PRO B 650 38.26 0.95 -8.91
N GLY B 651 37.30 1.85 -8.68
CA GLY B 651 36.35 1.65 -7.61
C GLY B 651 36.93 2.05 -6.26
N ARG B 652 36.08 1.91 -5.24
CA ARG B 652 36.45 2.30 -3.87
C ARG B 652 36.12 1.16 -2.93
N PRO B 653 37.10 0.63 -2.19
CA PRO B 653 36.81 -0.44 -1.22
C PRO B 653 35.90 0.05 -0.10
N VAL B 654 35.27 -0.92 0.57
CA VAL B 654 34.37 -0.61 1.68
C VAL B 654 35.18 -0.05 2.84
N GLU B 655 34.70 1.06 3.42
CA GLU B 655 35.29 1.66 4.60
C GLU B 655 34.22 1.88 5.64
N ALA B 656 34.65 2.29 6.84
CA ALA B 656 33.71 2.50 7.94
C ALA B 656 32.69 3.59 7.63
N ALA B 657 33.08 4.58 6.82
CA ALA B 657 32.13 5.64 6.47
C ALA B 657 30.92 5.10 5.72
N ASP B 658 31.11 4.02 4.94
CA ASP B 658 29.97 3.40 4.25
C ASP B 658 28.95 2.86 5.24
N ALA B 659 29.42 2.29 6.35
CA ALA B 659 28.51 1.84 7.38
C ALA B 659 27.86 3.01 8.10
N PHE B 660 28.62 4.10 8.30
CA PHE B 660 28.05 5.31 8.88
C PHE B 660 26.98 5.89 7.96
N GLU B 661 27.22 5.85 6.65
CA GLU B 661 26.23 6.33 5.70
C GLU B 661 24.98 5.46 5.69
N ALA B 662 25.14 4.15 5.92
CA ALA B 662 23.98 3.28 6.04
C ALA B 662 23.08 3.72 7.20
N VAL B 663 23.68 4.26 8.26
CA VAL B 663 22.89 4.80 9.37
C VAL B 663 22.07 5.99 8.90
N ARG B 664 22.69 6.91 8.18
CA ARG B 664 21.99 8.11 7.74
C ARG B 664 20.93 7.79 6.69
N ILE B 665 21.12 6.71 5.93
CA ILE B 665 20.08 6.27 5.01
C ILE B 665 18.86 5.77 5.78
N ILE B 666 19.09 4.96 6.82
CA ILE B 666 18.00 4.47 7.65
C ILE B 666 17.36 5.63 8.41
N ALA B 667 18.17 6.61 8.83
CA ALA B 667 17.64 7.76 9.55
C ALA B 667 16.75 8.61 8.66
N ARG B 668 17.24 8.96 7.46
CA ARG B 668 16.42 9.75 6.54
C ARG B 668 15.15 9.02 6.14
N ALA B 669 15.24 7.69 5.98
CA ALA B 669 14.05 6.92 5.66
C ALA B 669 13.06 6.91 6.83
N SER B 670 13.56 7.04 8.06
CA SER B 670 12.71 7.12 9.23
C SER B 670 12.33 8.54 9.59
N ARG B 671 12.86 9.54 8.88
CA ARG B 671 12.56 10.95 9.13
C ARG B 671 12.91 11.35 10.57
N VAL B 672 14.03 10.82 11.07
CA VAL B 672 14.55 11.17 12.38
C VAL B 672 15.98 11.68 12.21
N ASP B 673 16.41 12.48 13.19
CA ASP B 673 17.78 12.98 13.22
C ASP B 673 18.59 12.13 14.19
N VAL B 674 19.72 11.61 13.71
CA VAL B 674 20.59 10.77 14.51
C VAL B 674 21.94 11.46 14.66
N THR B 675 22.65 11.08 15.73
CA THR B 675 24.01 11.53 15.97
C THR B 675 24.89 10.32 16.18
N LEU B 676 26.12 10.39 15.69
CA LEU B 676 27.10 9.31 15.80
C LEU B 676 28.19 9.73 16.77
N ARG B 677 28.54 8.84 17.69
CA ARG B 677 29.56 9.12 18.70
C ARG B 677 30.53 7.96 18.79
N PRO B 678 31.81 8.24 19.00
CA PRO B 678 32.79 7.15 19.11
C PRO B 678 32.47 6.22 20.27
N ALA B 679 32.59 4.92 20.02
CA ALA B 679 32.26 3.92 21.03
C ALA B 679 33.16 2.70 20.85
N GLN B 680 33.36 1.98 21.95
CA GLN B 680 34.08 0.72 21.96
C GLN B 680 33.06 -0.38 22.24
N TYR B 681 32.67 -1.10 21.19
CA TYR B 681 31.60 -2.08 21.30
C TYR B 681 31.89 -3.21 20.32
N LEU B 682 32.29 -4.37 20.84
CA LEU B 682 32.54 -5.52 19.99
C LEU B 682 31.26 -5.94 19.29
N PRO B 683 31.37 -6.55 18.10
CA PRO B 683 32.59 -6.95 17.38
C PRO B 683 33.18 -5.86 16.49
N TRP B 684 32.87 -4.59 16.74
CA TRP B 684 33.36 -3.52 15.90
C TRP B 684 34.80 -3.15 16.27
N HIS B 685 35.48 -2.52 15.32
CA HIS B 685 36.81 -1.96 15.55
C HIS B 685 36.69 -0.81 16.53
N PRO B 686 37.41 -0.81 17.66
CA PRO B 686 37.20 0.24 18.66
C PRO B 686 37.55 1.64 18.17
N GLY B 687 38.47 1.76 17.21
CA GLY B 687 38.81 3.05 16.65
C GLY B 687 37.97 3.46 15.45
N ARG B 688 37.12 2.56 14.96
CA ARG B 688 36.27 2.83 13.81
C ARG B 688 34.84 2.39 14.08
N CYS B 689 34.34 2.69 15.28
CA CYS B 689 33.00 2.30 15.69
C CYS B 689 32.26 3.52 16.22
N ALA B 690 31.03 3.70 15.73
CA ALA B 690 30.17 4.79 16.17
C ALA B 690 28.93 4.22 16.82
N GLN B 691 28.47 4.88 17.88
CA GLN B 691 27.20 4.56 18.53
C GLN B 691 26.15 5.55 18.06
N VAL B 692 25.03 5.05 17.57
CA VAL B 692 23.99 5.88 16.98
C VAL B 692 22.98 6.26 18.06
N PHE B 693 22.65 7.54 18.12
CA PHE B 693 21.71 8.07 19.11
C PHE B 693 20.60 8.82 18.40
N VAL B 694 19.37 8.67 18.90
CA VAL B 694 18.24 9.50 18.50
C VAL B 694 17.94 10.40 19.70
N GLY B 695 18.41 11.64 19.64
CA GLY B 695 18.31 12.52 20.77
C GLY B 695 19.33 12.16 21.84
N GLU B 696 18.89 11.39 22.84
CA GLU B 696 19.79 10.88 23.87
C GLU B 696 19.63 9.38 24.09
N SER B 697 18.81 8.71 23.29
CA SER B 697 18.59 7.28 23.41
C SER B 697 19.48 6.55 22.42
N SER B 698 20.21 5.55 22.90
CA SER B 698 21.07 4.74 22.04
C SER B 698 20.22 3.75 21.26
N VAL B 699 20.46 3.67 19.95
CA VAL B 699 19.68 2.79 19.08
C VAL B 699 20.53 1.76 18.36
N GLY B 700 21.84 1.84 18.42
CA GLY B 700 22.67 0.82 17.79
C GLY B 700 24.10 1.31 17.60
N HIS B 701 24.82 0.60 16.75
CA HIS B 701 26.22 0.88 16.45
C HIS B 701 26.48 0.68 14.97
N ALA B 702 27.64 1.15 14.52
CA ALA B 702 28.05 1.02 13.13
C ALA B 702 29.54 1.27 13.01
N GLY B 703 30.13 0.75 11.95
CA GLY B 703 31.52 0.98 11.64
C GLY B 703 32.16 -0.26 11.06
N GLN B 704 33.48 -0.33 11.18
CA GLN B 704 34.26 -1.47 10.72
C GLN B 704 34.42 -2.48 11.83
N LEU B 705 34.37 -3.76 11.48
CA LEU B 705 34.49 -4.82 12.47
C LEU B 705 35.93 -4.93 12.98
N HIS B 706 36.06 -5.49 14.17
CA HIS B 706 37.37 -5.66 14.78
C HIS B 706 38.23 -6.58 13.92
N PRO B 707 39.51 -6.25 13.70
CA PRO B 707 40.35 -7.12 12.86
C PRO B 707 40.55 -8.52 13.43
N ALA B 708 40.55 -8.66 14.75
CA ALA B 708 40.67 -9.99 15.35
C ALA B 708 39.40 -10.80 15.13
N VAL B 709 38.24 -10.17 15.27
CA VAL B 709 36.97 -10.86 15.01
C VAL B 709 36.91 -11.30 13.55
N ILE B 710 37.46 -10.49 12.65
CA ILE B 710 37.48 -10.85 11.23
C ILE B 710 38.33 -12.09 11.01
N GLU B 711 39.48 -12.17 11.68
CA GLU B 711 40.36 -13.33 11.51
C GLU B 711 39.71 -14.59 12.07
N ARG B 712 39.16 -14.51 13.28
CA ARG B 712 38.59 -15.69 13.92
C ARG B 712 37.30 -16.16 13.25
N SER B 713 36.60 -15.29 12.54
CA SER B 713 35.34 -15.63 11.90
C SER B 713 35.48 -15.97 10.42
N GLY B 714 36.68 -15.84 9.86
CA GLY B 714 36.85 -16.09 8.44
C GLY B 714 36.19 -15.07 7.54
N LEU B 715 36.06 -13.84 8.01
CA LEU B 715 35.43 -12.76 7.27
C LEU B 715 36.44 -12.06 6.37
N PRO B 716 35.99 -11.36 5.34
CA PRO B 716 36.90 -10.55 4.53
C PRO B 716 37.45 -9.39 5.36
N LYS B 717 38.69 -9.01 5.03
CA LYS B 717 39.31 -7.88 5.72
C LYS B 717 38.53 -6.60 5.45
N GLY B 718 38.54 -5.70 6.43
CA GLY B 718 37.82 -4.45 6.31
C GLY B 718 36.32 -4.58 6.32
N THR B 719 35.78 -5.73 6.73
CA THR B 719 34.34 -5.92 6.78
C THR B 719 33.70 -4.92 7.74
N CYS B 720 32.65 -4.25 7.27
CA CYS B 720 31.92 -3.28 8.07
C CYS B 720 30.50 -3.79 8.34
N ALA B 721 29.91 -3.28 9.42
CA ALA B 721 28.59 -3.72 9.82
C ALA B 721 27.87 -2.58 10.55
N VAL B 722 26.55 -2.69 10.59
CA VAL B 722 25.70 -1.74 11.30
C VAL B 722 24.48 -2.50 11.81
N GLU B 723 24.03 -2.14 13.01
CA GLU B 723 22.80 -2.70 13.55
C GLU B 723 22.10 -1.64 14.37
N LEU B 724 20.80 -1.46 14.13
CA LEU B 724 20.00 -0.48 14.84
C LEU B 724 18.73 -1.14 15.35
N ASN B 725 18.25 -0.65 16.50
CA ASN B 725 17.01 -1.10 17.09
C ASN B 725 15.90 -0.14 16.65
N LEU B 726 15.03 -0.61 15.76
CA LEU B 726 13.98 0.25 15.23
C LEU B 726 12.94 0.61 16.29
N ASP B 727 12.72 -0.26 17.27
CA ASP B 727 11.77 0.06 18.34
C ASP B 727 12.28 1.22 19.19
N ALA B 728 13.59 1.37 19.34
CA ALA B 728 14.15 2.48 20.09
C ALA B 728 14.11 3.79 19.30
N ILE B 729 13.68 3.76 18.05
CA ILE B 729 13.55 4.95 17.21
C ILE B 729 12.08 5.35 17.18
N PRO B 730 11.70 6.50 17.75
CA PRO B 730 10.28 6.87 17.75
C PRO B 730 9.81 7.26 16.36
N CYS B 731 8.59 6.84 16.03
CA CYS B 731 7.99 7.20 14.75
C CYS B 731 7.63 8.68 14.77
N SER B 732 8.20 9.43 13.82
CA SER B 732 8.01 10.87 13.75
C SER B 732 7.11 11.22 12.57
N ALA B 733 6.32 12.27 12.75
CA ALA B 733 5.46 12.81 11.70
C ALA B 733 5.65 14.32 11.67
N PRO B 734 6.76 14.79 11.10
CA PRO B 734 7.04 16.23 11.11
C PRO B 734 6.14 16.98 10.14
N LEU B 735 5.89 18.25 10.47
CA LEU B 735 5.10 19.15 9.65
C LEU B 735 5.92 20.42 9.42
N PRO B 736 6.83 20.40 8.45
CA PRO B 736 7.66 21.57 8.19
C PRO B 736 6.85 22.71 7.60
N ALA B 737 7.34 23.94 7.83
CA ALA B 737 6.74 25.14 7.28
C ALA B 737 7.85 26.08 6.82
N PRO B 738 8.48 25.77 5.70
CA PRO B 738 9.63 26.57 5.27
C PRO B 738 9.22 27.97 4.84
N ARG B 739 10.11 28.92 5.08
CA ARG B 739 9.94 30.31 4.68
C ARG B 739 11.06 30.64 3.69
N VAL B 740 10.76 30.52 2.40
CA VAL B 740 11.77 30.74 1.37
C VAL B 740 12.06 32.24 1.30
N SER B 741 13.28 32.64 1.65
CA SER B 741 13.64 34.05 1.64
C SER B 741 14.02 34.48 0.22
N PRO B 742 13.44 35.58 -0.27
CA PRO B 742 13.78 36.05 -1.62
C PRO B 742 15.06 36.86 -1.69
N TYR B 743 15.75 37.07 -0.58
CA TYR B 743 16.93 37.92 -0.51
C TYR B 743 18.19 37.09 -0.76
N PRO B 744 19.23 37.70 -1.32
CA PRO B 744 20.44 36.93 -1.65
C PRO B 744 21.16 36.44 -0.41
N ALA B 745 22.03 35.46 -0.63
CA ALA B 745 22.82 34.86 0.43
C ALA B 745 24.24 35.43 0.43
N VAL B 746 24.98 35.07 1.48
CA VAL B 746 26.39 35.43 1.60
C VAL B 746 27.20 34.15 1.79
N PHE B 747 28.25 34.00 1.00
CA PHE B 747 29.10 32.80 1.03
C PHE B 747 30.42 33.14 1.71
N GLN B 748 30.75 32.41 2.77
CA GLN B 748 32.02 32.57 3.46
C GLN B 748 32.51 31.20 3.91
N ASP B 749 33.83 31.08 4.07
CA ASP B 749 34.47 29.86 4.54
C ASP B 749 35.29 30.17 5.78
N VAL B 750 35.23 29.28 6.76
CA VAL B 750 35.94 29.44 8.02
C VAL B 750 36.81 28.20 8.24
N SER B 751 38.09 28.42 8.52
N SER B 751 38.08 28.42 8.53
CA SER B 751 39.04 27.35 8.78
CA SER B 751 39.04 27.34 8.77
C SER B 751 39.40 27.36 10.26
C SER B 751 39.42 27.35 10.25
N LEU B 752 39.10 26.26 10.95
CA LEU B 752 39.34 26.13 12.38
C LEU B 752 40.30 24.98 12.64
N VAL B 753 41.23 25.18 13.56
CA VAL B 753 42.21 24.17 13.95
C VAL B 753 41.82 23.63 15.32
N VAL B 754 41.60 22.31 15.38
CA VAL B 754 41.20 21.64 16.61
C VAL B 754 42.11 20.45 16.83
N ALA B 755 42.00 19.86 18.02
CA ALA B 755 42.71 18.62 18.30
C ALA B 755 42.16 17.49 17.45
N ALA B 756 43.01 16.48 17.20
CA ALA B 756 42.63 15.40 16.30
C ALA B 756 41.44 14.61 16.81
N ASP B 757 41.27 14.53 18.14
CA ASP B 757 40.19 13.74 18.72
C ASP B 757 38.84 14.45 18.67
N ILE B 758 38.80 15.73 18.30
CA ILE B 758 37.55 16.48 18.24
C ILE B 758 36.74 16.01 17.03
N PRO B 759 35.50 15.54 17.22
CA PRO B 759 34.69 15.14 16.07
C PRO B 759 34.32 16.35 15.22
N ALA B 760 34.28 16.13 13.90
CA ALA B 760 33.97 17.22 12.99
C ALA B 760 32.54 17.71 13.16
N GLN B 761 31.63 16.86 13.63
CA GLN B 761 30.26 17.29 13.86
C GLN B 761 30.17 18.20 15.09
N ALA B 762 31.02 17.98 16.10
CA ALA B 762 31.03 18.85 17.26
C ALA B 762 31.46 20.27 16.88
N VAL B 763 32.40 20.39 15.95
CA VAL B 763 32.79 21.71 15.48
C VAL B 763 31.65 22.35 14.70
N ALA B 764 31.00 21.58 13.83
CA ALA B 764 29.88 22.11 13.06
C ALA B 764 28.72 22.51 13.98
N ASP B 765 28.47 21.73 15.02
CA ASP B 765 27.41 22.09 15.96
C ASP B 765 27.75 23.35 16.74
N ALA B 766 29.03 23.57 17.03
CA ALA B 766 29.43 24.79 17.71
C ALA B 766 29.34 25.99 16.79
N VAL B 767 29.66 25.82 15.51
CA VAL B 767 29.56 26.91 14.54
C VAL B 767 28.11 27.33 14.35
N ARG B 768 27.20 26.35 14.24
CA ARG B 768 25.78 26.67 14.11
C ARG B 768 25.24 27.35 15.35
N ALA B 769 25.68 26.90 16.53
CA ALA B 769 25.19 27.49 17.78
C ALA B 769 25.62 28.95 17.93
N GLY B 770 26.74 29.32 17.34
CA GLY B 770 27.23 30.68 17.44
C GLY B 770 26.79 31.56 16.29
N ALA B 771 26.58 30.97 15.11
CA ALA B 771 26.21 31.77 13.94
C ALA B 771 24.81 32.34 14.08
N GLY B 772 23.89 31.59 14.67
CA GLY B 772 22.54 32.08 14.88
C GLY B 772 21.61 31.72 13.73
N ASP B 773 20.51 32.48 13.64
CA ASP B 773 19.48 32.19 12.65
C ASP B 773 19.91 32.59 11.24
N LEU B 774 20.91 33.46 11.10
CA LEU B 774 21.36 33.86 9.77
C LEU B 774 22.03 32.71 9.01
N LEU B 775 22.56 31.72 9.72
CA LEU B 775 23.22 30.60 9.07
C LEU B 775 22.18 29.72 8.39
N GLU B 776 22.19 29.71 7.05
CA GLU B 776 21.27 28.89 6.30
C GLU B 776 21.82 27.48 6.03
N ASP B 777 23.13 27.35 5.84
CA ASP B 777 23.73 26.07 5.53
C ASP B 777 25.19 26.07 5.97
N ILE B 778 25.65 24.91 6.40
CA ILE B 778 27.05 24.70 6.77
C ILE B 778 27.47 23.32 6.26
N ALA B 779 28.67 23.25 5.68
CA ALA B 779 29.14 22.01 5.09
C ALA B 779 30.66 21.94 5.20
N LEU B 780 31.15 20.81 5.73
CA LEU B 780 32.58 20.57 5.81
C LEU B 780 33.11 20.11 4.45
N PHE B 781 34.22 20.70 4.01
CA PHE B 781 34.81 20.29 2.74
C PHE B 781 36.33 20.20 2.79
N ASP B 782 36.95 20.27 3.96
CA ASP B 782 38.41 20.13 4.03
C ASP B 782 38.80 19.67 5.43
N VAL B 783 39.64 18.63 5.48
CA VAL B 783 40.25 18.15 6.73
C VAL B 783 41.74 18.05 6.45
N PHE B 784 42.51 19.02 6.94
CA PHE B 784 43.93 19.13 6.63
C PHE B 784 44.76 18.83 7.87
N THR B 785 45.70 17.89 7.73
CA THR B 785 46.58 17.48 8.81
C THR B 785 48.04 17.66 8.43
N GLY B 786 48.37 18.78 7.79
CA GLY B 786 49.72 19.06 7.39
C GLY B 786 50.65 19.30 8.56
N PRO B 787 51.95 19.38 8.29
CA PRO B 787 52.91 19.61 9.38
C PRO B 787 52.83 21.01 9.96
N GLN B 788 52.38 22.00 9.19
CA GLN B 788 52.21 23.34 9.73
C GLN B 788 51.01 23.46 10.65
N ILE B 789 50.23 22.39 10.81
CA ILE B 789 49.10 22.39 11.73
C ILE B 789 49.53 22.00 13.13
N GLY B 790 50.44 21.04 13.25
CA GLY B 790 50.90 20.55 14.52
C GLY B 790 50.50 19.11 14.74
N GLU B 791 51.28 18.41 15.56
CA GLU B 791 51.00 17.01 15.84
C GLU B 791 49.68 16.86 16.59
N HIS B 792 48.93 15.82 16.22
CA HIS B 792 47.65 15.49 16.86
C HIS B 792 46.65 16.64 16.74
N ARG B 793 46.80 17.47 15.71
CA ARG B 793 45.88 18.57 15.45
C ARG B 793 45.49 18.54 13.98
N LYS B 794 44.27 19.00 13.70
CA LYS B 794 43.74 19.00 12.35
C LYS B 794 43.03 20.32 12.09
N SER B 795 43.00 20.72 10.83
CA SER B 795 42.31 21.93 10.40
C SER B 795 41.05 21.54 9.66
N LEU B 796 39.94 22.19 10.00
CA LEU B 796 38.65 21.94 9.37
C LEU B 796 38.15 23.23 8.73
N THR B 797 37.76 23.15 7.47
CA THR B 797 37.23 24.30 6.74
C THR B 797 35.79 24.02 6.36
N PHE B 798 34.89 24.92 6.75
CA PHE B 798 33.47 24.78 6.52
C PHE B 798 32.98 25.86 5.56
N ALA B 799 32.10 25.47 4.64
CA ALA B 799 31.44 26.42 3.75
C ALA B 799 30.17 26.91 4.43
N LEU B 800 30.07 28.22 4.61
CA LEU B 800 28.94 28.83 5.29
C LEU B 800 28.08 29.61 4.30
N ARG B 801 26.78 29.58 4.50
CA ARG B 801 25.82 30.31 3.67
C ARG B 801 24.88 31.07 4.58
N PHE B 802 25.03 32.39 4.63
CA PHE B 802 24.19 33.25 5.45
C PHE B 802 23.12 33.91 4.58
N ARG B 803 21.91 34.00 5.12
CA ARG B 803 20.82 34.64 4.41
C ARG B 803 19.81 35.17 5.41
N ALA B 804 19.43 36.44 5.26
CA ALA B 804 18.42 37.04 6.12
C ALA B 804 17.03 36.85 5.51
N PRO B 805 16.00 36.71 6.33
CA PRO B 805 14.65 36.50 5.80
C PRO B 805 13.93 37.79 5.39
N ASP B 806 14.47 38.96 5.73
CA ASP B 806 13.75 40.20 5.48
C ASP B 806 14.64 41.33 4.98
N ARG B 807 15.90 41.09 4.67
CA ARG B 807 16.81 42.14 4.26
C ARG B 807 17.97 41.54 3.49
N THR B 808 18.80 42.43 2.94
CA THR B 808 20.03 42.03 2.27
C THR B 808 21.20 42.30 3.22
N LEU B 809 21.97 41.25 3.51
CA LEU B 809 23.06 41.36 4.46
C LEU B 809 24.26 42.05 3.82
N THR B 810 25.09 42.64 4.66
CA THR B 810 26.42 43.12 4.27
C THR B 810 27.46 42.08 4.64
N GLU B 811 28.67 42.26 4.11
CA GLU B 811 29.76 41.35 4.46
C GLU B 811 30.08 41.43 5.94
N ASP B 812 29.91 42.60 6.55
CA ASP B 812 30.12 42.74 7.99
C ASP B 812 29.05 42.01 8.77
N ASP B 813 27.81 42.02 8.28
CA ASP B 813 26.74 41.29 8.96
C ASP B 813 27.04 39.79 9.01
N ALA B 814 27.48 39.23 7.88
CA ALA B 814 27.83 37.82 7.86
C ALA B 814 29.10 37.55 8.66
N SER B 815 30.09 38.45 8.56
CA SER B 815 31.30 38.29 9.34
C SER B 815 31.04 38.36 10.84
N ALA B 816 30.06 39.18 11.25
CA ALA B 816 29.69 39.22 12.65
C ALA B 816 29.11 37.88 13.11
N ALA B 817 28.31 37.24 12.25
CA ALA B 817 27.80 35.91 12.56
C ALA B 817 28.91 34.86 12.49
N ARG B 818 29.85 35.02 11.55
CA ARG B 818 30.98 34.10 11.49
C ARG B 818 31.86 34.22 12.73
N ASP B 819 32.16 35.45 13.15
CA ASP B 819 32.99 35.63 14.34
C ASP B 819 32.31 35.06 15.58
N ALA B 820 31.00 35.28 15.73
CA ALA B 820 30.26 34.67 16.83
C ALA B 820 30.31 33.15 16.75
N ALA B 821 30.30 32.60 15.54
CA ALA B 821 30.46 31.16 15.39
C ALA B 821 31.87 30.72 15.73
N VAL B 822 32.87 31.54 15.40
CA VAL B 822 34.26 31.21 15.73
C VAL B 822 34.45 31.17 17.24
N GLN B 823 33.87 32.14 17.95
CA GLN B 823 33.99 32.16 19.41
C GLN B 823 33.29 30.96 20.04
N SER B 824 32.16 30.56 19.47
CA SER B 824 31.45 29.40 20.00
C SER B 824 32.28 28.13 19.85
N ALA B 825 33.00 28.00 18.73
CA ALA B 825 33.85 26.83 18.54
C ALA B 825 35.07 26.87 19.46
N ALA B 826 35.60 28.07 19.72
CA ALA B 826 36.72 28.18 20.65
C ALA B 826 36.31 27.81 22.06
N GLU B 827 35.05 28.03 22.42
CA GLU B 827 34.58 27.77 23.78
C GLU B 827 34.13 26.33 23.99
N ARG B 828 33.61 25.66 22.96
N ARG B 828 33.61 25.66 22.95
CA ARG B 828 33.04 24.33 23.13
CA ARG B 828 33.03 24.33 23.10
C ARG B 828 33.98 23.21 22.69
C ARG B 828 33.98 23.22 22.68
N VAL B 829 34.77 23.43 21.63
CA VAL B 829 35.72 22.43 21.15
C VAL B 829 37.14 22.95 21.12
N GLY B 830 37.38 24.14 21.67
CA GLY B 830 38.72 24.68 21.72
C GLY B 830 39.32 25.01 20.37
N ALA B 831 38.49 25.37 19.40
CA ALA B 831 38.97 25.67 18.07
C ALA B 831 39.79 26.96 18.06
N VAL B 832 40.80 26.99 17.21
CA VAL B 832 41.62 28.18 16.97
C VAL B 832 41.47 28.56 15.52
N LEU B 833 41.18 29.84 15.26
CA LEU B 833 41.07 30.31 13.90
C LEU B 833 42.38 30.11 13.16
N ARG B 834 42.30 29.52 11.97
CA ARG B 834 43.50 29.23 11.19
C ARG B 834 44.22 30.52 10.81
N GLY B 835 45.54 30.50 10.91
CA GLY B 835 46.35 31.66 10.58
C GLY B 835 47.74 31.61 11.20
N ALA D 1 70.34 -39.78 9.79
CA ALA D 1 71.53 -38.96 9.90
C ALA D 1 71.18 -37.57 10.40
N MET D 2 70.12 -36.98 9.83
CA MET D 2 69.70 -35.65 10.21
C MET D 2 68.70 -35.69 11.36
N LEU D 3 68.83 -36.69 12.22
CA LEU D 3 67.93 -36.87 13.36
C LEU D 3 68.68 -36.83 14.69
N SER D 4 69.90 -36.30 14.69
CA SER D 4 70.67 -36.25 15.92
C SER D 4 70.06 -35.22 16.89
N PRO D 5 70.16 -35.48 18.21
CA PRO D 5 69.64 -34.49 19.17
C PRO D 5 70.28 -33.13 19.03
N GLU D 6 71.58 -33.08 18.74
CA GLU D 6 72.23 -31.79 18.47
C GLU D 6 71.77 -31.22 17.13
N ALA D 7 71.53 -32.09 16.14
CA ALA D 7 71.03 -31.61 14.85
C ALA D 7 69.60 -31.09 14.98
N LEU D 8 68.76 -31.77 15.77
CA LEU D 8 67.41 -31.28 16.01
C LEU D 8 67.41 -30.02 16.86
N THR D 9 68.36 -29.91 17.79
CA THR D 9 68.45 -28.70 18.61
C THR D 9 68.79 -27.48 17.76
N THR D 10 69.61 -27.67 16.72
CA THR D 10 69.93 -26.56 15.83
C THR D 10 68.68 -26.06 15.11
N ALA D 11 67.81 -26.96 14.69
CA ALA D 11 66.56 -26.54 14.08
C ALA D 11 65.64 -25.85 15.08
N VAL D 12 65.69 -26.25 16.34
CA VAL D 12 64.90 -25.58 17.37
C VAL D 12 65.46 -24.19 17.64
N ASP D 13 66.78 -24.07 17.73
CA ASP D 13 67.40 -22.77 17.96
C ASP D 13 67.19 -21.85 16.76
N ALA D 14 67.23 -22.41 15.55
CA ALA D 14 66.98 -21.62 14.35
C ALA D 14 65.52 -21.18 14.25
N ALA D 15 64.61 -21.86 14.95
CA ALA D 15 63.20 -21.51 14.96
C ALA D 15 62.82 -20.59 16.11
N GLN D 16 63.31 -20.87 17.32
CA GLN D 16 62.94 -20.05 18.48
C GLN D 16 63.51 -18.65 18.38
N GLN D 17 64.73 -18.50 17.85
CA GLN D 17 65.29 -17.17 17.68
C GLN D 17 64.52 -16.37 16.65
N ALA D 18 64.10 -17.00 15.56
CA ALA D 18 63.28 -16.32 14.57
C ALA D 18 61.90 -16.01 15.12
N ILE D 19 61.36 -16.92 15.95
CA ILE D 19 60.05 -16.68 16.56
C ILE D 19 60.13 -15.52 17.55
N ALA D 20 61.21 -15.47 18.33
CA ALA D 20 61.34 -14.39 19.32
C ALA D 20 61.62 -13.05 18.66
N LEU D 21 62.25 -13.04 17.50
CA LEU D 21 62.56 -11.81 16.79
C LEU D 21 61.46 -11.36 15.84
N ALA D 22 60.37 -12.13 15.73
CA ALA D 22 59.25 -11.73 14.90
C ALA D 22 58.43 -10.66 15.63
N ASP D 23 58.34 -9.47 15.03
CA ASP D 23 57.69 -8.34 15.67
C ASP D 23 56.26 -8.11 15.21
N THR D 24 55.90 -8.57 14.01
CA THR D 24 54.56 -8.40 13.48
C THR D 24 53.95 -9.76 13.15
N LEU D 25 52.63 -9.77 12.94
CA LEU D 25 51.94 -11.01 12.62
C LEU D 25 52.31 -11.50 11.22
N ASP D 26 52.52 -10.57 10.29
CA ASP D 26 52.91 -10.96 8.93
C ASP D 26 54.29 -11.60 8.91
N VAL D 27 55.21 -11.09 9.73
CA VAL D 27 56.54 -11.68 9.82
C VAL D 27 56.47 -13.06 10.47
N LEU D 28 55.65 -13.20 11.52
CA LEU D 28 55.52 -14.49 12.19
C LEU D 28 54.93 -15.55 11.27
N ALA D 29 54.08 -15.13 10.32
CA ALA D 29 53.51 -16.09 9.37
C ALA D 29 54.60 -16.69 8.48
N ARG D 30 55.59 -15.88 8.10
CA ARG D 30 56.71 -16.39 7.31
C ARG D 30 57.58 -17.33 8.14
N VAL D 31 57.79 -17.00 9.41
CA VAL D 31 58.56 -17.88 10.30
C VAL D 31 57.86 -19.22 10.44
N LYS D 32 56.53 -19.22 10.52
CA LYS D 32 55.79 -20.46 10.61
C LYS D 32 55.94 -21.30 9.34
N THR D 33 56.11 -20.66 8.18
CA THR D 33 56.21 -21.39 6.93
C THR D 33 57.59 -22.04 6.77
N GLU D 34 58.65 -21.31 7.10
CA GLU D 34 60.01 -21.81 6.89
C GLU D 34 60.61 -22.52 8.09
N HIS D 35 59.96 -22.45 9.26
CA HIS D 35 60.43 -23.16 10.44
C HIS D 35 59.42 -24.14 11.01
N LEU D 36 58.15 -24.08 10.59
CA LEU D 36 57.14 -25.03 11.03
C LEU D 36 56.27 -25.54 9.89
N GLY D 37 56.45 -25.04 8.66
CA GLY D 37 55.65 -25.48 7.54
C GLY D 37 56.11 -26.83 7.00
N ASP D 38 55.46 -27.23 5.90
CA ASP D 38 55.72 -28.53 5.30
C ASP D 38 57.12 -28.64 4.69
N ARG D 39 57.85 -27.54 4.54
CA ARG D 39 59.18 -27.55 3.96
C ARG D 39 60.27 -27.22 4.97
N SER D 40 59.93 -27.19 6.26
CA SER D 40 60.87 -26.82 7.30
C SER D 40 61.76 -28.02 7.67
N PRO D 41 62.93 -27.75 8.27
CA PRO D 41 63.77 -28.87 8.73
C PRO D 41 63.09 -29.77 9.74
N LEU D 42 62.34 -29.20 10.69
CA LEU D 42 61.65 -30.03 11.67
C LEU D 42 60.56 -30.88 11.03
N ALA D 43 59.93 -30.39 9.96
CA ALA D 43 58.95 -31.20 9.26
C ALA D 43 59.62 -32.30 8.45
N LEU D 44 60.74 -31.99 7.80
CA LEU D 44 61.48 -33.02 7.07
C LEU D 44 62.04 -34.07 8.03
N ALA D 45 62.31 -33.69 9.28
CA ALA D 45 62.78 -34.66 10.26
C ALA D 45 61.70 -35.69 10.58
N ARG D 46 60.44 -35.25 10.60
CA ARG D 46 59.34 -36.19 10.80
C ARG D 46 59.08 -37.04 9.57
N GLN D 47 59.46 -36.56 8.38
CA GLN D 47 59.34 -37.36 7.17
C GLN D 47 60.42 -38.44 7.10
N ALA D 48 61.61 -38.17 7.63
CA ALA D 48 62.69 -39.16 7.60
C ALA D 48 62.41 -40.35 8.51
N LEU D 49 61.47 -40.21 9.45
CA LEU D 49 61.12 -41.33 10.32
C LEU D 49 60.46 -42.47 9.55
N ALA D 50 59.88 -42.19 8.38
CA ALA D 50 59.24 -43.25 7.60
C ALA D 50 60.28 -44.19 6.98
N VAL D 51 61.35 -43.62 6.41
CA VAL D 51 62.39 -44.46 5.80
C VAL D 51 63.35 -45.05 6.82
N LEU D 52 63.28 -44.61 8.07
CA LEU D 52 64.13 -45.14 9.11
C LEU D 52 63.73 -46.59 9.44
N PRO D 53 64.69 -47.44 9.82
CA PRO D 53 64.35 -48.80 10.21
C PRO D 53 63.35 -48.83 11.37
N LYS D 54 62.59 -49.92 11.45
CA LYS D 54 61.53 -50.03 12.44
C LYS D 54 62.09 -50.02 13.87
N GLU D 55 63.29 -50.57 14.07
CA GLU D 55 63.89 -50.61 15.39
C GLU D 55 64.35 -49.24 15.87
N GLN D 56 64.43 -48.24 14.99
CA GLN D 56 64.92 -46.92 15.34
C GLN D 56 63.85 -45.86 15.33
N ARG D 57 62.61 -46.19 14.95
CA ARG D 57 61.56 -45.18 14.89
C ARG D 57 61.12 -44.74 16.29
N ALA D 58 61.19 -45.63 17.28
CA ALA D 58 60.73 -45.27 18.61
C ALA D 58 61.66 -44.25 19.27
N GLU D 59 62.97 -44.51 19.21
CA GLU D 59 63.93 -43.59 19.84
C GLU D 59 64.00 -42.27 19.09
N ALA D 60 64.14 -42.32 17.76
CA ALA D 60 64.26 -41.11 16.98
C ALA D 60 62.97 -40.32 16.96
N GLY D 61 61.83 -41.01 16.84
CA GLY D 61 60.55 -40.32 16.83
C GLY D 61 60.24 -39.62 18.14
N LYS D 62 60.75 -40.15 19.26
CA LYS D 62 60.54 -39.50 20.54
C LYS D 62 61.35 -38.21 20.64
N ARG D 63 62.54 -38.17 20.03
CA ARG D 63 63.36 -36.97 20.04
C ARG D 63 62.89 -35.94 19.01
N VAL D 64 62.22 -36.38 17.95
CA VAL D 64 61.70 -35.43 16.97
C VAL D 64 60.49 -34.69 17.52
N ASN D 65 59.60 -35.40 18.22
CA ASN D 65 58.41 -34.76 18.78
C ASN D 65 58.77 -33.73 19.84
N ALA D 66 59.71 -34.08 20.73
CA ALA D 66 60.11 -33.14 21.77
C ALA D 66 60.75 -31.89 21.19
N ALA D 67 61.42 -32.01 20.04
CA ALA D 67 62.02 -30.85 19.40
C ALA D 67 60.95 -29.96 18.77
N ARG D 68 60.04 -30.56 18.02
CA ARG D 68 59.00 -29.77 17.35
C ARG D 68 57.94 -29.26 18.32
N ASN D 69 57.75 -29.94 19.46
CA ASN D 69 56.83 -29.41 20.47
C ASN D 69 57.40 -28.15 21.11
N ALA D 70 58.72 -28.08 21.29
CA ALA D 70 59.33 -26.88 21.83
C ALA D 70 59.21 -25.72 20.85
N ALA D 71 59.36 -25.99 19.55
CA ALA D 71 59.17 -24.95 18.55
C ALA D 71 57.70 -24.56 18.43
N GLN D 72 56.80 -25.53 18.53
CA GLN D 72 55.37 -25.21 18.51
C GLN D 72 54.96 -24.46 19.77
N ARG D 73 55.55 -24.81 20.91
CA ARG D 73 55.27 -24.09 22.14
C ARG D 73 55.70 -22.63 22.04
N SER D 74 56.92 -22.39 21.55
CA SER D 74 57.41 -21.03 21.40
C SER D 74 56.58 -20.24 20.40
N TYR D 75 56.03 -20.90 19.39
CA TYR D 75 55.22 -20.21 18.39
C TYR D 75 53.85 -19.82 18.94
N ASP D 76 53.23 -20.71 19.72
CA ASP D 76 51.88 -20.45 20.20
C ASP D 76 51.83 -19.24 21.12
N GLU D 77 52.76 -19.17 22.08
CA GLU D 77 52.77 -18.03 23.00
C GLU D 77 53.21 -16.76 22.30
N ARG D 78 54.11 -16.86 21.32
CA ARG D 78 54.50 -15.68 20.56
C ARG D 78 53.36 -15.19 19.69
N LEU D 79 52.57 -16.11 19.13
CA LEU D 79 51.38 -15.71 18.39
C LEU D 79 50.39 -14.99 19.29
N ALA D 80 50.23 -15.47 20.52
CA ALA D 80 49.33 -14.81 21.46
C ALA D 80 49.86 -13.45 21.87
N THR D 81 51.18 -13.33 22.05
CA THR D 81 51.77 -12.04 22.42
C THR D 81 51.59 -11.01 21.32
N LEU D 82 51.87 -11.40 20.07
CA LEU D 82 51.72 -10.47 18.96
C LEU D 82 50.25 -10.12 18.71
N ARG D 83 49.34 -11.07 18.94
CA ARG D 83 47.91 -10.77 18.82
C ARG D 83 47.45 -9.85 19.93
N ALA D 84 47.99 -10.03 21.14
CA ALA D 84 47.63 -9.14 22.24
C ALA D 84 48.12 -7.72 21.99
N GLU D 85 49.34 -7.58 21.47
CA GLU D 85 49.85 -6.26 21.12
C GLU D 85 49.02 -5.63 20.01
N ARG D 86 48.60 -6.44 19.03
CA ARG D 86 47.75 -5.93 17.96
C ARG D 86 46.41 -5.46 18.51
N ASP D 87 45.80 -6.26 19.39
CA ASP D 87 44.53 -5.87 19.98
C ASP D 87 44.68 -4.66 20.89
N ALA D 88 45.87 -4.46 21.47
CA ALA D 88 46.09 -3.31 22.33
C ALA D 88 46.41 -2.05 21.53
N ALA D 89 46.97 -2.21 20.33
N ALA D 89 46.98 -2.20 20.33
CA ALA D 89 47.30 -1.05 19.50
CA ALA D 89 47.40 -1.06 19.52
C ALA D 89 46.05 -0.33 19.04
C ALA D 89 46.52 -0.91 18.28
N VAL D 90 45.02 -1.08 18.62
N VAL D 90 45.23 -1.19 18.39
CA VAL D 90 43.78 -0.47 18.17
CA VAL D 90 44.31 -1.11 17.26
C VAL D 90 42.99 0.19 19.29
C VAL D 90 43.44 0.13 17.41
N LEU D 91 43.40 -0.03 20.54
N LEU D 91 43.15 0.51 18.67
CA LEU D 91 42.80 0.64 21.69
CA LEU D 91 42.29 1.67 18.92
C LEU D 91 43.55 1.89 22.13
C LEU D 91 42.95 2.96 18.44
N VAL D 92 44.81 2.04 21.72
N VAL D 92 44.20 3.19 18.83
CA VAL D 92 45.65 3.16 22.14
CA VAL D 92 44.84 4.47 18.54
C VAL D 92 46.07 4.05 20.99
C VAL D 92 45.42 4.47 17.13
N ALA D 93 45.65 3.75 19.76
N ALA D 93 46.08 3.39 16.72
CA ALA D 93 46.01 4.53 18.59
CA ALA D 93 46.77 3.38 15.44
C ALA D 93 44.81 5.37 18.14
C ALA D 93 45.82 3.39 14.25
N GLU D 94 45.11 6.48 17.46
N GLU D 94 44.54 3.11 14.46
CA GLU D 94 44.07 7.36 16.95
CA GLU D 94 43.57 3.06 13.37
C GLU D 94 43.34 6.67 15.80
C GLU D 94 42.29 3.80 13.73
N GLY D 95 42.06 6.36 16.03
N GLY D 95 42.39 4.83 14.55
CA GLY D 95 41.26 5.71 15.00
CA GLY D 95 41.22 5.60 14.93
C GLY D 95 40.83 6.66 13.90
C GLY D 95 40.82 6.62 13.87
N ILE D 96 39.52 6.82 13.73
CA ILE D 96 38.96 7.74 12.74
C ILE D 96 37.93 8.63 13.41
N ASP D 97 37.55 9.69 12.70
CA ASP D 97 36.46 10.57 13.12
C ASP D 97 35.16 10.00 12.58
N VAL D 98 34.42 9.30 13.44
CA VAL D 98 33.19 8.65 13.02
C VAL D 98 32.07 9.62 12.69
N THR D 99 32.25 10.91 12.98
CA THR D 99 31.23 11.92 12.72
C THR D 99 31.44 12.66 11.41
N LEU D 100 32.44 12.27 10.62
CA LEU D 100 32.66 12.93 9.34
C LEU D 100 31.45 12.71 8.43
N PRO D 101 31.12 13.70 7.59
CA PRO D 101 30.03 13.51 6.63
C PRO D 101 30.36 12.39 5.66
N SER D 102 29.35 11.54 5.38
CA SER D 102 29.52 10.40 4.52
C SER D 102 28.54 10.37 3.36
N THR D 103 27.59 11.30 3.29
CA THR D 103 26.61 11.34 2.21
C THR D 103 27.26 11.96 0.99
N ARG D 104 27.79 11.09 0.12
CA ARG D 104 28.40 11.57 -1.12
C ARG D 104 27.36 12.02 -2.14
N VAL D 105 26.14 11.53 -2.04
CA VAL D 105 25.04 11.93 -2.90
C VAL D 105 23.90 12.41 -2.02
N PRO D 106 23.78 13.72 -1.78
CA PRO D 106 22.72 14.23 -0.90
C PRO D 106 21.36 13.95 -1.47
N ALA D 107 20.51 13.31 -0.66
CA ALA D 107 19.19 12.90 -1.10
C ALA D 107 18.33 14.11 -1.46
N GLY D 108 17.46 13.93 -2.45
CA GLY D 108 16.58 14.99 -2.88
C GLY D 108 15.30 15.03 -2.08
N ALA D 109 14.17 15.25 -2.75
CA ALA D 109 12.89 15.33 -2.07
C ALA D 109 11.73 15.27 -3.06
N ARG D 110 10.73 14.45 -2.76
CA ARG D 110 9.46 14.52 -3.48
C ARG D 110 8.67 15.72 -2.97
N HIS D 111 7.81 16.24 -3.84
CA HIS D 111 7.10 17.47 -3.51
C HIS D 111 6.09 17.21 -2.39
N PRO D 112 5.92 18.16 -1.46
CA PRO D 112 4.94 17.95 -0.38
C PRO D 112 3.52 17.74 -0.88
N ILE D 113 3.13 18.42 -1.95
CA ILE D 113 1.79 18.21 -2.50
C ILE D 113 1.65 16.80 -3.04
N ILE D 114 2.69 16.29 -3.70
CA ILE D 114 2.64 14.91 -4.20
C ILE D 114 2.58 13.94 -3.04
N MET D 115 3.37 14.18 -1.98
CA MET D 115 3.33 13.31 -0.81
C MET D 115 1.98 13.37 -0.11
N LEU D 116 1.40 14.57 0.01
CA LEU D 116 0.07 14.70 0.59
C LEU D 116 -0.98 13.99 -0.27
N ALA D 117 -0.86 14.11 -1.59
CA ALA D 117 -1.76 13.39 -2.49
C ALA D 117 -1.61 11.88 -2.33
N GLU D 118 -0.36 11.42 -2.21
CA GLU D 118 -0.12 9.99 -2.01
C GLU D 118 -0.69 9.52 -0.67
N HIS D 119 -0.56 10.35 0.37
CA HIS D 119 -1.11 9.98 1.68
C HIS D 119 -2.63 9.98 1.66
N VAL D 120 -3.23 10.95 0.94
CA VAL D 120 -4.68 10.95 0.79
C VAL D 120 -5.14 9.73 0.01
N ALA D 121 -4.39 9.36 -1.03
CA ALA D 121 -4.75 8.19 -1.82
C ALA D 121 -4.71 6.91 -0.98
N ASP D 122 -3.63 6.72 -0.22
CA ASP D 122 -3.50 5.53 0.61
C ASP D 122 -4.61 5.45 1.65
N THR D 123 -5.08 6.60 2.13
CA THR D 123 -6.17 6.61 3.10
C THR D 123 -7.45 6.05 2.51
N PHE D 124 -7.75 6.41 1.26
CA PHE D 124 -8.97 5.94 0.63
C PHE D 124 -8.82 4.54 0.05
N ILE D 125 -7.61 4.19 -0.42
CA ILE D 125 -7.35 2.81 -0.82
C ILE D 125 -7.61 1.87 0.34
N ALA D 126 -7.20 2.26 1.55
CA ALA D 126 -7.42 1.44 2.73
C ALA D 126 -8.90 1.29 3.07
N MET D 127 -9.76 2.14 2.51
CA MET D 127 -11.20 2.04 2.72
C MET D 127 -11.93 1.49 1.50
N GLY D 128 -11.20 0.84 0.58
CA GLY D 128 -11.80 0.19 -0.56
C GLY D 128 -11.96 1.05 -1.80
N TRP D 129 -11.59 2.32 -1.75
CA TRP D 129 -11.71 3.19 -2.90
C TRP D 129 -10.57 2.94 -3.88
N GLU D 130 -10.66 3.58 -5.04
CA GLU D 130 -9.63 3.48 -6.08
C GLU D 130 -9.35 4.87 -6.63
N LEU D 131 -8.27 4.97 -7.39
CA LEU D 131 -7.87 6.23 -8.01
C LEU D 131 -8.16 6.19 -9.51
N ALA D 132 -8.47 7.38 -10.06
CA ALA D 132 -8.74 7.53 -11.47
C ALA D 132 -8.11 8.83 -11.97
N GLU D 133 -7.65 8.82 -13.21
CA GLU D 133 -7.05 9.99 -13.83
C GLU D 133 -7.86 10.43 -15.03
N GLY D 134 -7.71 11.71 -15.37
CA GLY D 134 -8.39 12.28 -16.51
C GLY D 134 -7.58 13.41 -17.13
N PRO D 135 -7.94 13.79 -18.36
CA PRO D 135 -7.18 14.86 -19.04
C PRO D 135 -7.43 16.21 -18.40
N GLU D 136 -6.37 17.03 -18.34
CA GLU D 136 -6.50 18.37 -17.81
C GLU D 136 -7.26 19.28 -18.77
N VAL D 137 -6.97 19.17 -20.07
CA VAL D 137 -7.75 19.85 -21.09
C VAL D 137 -9.02 19.03 -21.31
N GLU D 138 -10.14 19.52 -20.81
CA GLU D 138 -11.39 18.77 -20.79
C GLU D 138 -12.43 19.48 -21.65
N THR D 139 -13.33 18.69 -22.23
CA THR D 139 -14.46 19.24 -22.96
C THR D 139 -15.43 19.93 -22.01
N GLU D 140 -16.17 20.90 -22.55
CA GLU D 140 -17.21 21.55 -21.75
C GLU D 140 -18.37 20.61 -21.45
N GLN D 141 -18.50 19.51 -22.20
CA GLN D 141 -19.56 18.55 -21.95
C GLN D 141 -19.37 17.86 -20.59
N PHE D 142 -18.14 17.45 -20.29
CA PHE D 142 -17.87 16.75 -19.04
C PHE D 142 -17.55 17.69 -17.89
N ASN D 143 -17.13 18.92 -18.16
CA ASN D 143 -16.75 19.85 -17.11
C ASN D 143 -17.90 20.70 -16.61
N PHE D 144 -18.93 20.91 -17.43
CA PHE D 144 -20.05 21.77 -17.05
C PHE D 144 -21.39 21.13 -17.36
N ASP D 145 -21.56 20.64 -18.59
CA ASP D 145 -22.86 20.16 -19.03
C ASP D 145 -23.31 18.94 -18.22
N ALA D 146 -22.46 17.93 -18.12
CA ALA D 146 -22.81 16.72 -17.38
C ALA D 146 -22.91 16.95 -15.88
N LEU D 147 -22.43 18.09 -15.37
CA LEU D 147 -22.46 18.40 -13.96
C LEU D 147 -23.59 19.38 -13.59
N ASN D 148 -24.64 19.43 -14.41
CA ASN D 148 -25.83 20.22 -14.14
C ASN D 148 -25.53 21.71 -14.04
N PHE D 149 -24.51 22.19 -14.75
CA PHE D 149 -24.28 23.62 -14.84
C PHE D 149 -25.25 24.23 -15.85
N PRO D 150 -25.96 25.30 -15.51
CA PRO D 150 -26.89 25.93 -16.46
C PRO D 150 -26.15 26.46 -17.68
N ALA D 151 -26.94 26.82 -18.70
CA ALA D 151 -26.36 27.29 -19.95
C ALA D 151 -25.66 28.63 -19.77
N ASP D 152 -26.29 29.56 -19.06
CA ASP D 152 -25.73 30.90 -18.83
C ASP D 152 -25.10 31.01 -17.44
N HIS D 153 -24.38 29.98 -17.01
CA HIS D 153 -23.73 30.03 -15.71
C HIS D 153 -22.53 30.97 -15.76
N PRO D 154 -22.32 31.79 -14.72
CA PRO D 154 -21.19 32.74 -14.75
C PRO D 154 -19.82 32.08 -14.79
N ALA D 155 -19.70 30.82 -14.36
CA ALA D 155 -18.43 30.13 -14.41
C ALA D 155 -18.08 29.65 -15.81
N ARG D 156 -19.03 29.66 -16.74
CA ARG D 156 -18.76 29.27 -18.12
C ARG D 156 -18.23 30.42 -18.96
N GLY D 157 -18.01 31.59 -18.37
CA GLY D 157 -17.53 32.74 -19.11
C GLY D 157 -16.01 32.79 -19.18
N GLU D 158 -15.52 33.85 -19.82
CA GLU D 158 -14.09 34.08 -19.96
C GLU D 158 -13.47 34.73 -18.72
N GLN D 159 -14.23 34.83 -17.62
CA GLN D 159 -13.76 35.49 -16.41
C GLN D 159 -13.11 34.52 -15.43
N ASP D 160 -13.67 33.32 -15.27
CA ASP D 160 -13.22 32.38 -14.27
C ASP D 160 -12.64 31.08 -14.83
N THR D 161 -12.92 30.75 -16.09
CA THR D 161 -12.49 29.47 -16.67
C THR D 161 -11.51 29.73 -17.81
N PHE D 162 -10.36 29.06 -17.76
CA PHE D 162 -9.39 29.12 -18.84
C PHE D 162 -9.95 28.38 -20.04
N TYR D 163 -10.40 29.12 -21.05
CA TYR D 163 -10.92 28.53 -22.27
C TYR D 163 -9.82 28.40 -23.32
N ILE D 164 -10.01 27.44 -24.22
CA ILE D 164 -9.05 27.17 -25.28
C ILE D 164 -9.45 27.95 -26.52
N ALA D 165 -8.49 28.69 -27.08
CA ALA D 165 -8.76 29.45 -28.29
C ALA D 165 -9.06 28.52 -29.46
N PRO D 166 -9.92 28.94 -30.39
CA PRO D 166 -10.64 30.23 -30.46
C PRO D 166 -11.88 30.27 -29.55
N GLU D 167 -12.65 31.35 -29.62
CA GLU D 167 -13.82 31.50 -28.77
C GLU D 167 -14.90 30.49 -29.16
N ASP D 168 -15.69 30.07 -28.16
CA ASP D 168 -16.79 29.14 -28.34
C ASP D 168 -16.31 27.80 -28.87
N SER D 169 -15.19 27.32 -28.34
CA SER D 169 -14.61 26.04 -28.73
C SER D 169 -15.08 24.88 -27.85
N ARG D 170 -15.81 25.18 -26.76
CA ARG D 170 -16.30 24.16 -25.83
C ARG D 170 -15.16 23.28 -25.30
N GLN D 171 -13.95 23.83 -25.27
CA GLN D 171 -12.77 23.14 -24.77
C GLN D 171 -12.06 24.07 -23.80
N LEU D 172 -11.64 23.54 -22.66
CA LEU D 172 -11.12 24.38 -21.60
C LEU D 172 -10.23 23.56 -20.68
N LEU D 173 -9.41 24.26 -19.91
CA LEU D 173 -8.74 23.64 -18.77
C LEU D 173 -9.76 23.39 -17.67
N ARG D 174 -9.72 22.19 -17.09
CA ARG D 174 -10.74 21.80 -16.14
C ARG D 174 -10.69 22.68 -14.90
N THR D 175 -11.88 23.16 -14.49
CA THR D 175 -12.01 23.93 -13.26
C THR D 175 -12.12 23.04 -12.02
N HIS D 176 -12.11 21.72 -12.21
CA HIS D 176 -12.16 20.74 -11.14
C HIS D 176 -11.95 19.36 -11.75
N THR D 177 -11.63 18.39 -10.90
CA THR D 177 -11.44 17.01 -11.33
C THR D 177 -12.74 16.24 -11.40
N SER D 178 -13.89 16.91 -11.32
CA SER D 178 -15.17 16.23 -11.41
C SER D 178 -15.40 15.53 -12.75
N PRO D 179 -15.02 16.09 -13.90
CA PRO D 179 -15.17 15.32 -15.15
C PRO D 179 -14.41 14.00 -15.16
N VAL D 180 -13.40 13.83 -14.31
CA VAL D 180 -12.76 12.54 -14.18
C VAL D 180 -13.72 11.52 -13.59
N GLN D 181 -14.54 11.96 -12.63
CA GLN D 181 -15.54 11.08 -12.04
C GLN D 181 -16.67 10.77 -13.02
N ILE D 182 -16.99 11.73 -13.89
CA ILE D 182 -18.00 11.47 -14.92
C ILE D 182 -17.53 10.40 -15.89
N ARG D 183 -16.25 10.47 -16.28
CA ARG D 183 -15.68 9.42 -17.14
C ARG D 183 -15.67 8.07 -16.45
N THR D 184 -15.46 8.06 -15.13
CA THR D 184 -15.52 6.80 -14.39
C THR D 184 -16.95 6.28 -14.30
N LEU D 185 -17.91 7.18 -14.08
CA LEU D 185 -19.31 6.78 -14.00
C LEU D 185 -19.82 6.25 -15.34
N LEU D 186 -19.21 6.68 -16.45
CA LEU D 186 -19.60 6.20 -17.76
C LEU D 186 -18.91 4.92 -18.17
N ALA D 187 -17.69 4.69 -17.69
CA ALA D 187 -16.87 3.55 -18.10
C ALA D 187 -16.95 2.37 -17.14
N ARG D 188 -17.05 2.62 -15.84
CA ARG D 188 -17.04 1.55 -14.85
C ARG D 188 -18.46 1.15 -14.46
N GLU D 189 -18.57 -0.08 -13.97
CA GLU D 189 -19.84 -0.62 -13.52
C GLU D 189 -20.08 -0.25 -12.06
N LEU D 190 -21.36 -0.12 -11.70
CA LEU D 190 -21.70 0.21 -10.33
C LEU D 190 -21.50 -1.01 -9.43
N PRO D 191 -21.17 -0.79 -8.14
CA PRO D 191 -20.97 0.50 -7.45
C PRO D 191 -19.63 1.14 -7.81
N VAL D 192 -19.47 2.44 -7.52
CA VAL D 192 -18.25 3.17 -7.83
C VAL D 192 -17.81 3.90 -6.57
N TYR D 193 -16.56 3.66 -6.17
CA TYR D 193 -15.93 4.36 -5.04
C TYR D 193 -14.55 4.77 -5.52
N ILE D 194 -14.45 5.97 -6.09
CA ILE D 194 -13.21 6.42 -6.71
C ILE D 194 -12.80 7.79 -6.17
N ILE D 195 -11.51 8.04 -6.16
N ILE D 195 -11.51 8.04 -6.19
CA ILE D 195 -10.97 9.35 -5.81
CA ILE D 195 -10.91 9.32 -5.80
C ILE D 195 -10.17 9.87 -6.99
C ILE D 195 -10.15 9.86 -7.01
N SER D 196 -10.28 11.17 -7.24
CA SER D 196 -9.58 11.83 -8.34
C SER D 196 -8.67 12.91 -7.77
N ILE D 197 -7.38 12.77 -7.97
CA ILE D 197 -6.38 13.74 -7.53
C ILE D 197 -5.63 14.20 -8.78
N GLY D 198 -5.89 15.44 -9.20
CA GLY D 198 -5.28 15.96 -10.41
C GLY D 198 -5.10 17.46 -10.33
N ARG D 199 -4.50 18.00 -11.38
CA ARG D 199 -4.21 19.43 -11.45
C ARG D 199 -5.45 20.20 -11.86
N THR D 200 -5.69 21.32 -11.19
CA THR D 200 -6.87 22.14 -11.41
C THR D 200 -6.44 23.57 -11.74
N PHE D 201 -7.27 24.25 -12.54
CA PHE D 201 -6.92 25.56 -13.08
C PHE D 201 -8.04 26.54 -12.80
N ARG D 202 -7.71 27.65 -12.14
CA ARG D 202 -8.66 28.71 -11.85
C ARG D 202 -8.03 30.06 -12.19
N THR D 203 -8.89 31.08 -12.29
CA THR D 203 -8.46 32.40 -12.76
C THR D 203 -7.80 33.24 -11.68
N ASP D 204 -7.81 32.81 -10.42
CA ASP D 204 -7.26 33.62 -9.35
C ASP D 204 -5.76 33.78 -9.53
N GLU D 205 -5.27 35.00 -9.24
CA GLU D 205 -3.85 35.28 -9.39
C GLU D 205 -3.04 34.56 -8.32
N LEU D 206 -1.72 34.55 -8.52
CA LEU D 206 -0.79 33.85 -7.64
C LEU D 206 -0.27 34.82 -6.60
N ASP D 207 -0.71 34.66 -5.36
CA ASP D 207 -0.23 35.49 -4.25
C ASP D 207 0.05 34.57 -3.06
N ALA D 208 0.05 35.14 -1.87
CA ALA D 208 0.43 34.38 -0.67
C ALA D 208 -0.62 33.37 -0.25
N THR D 209 -1.85 33.47 -0.75
CA THR D 209 -2.91 32.59 -0.32
C THR D 209 -3.77 32.05 -1.47
N HIS D 210 -3.47 32.39 -2.71
CA HIS D 210 -4.20 31.85 -3.86
C HIS D 210 -3.23 31.50 -4.96
N THR D 211 -3.61 30.53 -5.78
CA THR D 211 -2.80 30.11 -6.92
C THR D 211 -3.72 29.73 -8.08
N PRO D 212 -3.38 30.11 -9.30
CA PRO D 212 -4.21 29.70 -10.45
C PRO D 212 -4.11 28.22 -10.75
N ILE D 213 -2.98 27.61 -10.46
CA ILE D 213 -2.73 26.20 -10.77
C ILE D 213 -2.58 25.48 -9.43
N PHE D 214 -3.60 24.75 -9.03
CA PHE D 214 -3.59 24.04 -7.76
C PHE D 214 -4.07 22.61 -7.97
N HIS D 215 -3.76 21.76 -6.99
CA HIS D 215 -4.15 20.36 -6.99
C HIS D 215 -5.28 20.15 -5.99
N GLN D 216 -6.31 19.43 -6.40
CA GLN D 216 -7.42 19.14 -5.52
C GLN D 216 -7.75 17.65 -5.56
N VAL D 217 -8.35 17.17 -4.47
CA VAL D 217 -8.79 15.80 -4.35
C VAL D 217 -10.31 15.79 -4.31
N GLU D 218 -10.92 15.02 -5.20
CA GLU D 218 -12.37 14.91 -5.26
C GLU D 218 -12.77 13.44 -5.17
N GLY D 219 -13.77 13.17 -4.35
CA GLY D 219 -14.26 11.82 -4.13
C GLY D 219 -15.65 11.64 -4.73
N LEU D 220 -15.97 10.39 -5.09
CA LEU D 220 -17.24 10.08 -5.70
C LEU D 220 -17.62 8.66 -5.31
N ALA D 221 -18.76 8.51 -4.63
CA ALA D 221 -19.28 7.21 -4.22
C ALA D 221 -20.72 7.11 -4.70
N VAL D 222 -21.00 6.07 -5.48
CA VAL D 222 -22.35 5.82 -5.99
C VAL D 222 -22.67 4.35 -5.74
N ASP D 223 -23.71 4.09 -4.96
CA ASP D 223 -24.09 2.74 -4.60
C ASP D 223 -25.56 2.76 -4.17
N ARG D 224 -26.09 1.59 -3.85
CA ARG D 224 -27.46 1.47 -3.37
C ARG D 224 -27.53 1.82 -1.89
N GLY D 225 -28.26 2.87 -1.56
CA GLY D 225 -28.48 3.21 -0.16
C GLY D 225 -27.45 4.10 0.48
N LEU D 226 -26.65 4.82 -0.31
CA LEU D 226 -25.71 5.78 0.24
C LEU D 226 -26.46 7.03 0.71
N SER D 227 -26.10 7.51 1.90
CA SER D 227 -26.80 8.62 2.53
C SER D 227 -25.79 9.68 2.95
N MET D 228 -26.31 10.80 3.47
CA MET D 228 -25.45 11.84 4.02
C MET D 228 -24.60 11.33 5.17
N ALA D 229 -25.12 10.37 5.94
CA ALA D 229 -24.35 9.78 7.04
C ALA D 229 -23.13 9.05 6.51
N HIS D 230 -23.24 8.40 5.34
CA HIS D 230 -22.07 7.77 4.74
C HIS D 230 -21.07 8.80 4.23
N LEU D 231 -21.57 9.96 3.78
CA LEU D 231 -20.67 11.03 3.38
C LEU D 231 -19.93 11.61 4.57
N ARG D 232 -20.66 11.92 5.64
CA ARG D 232 -20.03 12.51 6.83
C ARG D 232 -19.05 11.54 7.47
N GLY D 233 -19.37 10.24 7.47
CA GLY D 233 -18.44 9.26 7.99
C GLY D 233 -17.17 9.18 7.17
N THR D 234 -17.30 9.30 5.84
CA THR D 234 -16.12 9.30 4.98
C THR D 234 -15.29 10.56 5.19
N LEU D 235 -15.94 11.71 5.30
CA LEU D 235 -15.23 12.96 5.55
C LEU D 235 -14.49 12.92 6.88
N ASP D 236 -15.09 12.31 7.90
CA ASP D 236 -14.44 12.25 9.21
C ASP D 236 -13.23 11.33 9.17
N ALA D 237 -13.32 10.19 8.49
CA ALA D 237 -12.16 9.33 8.33
C ALA D 237 -11.08 10.03 7.52
N PHE D 238 -11.48 10.83 6.53
CA PHE D 238 -10.51 11.64 5.79
C PHE D 238 -9.85 12.67 6.70
N ALA D 239 -10.62 13.30 7.57
CA ALA D 239 -10.06 14.33 8.44
C ALA D 239 -9.11 13.73 9.47
N ARG D 240 -9.49 12.60 10.07
CA ARG D 240 -8.66 11.99 11.11
C ARG D 240 -7.31 11.55 10.54
N ALA D 241 -7.29 11.05 9.30
CA ALA D 241 -6.05 10.59 8.71
C ALA D 241 -5.10 11.73 8.36
N GLU D 242 -5.62 12.94 8.20
CA GLU D 242 -4.79 14.08 7.81
C GLU D 242 -4.58 15.10 8.91
N PHE D 243 -5.40 15.10 9.97
CA PHE D 243 -5.28 16.09 11.02
C PHE D 243 -5.18 15.50 12.42
N GLY D 244 -5.09 14.18 12.55
CA GLY D 244 -4.93 13.56 13.84
C GLY D 244 -6.20 12.90 14.35
N PRO D 245 -6.08 12.14 15.43
CA PRO D 245 -7.26 11.43 15.95
C PRO D 245 -8.38 12.35 16.44
N SER D 246 -8.04 13.57 16.86
CA SER D 246 -9.02 14.52 17.37
C SER D 246 -9.66 15.35 16.25
N ALA D 247 -9.59 14.90 15.01
CA ALA D 247 -10.13 15.64 13.88
C ALA D 247 -11.61 15.32 13.70
N ARG D 248 -12.42 16.36 13.50
CA ARG D 248 -13.85 16.21 13.29
C ARG D 248 -14.30 17.21 12.26
N THR D 249 -15.24 16.79 11.40
CA THR D 249 -15.76 17.64 10.35
C THR D 249 -17.14 18.19 10.72
N ARG D 250 -17.48 19.31 10.09
CA ARG D 250 -18.77 19.95 10.25
C ARG D 250 -19.26 20.39 8.87
N ILE D 251 -20.54 20.12 8.58
CA ILE D 251 -21.13 20.44 7.29
C ILE D 251 -22.20 21.50 7.48
N ARG D 252 -22.14 22.55 6.66
CA ARG D 252 -23.16 23.59 6.63
C ARG D 252 -23.81 23.62 5.25
N PRO D 253 -25.13 23.80 5.17
CA PRO D 253 -25.80 23.79 3.86
C PRO D 253 -25.24 24.87 2.95
N HIS D 254 -25.04 24.49 1.68
CA HIS D 254 -24.53 25.41 0.67
C HIS D 254 -25.21 25.11 -0.66
N PHE D 255 -24.52 25.38 -1.77
CA PHE D 255 -25.07 25.09 -3.09
C PHE D 255 -23.93 24.74 -4.04
N PHE D 256 -24.13 23.69 -4.82
CA PHE D 256 -23.26 23.33 -5.92
C PHE D 256 -24.15 22.79 -7.02
N PRO D 257 -23.84 23.08 -8.29
CA PRO D 257 -24.72 22.65 -9.38
C PRO D 257 -24.90 21.14 -9.48
N PHE D 258 -23.87 20.36 -9.13
CA PHE D 258 -23.89 18.93 -9.32
C PHE D 258 -24.24 18.14 -8.06
N THR D 259 -24.59 18.83 -6.97
CA THR D 259 -24.98 18.16 -5.74
C THR D 259 -26.27 18.76 -5.22
N GLU D 260 -27.07 17.90 -4.57
CA GLU D 260 -28.34 18.31 -3.97
C GLU D 260 -28.82 17.23 -3.00
N PRO D 261 -28.81 17.49 -1.68
CA PRO D 261 -28.38 18.72 -1.01
C PRO D 261 -26.86 18.92 -1.03
N SER D 262 -26.41 20.16 -0.96
CA SER D 262 -24.99 20.51 -0.98
C SER D 262 -24.57 21.03 0.38
N ALA D 263 -23.26 20.99 0.64
CA ALA D 263 -22.73 21.43 1.92
C ALA D 263 -21.25 21.76 1.78
N GLU D 264 -20.79 22.64 2.66
CA GLU D 264 -19.37 22.93 2.80
C GLU D 264 -18.82 22.24 4.04
N VAL D 265 -17.57 21.80 3.96
CA VAL D 265 -16.94 21.03 5.02
C VAL D 265 -15.97 21.94 5.77
N ASP D 266 -16.10 21.96 7.10
CA ASP D 266 -15.16 22.63 7.98
C ASP D 266 -14.47 21.57 8.83
N VAL D 267 -13.19 21.78 9.11
CA VAL D 267 -12.38 20.81 9.83
C VAL D 267 -11.94 21.41 11.17
N TRP D 268 -11.86 20.56 12.18
CA TRP D 268 -11.40 20.93 13.51
C TRP D 268 -10.17 20.07 13.84
N PHE D 269 -9.04 20.72 14.03
CA PHE D 269 -7.80 20.04 14.40
C PHE D 269 -7.18 20.77 15.58
N ALA D 270 -6.77 20.00 16.60
CA ALA D 270 -6.18 20.57 17.81
C ALA D 270 -4.67 20.76 17.63
N ASN D 271 -4.33 21.64 16.69
CA ASN D 271 -2.93 21.95 16.41
C ASN D 271 -2.79 23.31 15.75
N LYS D 272 -3.38 24.33 16.36
CA LYS D 272 -3.31 25.68 15.82
C LYS D 272 -2.84 26.67 16.88
N ALA D 277 -9.39 25.65 16.04
CA ALA D 277 -10.70 26.16 15.65
C ALA D 277 -11.16 25.52 14.34
N TRP D 278 -12.35 25.94 13.87
CA TRP D 278 -12.88 25.43 12.62
C TRP D 278 -12.23 26.16 11.45
N VAL D 279 -11.82 25.40 10.43
CA VAL D 279 -11.19 25.94 9.23
C VAL D 279 -11.97 25.45 8.02
N GLU D 280 -12.29 26.37 7.11
CA GLU D 280 -12.95 26.00 5.86
C GLU D 280 -12.08 25.05 5.06
N TRP D 281 -12.58 23.84 4.81
CA TRP D 281 -11.82 22.80 4.13
C TRP D 281 -12.25 22.62 2.68
N GLY D 282 -13.52 22.27 2.47
CA GLY D 282 -13.99 22.06 1.12
C GLY D 282 -15.50 21.94 1.07
N GLY D 283 -15.99 21.34 -0.02
CA GLY D 283 -17.40 21.16 -0.22
C GLY D 283 -17.79 19.72 -0.42
N CYS D 284 -19.07 19.41 -0.28
CA CYS D 284 -19.57 18.04 -0.43
C CYS D 284 -21.05 18.09 -0.75
N GLY D 285 -21.68 16.93 -0.80
CA GLY D 285 -23.10 16.84 -1.05
C GLY D 285 -23.45 15.54 -1.73
N MET D 286 -24.75 15.26 -1.77
CA MET D 286 -25.26 14.10 -2.48
C MET D 286 -25.27 14.36 -3.98
N VAL D 287 -24.91 13.34 -4.76
CA VAL D 287 -24.84 13.50 -6.21
C VAL D 287 -26.22 13.87 -6.75
N HIS D 288 -26.27 14.92 -7.56
CA HIS D 288 -27.54 15.39 -8.10
C HIS D 288 -28.12 14.35 -9.04
N PRO D 289 -29.44 14.10 -8.97
CA PRO D 289 -30.05 13.10 -9.88
C PRO D 289 -29.91 13.43 -11.34
N ASN D 290 -29.73 14.72 -11.70
CA ASN D 290 -29.47 15.06 -13.09
C ASN D 290 -28.12 14.52 -13.54
N VAL D 291 -27.13 14.51 -12.64
CA VAL D 291 -25.83 13.96 -12.97
C VAL D 291 -25.93 12.45 -13.17
N LEU D 292 -26.76 11.78 -12.37
CA LEU D 292 -26.95 10.34 -12.54
C LEU D 292 -27.69 10.03 -13.84
N ARG D 293 -28.69 10.84 -14.19
CA ARG D 293 -29.38 10.65 -15.46
C ARG D 293 -28.47 10.95 -16.64
N ALA D 294 -27.52 11.88 -16.47
CA ALA D 294 -26.56 12.19 -17.51
C ALA D 294 -25.53 11.09 -17.71
N THR D 295 -25.50 10.08 -16.82
CA THR D 295 -24.55 8.98 -16.92
C THR D 295 -25.25 7.63 -17.06
N GLY D 296 -26.55 7.61 -17.29
CA GLY D 296 -27.27 6.36 -17.46
C GLY D 296 -27.53 5.59 -16.19
N ILE D 297 -27.72 6.28 -15.06
CA ILE D 297 -27.95 5.66 -13.77
C ILE D 297 -29.32 6.07 -13.26
N ASP D 298 -30.05 5.10 -12.72
CA ASP D 298 -31.37 5.37 -12.17
C ASP D 298 -31.25 6.04 -10.81
N PRO D 299 -31.73 7.27 -10.64
CA PRO D 299 -31.66 7.90 -9.31
C PRO D 299 -32.52 7.22 -8.27
N ASP D 300 -33.57 6.49 -8.69
CA ASP D 300 -34.43 5.80 -7.73
C ASP D 300 -33.78 4.54 -7.18
N LEU D 301 -32.76 4.01 -7.84
CA LEU D 301 -32.07 2.81 -7.38
C LEU D 301 -30.71 3.08 -6.78
N TYR D 302 -30.01 4.12 -7.22
CA TYR D 302 -28.66 4.41 -6.75
C TYR D 302 -28.60 5.85 -6.26
N SER D 303 -28.18 6.02 -5.01
CA SER D 303 -27.83 7.34 -4.48
C SER D 303 -26.31 7.45 -4.44
N GLY D 304 -25.82 8.58 -3.95
CA GLY D 304 -24.38 8.76 -3.85
C GLY D 304 -24.03 10.16 -3.39
N PHE D 305 -22.80 10.29 -2.92
CA PHE D 305 -22.27 11.55 -2.42
C PHE D 305 -20.94 11.85 -3.09
N ALA D 306 -20.48 13.09 -2.91
CA ALA D 306 -19.21 13.54 -3.46
C ALA D 306 -18.62 14.59 -2.53
N PHE D 307 -17.32 14.84 -2.70
CA PHE D 307 -16.63 15.85 -1.90
C PHE D 307 -15.41 16.32 -2.67
N GLY D 308 -14.84 17.43 -2.21
CA GLY D 308 -13.68 18.00 -2.85
C GLY D 308 -12.92 18.99 -1.98
N MET D 309 -11.61 18.77 -1.84
CA MET D 309 -10.75 19.67 -1.08
C MET D 309 -9.51 19.99 -1.90
N GLY D 310 -8.96 21.17 -1.66
CA GLY D 310 -7.71 21.58 -2.30
C GLY D 310 -6.50 21.13 -1.49
N LEU D 311 -5.51 20.59 -2.20
CA LEU D 311 -4.31 20.11 -1.54
C LEU D 311 -3.44 21.27 -1.04
N GLU D 312 -3.24 22.28 -1.88
CA GLU D 312 -2.48 23.45 -1.44
C GLU D 312 -3.16 24.15 -0.28
N ARG D 313 -4.50 24.19 -0.30
CA ARG D 313 -5.24 24.73 0.84
C ARG D 313 -5.04 23.87 2.07
N THR D 314 -5.19 22.55 1.93
CA THR D 314 -5.02 21.65 3.07
C THR D 314 -3.61 21.76 3.65
N LEU D 315 -2.59 21.79 2.79
CA LEU D 315 -1.21 21.87 3.26
C LEU D 315 -0.89 23.23 3.87
N GLN D 316 -1.64 24.27 3.54
CA GLN D 316 -1.31 25.61 4.02
C GLN D 316 -1.64 25.79 5.49
N PHE D 317 -2.90 25.59 5.87
CA PHE D 317 -3.29 25.83 7.26
C PHE D 317 -2.87 24.71 8.19
N ARG D 318 -2.62 23.51 7.67
CA ARG D 318 -2.17 22.41 8.53
C ARG D 318 -0.74 22.63 9.00
N ASN D 319 0.20 22.72 8.06
CA ASN D 319 1.60 22.95 8.39
C ASN D 319 1.90 24.40 8.75
N GLY D 320 0.98 25.32 8.47
CA GLY D 320 1.23 26.72 8.76
C GLY D 320 2.12 27.43 7.78
N ILE D 321 2.11 27.00 6.52
CA ILE D 321 2.95 27.61 5.49
C ILE D 321 2.41 28.99 5.15
N PRO D 322 3.21 30.04 5.32
CA PRO D 322 2.69 31.41 5.11
C PRO D 322 2.45 31.73 3.64
N ASP D 323 3.48 31.64 2.82
CA ASP D 323 3.41 32.02 1.41
C ASP D 323 3.17 30.76 0.57
N MET D 324 2.01 30.70 -0.08
CA MET D 324 1.70 29.56 -0.94
C MET D 324 2.42 29.62 -2.27
N ARG D 325 3.02 30.77 -2.62
CA ARG D 325 3.83 30.84 -3.82
C ARG D 325 5.04 29.92 -3.74
N ASP D 326 5.52 29.65 -2.52
CA ASP D 326 6.64 28.72 -2.34
C ASP D 326 6.26 27.28 -2.63
N MET D 327 4.97 26.96 -2.71
CA MET D 327 4.56 25.60 -3.01
C MET D 327 4.66 25.26 -4.49
N VAL D 328 4.52 26.26 -5.36
CA VAL D 328 4.44 26.01 -6.81
C VAL D 328 5.66 26.51 -7.57
N GLU D 329 6.45 27.42 -7.00
CA GLU D 329 7.58 27.99 -7.74
C GLU D 329 8.76 27.03 -7.85
N GLY D 330 8.75 25.91 -7.14
CA GLY D 330 9.78 24.91 -7.31
C GLY D 330 11.12 25.27 -6.71
N ASP D 331 11.14 25.99 -5.60
CA ASP D 331 12.39 26.32 -4.93
C ASP D 331 12.84 25.13 -4.09
N VAL D 332 14.13 24.80 -4.19
CA VAL D 332 14.65 23.63 -3.50
C VAL D 332 14.59 23.81 -1.99
N ARG D 333 14.71 25.05 -1.50
CA ARG D 333 14.65 25.30 -0.06
C ARG D 333 13.29 24.98 0.54
N PHE D 334 12.25 24.86 -0.29
CA PHE D 334 10.92 24.56 0.22
C PHE D 334 10.67 23.05 0.31
N SER D 335 11.20 22.27 -0.62
CA SER D 335 10.91 20.84 -0.68
C SER D 335 11.81 20.01 0.22
N LEU D 336 13.08 20.39 0.36
CA LEU D 336 14.03 19.57 1.09
C LEU D 336 13.65 19.32 2.55
N PRO D 337 13.19 20.31 3.33
CA PRO D 337 12.84 20.01 4.73
C PRO D 337 11.77 18.94 4.90
N PHE D 338 10.96 18.68 3.87
CA PHE D 338 9.91 17.68 3.94
C PHE D 338 10.45 16.25 3.81
N GLY D 339 11.77 16.07 3.80
CA GLY D 339 12.35 14.75 3.69
C GLY D 339 12.39 14.26 2.26
N VAL D 340 12.98 13.08 2.10
CA VAL D 340 13.15 12.50 0.76
C VAL D 340 11.80 12.08 0.19
N GLY D 341 10.99 11.41 1.00
CA GLY D 341 9.70 10.91 0.59
C GLY D 341 9.54 9.45 0.96
N ALA D 342 8.47 8.85 0.47
CA ALA D 342 8.17 7.45 0.76
C ALA D 342 9.21 6.53 0.13
N SER E 2 -23.53 40.17 -8.91
CA SER E 2 -23.07 40.03 -7.54
C SER E 2 -24.11 39.28 -6.70
N ASN E 3 -23.63 38.46 -5.77
CA ASN E 3 -24.47 37.69 -4.87
C ASN E 3 -24.60 38.33 -3.49
N ALA E 4 -24.39 39.64 -3.40
CA ALA E 4 -24.41 40.33 -2.12
C ALA E 4 -25.82 40.77 -1.75
N MET E 5 -26.15 40.65 -0.47
CA MET E 5 -27.44 41.08 0.05
C MET E 5 -27.20 41.73 1.41
N ARG E 6 -27.55 43.00 1.54
CA ARG E 6 -27.30 43.77 2.75
C ARG E 6 -28.63 44.30 3.28
N LEU E 7 -28.84 44.13 4.59
CA LEU E 7 -30.01 44.68 5.26
C LEU E 7 -29.70 44.80 6.74
N PRO E 8 -30.30 45.76 7.45
CA PRO E 8 -30.08 45.89 8.88
C PRO E 8 -30.90 44.88 9.67
N TYR E 9 -30.48 44.65 10.92
CA TYR E 9 -31.18 43.70 11.77
C TYR E 9 -32.55 44.22 12.18
N SER E 10 -32.69 45.54 12.37
CA SER E 10 -33.96 46.10 12.80
C SER E 10 -35.06 45.85 11.77
N TRP E 11 -34.75 46.07 10.49
CA TRP E 11 -35.75 45.83 9.45
C TRP E 11 -36.07 44.34 9.34
N LEU E 12 -35.06 43.48 9.48
CA LEU E 12 -35.30 42.05 9.42
C LEU E 12 -36.10 41.58 10.63
N ARG E 13 -35.77 42.06 11.82
CA ARG E 13 -36.53 41.70 13.01
C ARG E 13 -37.96 42.21 12.95
N GLU E 14 -38.17 43.37 12.32
CA GLU E 14 -39.51 43.95 12.25
C GLU E 14 -40.46 43.02 11.51
N VAL E 15 -40.05 42.50 10.36
CA VAL E 15 -40.93 41.65 9.57
C VAL E 15 -41.17 40.32 10.28
N VAL E 16 -40.15 39.81 10.97
CA VAL E 16 -40.32 38.55 11.70
C VAL E 16 -41.22 38.76 12.91
N ALA E 17 -41.09 39.91 13.59
CA ALA E 17 -41.84 40.16 14.82
C ALA E 17 -43.34 40.35 14.57
N VAL E 18 -43.75 40.57 13.32
CA VAL E 18 -45.18 40.73 13.04
C VAL E 18 -45.95 39.46 13.40
N GLY E 19 -45.41 38.30 13.02
CA GLY E 19 -46.05 37.04 13.32
C GLY E 19 -45.65 36.48 14.67
N ALA E 20 -44.42 36.76 15.10
CA ALA E 20 -43.87 36.28 16.37
C ALA E 20 -43.53 37.50 17.22
N SER E 21 -44.52 37.98 17.99
CA SER E 21 -44.31 39.17 18.81
C SER E 21 -43.22 38.94 19.84
N GLY E 22 -42.39 39.95 20.06
CA GLY E 22 -41.32 39.86 21.04
C GLY E 22 -40.14 39.02 20.63
N TRP E 23 -40.00 38.71 19.34
CA TRP E 23 -38.87 37.92 18.87
C TRP E 23 -37.65 38.82 18.71
N ASP E 24 -36.56 38.45 19.38
CA ASP E 24 -35.32 39.21 19.32
C ASP E 24 -34.18 38.31 19.75
N VAL E 25 -33.14 38.20 18.92
CA VAL E 25 -32.02 37.32 19.18
C VAL E 25 -30.72 38.10 19.04
N THR E 26 -29.67 37.55 19.64
CA THR E 26 -28.35 38.15 19.54
C THR E 26 -27.85 38.08 18.10
N PRO E 27 -27.25 39.15 17.59
CA PRO E 27 -26.68 39.09 16.23
C PRO E 27 -25.68 37.96 16.05
N GLY E 28 -24.98 37.56 17.11
CA GLY E 28 -24.12 36.39 17.02
C GLY E 28 -24.92 35.11 16.88
N GLU E 29 -26.07 35.03 17.54
CA GLU E 29 -26.93 33.86 17.40
C GLU E 29 -27.60 33.83 16.04
N LEU E 30 -28.05 34.99 15.55
CA LEU E 30 -28.70 35.05 14.25
C LEU E 30 -27.73 34.67 13.13
N GLU E 31 -26.45 35.02 13.28
CA GLU E 31 -25.45 34.61 12.29
C GLU E 31 -25.28 33.09 12.29
N GLN E 32 -25.30 32.46 13.46
CA GLN E 32 -25.19 31.01 13.52
C GLN E 32 -26.44 30.33 12.97
N THR E 33 -27.60 30.97 13.09
CA THR E 33 -28.82 30.40 12.52
C THR E 33 -28.82 30.51 11.00
N LEU E 34 -28.45 31.68 10.47
CA LEU E 34 -28.36 31.84 9.03
C LEU E 34 -27.32 30.90 8.42
N LEU E 35 -26.16 30.78 9.07
CA LEU E 35 -25.12 29.90 8.56
C LEU E 35 -25.50 28.44 8.67
N ARG E 36 -26.47 28.11 9.51
CA ARG E 36 -26.89 26.72 9.71
C ARG E 36 -27.98 26.29 8.73
N ILE E 37 -28.76 27.24 8.20
CA ILE E 37 -29.81 26.91 7.23
C ILE E 37 -29.37 27.14 5.80
N GLY E 38 -28.15 27.60 5.57
CA GLY E 38 -27.59 27.70 4.25
C GLY E 38 -27.30 29.10 3.72
N HIS E 39 -27.20 30.11 4.58
CA HIS E 39 -26.93 31.48 4.17
C HIS E 39 -25.57 31.90 4.70
N GLU E 40 -24.65 32.18 3.77
CA GLU E 40 -23.28 32.55 4.14
C GLU E 40 -23.23 34.02 4.55
N VAL E 41 -22.81 34.27 5.78
CA VAL E 41 -22.68 35.63 6.30
C VAL E 41 -21.25 36.10 6.05
N GLU E 42 -21.11 37.18 5.28
CA GLU E 42 -19.78 37.70 4.98
C GLU E 42 -19.22 38.53 6.13
N GLU E 43 -20.02 39.46 6.65
CA GLU E 43 -19.54 40.37 7.70
C GLU E 43 -20.72 40.82 8.54
N VAL E 44 -20.45 41.06 9.83
CA VAL E 44 -21.45 41.52 10.78
C VAL E 44 -20.90 42.83 11.35
N ILE E 45 -21.24 43.94 10.69
CA ILE E 45 -20.71 45.25 11.04
C ILE E 45 -21.78 46.02 11.82
N PRO E 46 -21.47 46.53 13.01
CA PRO E 46 -22.42 47.41 13.71
C PRO E 46 -22.42 48.82 13.13
N LEU E 47 -23.12 49.74 13.77
CA LEU E 47 -23.16 51.13 13.36
C LEU E 47 -22.50 52.00 14.41
N GLY E 48 -21.73 52.99 13.95
CA GLY E 48 -21.00 53.85 14.84
C GLY E 48 -19.83 53.14 15.49
N PRO E 49 -19.75 53.18 16.82
CA PRO E 49 -20.64 53.90 17.75
C PRO E 49 -20.07 55.26 18.14
N VAL E 50 -20.92 56.17 18.63
CA VAL E 50 -20.47 57.47 19.11
C VAL E 50 -20.97 57.64 20.54
N ASP E 51 -20.48 58.70 21.19
CA ASP E 51 -20.87 58.99 22.56
C ASP E 51 -20.57 60.46 22.86
N GLY E 52 -21.30 60.99 23.84
CA GLY E 52 -21.07 62.34 24.29
C GLY E 52 -21.75 63.39 23.43
N PRO E 53 -20.95 64.27 22.82
CA PRO E 53 -21.50 65.41 22.06
C PRO E 53 -21.79 65.07 20.60
N VAL E 54 -22.87 64.32 20.37
CA VAL E 54 -23.33 63.97 19.03
C VAL E 54 -24.84 64.18 19.02
N THR E 55 -25.28 65.29 18.44
CA THR E 55 -26.69 65.63 18.41
C THR E 55 -27.06 66.14 17.02
N VAL E 56 -28.35 66.37 16.81
CA VAL E 56 -28.89 66.86 15.55
C VAL E 56 -29.16 68.35 15.69
N GLY E 57 -28.76 69.12 14.67
CA GLY E 57 -28.94 70.55 14.68
C GLY E 57 -29.53 71.05 13.37
N ARG E 58 -29.98 72.29 13.39
CA ARG E 58 -30.56 72.96 12.24
C ARG E 58 -29.69 74.15 11.84
N VAL E 59 -29.47 74.31 10.54
CA VAL E 59 -28.61 75.38 10.04
C VAL E 59 -29.42 76.66 9.93
N ALA E 60 -28.82 77.77 10.38
CA ALA E 60 -29.46 79.07 10.33
C ALA E 60 -28.47 80.15 9.94
N ARG E 73 -18.35 77.61 4.72
CA ARG E 73 -19.67 78.19 4.89
C ARG E 73 -20.20 77.93 6.30
N ALA E 74 -19.71 78.70 7.27
CA ALA E 74 -20.12 78.51 8.66
C ALA E 74 -21.47 79.18 8.91
N CYS E 75 -22.23 78.57 9.82
CA CYS E 75 -23.54 79.11 10.19
C CYS E 75 -23.91 78.59 11.58
N ALA E 76 -24.90 79.23 12.18
CA ALA E 76 -25.34 78.86 13.50
C ALA E 76 -26.14 77.56 13.44
N VAL E 77 -25.77 76.60 14.29
CA VAL E 77 -26.42 75.29 14.34
C VAL E 77 -27.11 75.16 15.69
N ASP E 78 -28.44 75.04 15.65
CA ASP E 78 -29.25 74.91 16.87
C ASP E 78 -29.07 73.52 17.44
N ILE E 79 -28.18 73.38 18.42
CA ILE E 79 -27.95 72.08 19.06
C ILE E 79 -29.05 71.71 20.05
N GLY E 80 -30.06 72.55 20.21
CA GLY E 80 -31.14 72.27 21.12
C GLY E 80 -31.23 73.22 22.30
N ASP E 81 -32.46 73.59 22.68
CA ASP E 81 -32.71 74.42 23.85
C ASP E 81 -32.05 75.79 23.74
N ARG E 82 -31.98 76.32 22.52
CA ARG E 82 -31.44 77.65 22.25
C ARG E 82 -30.00 77.78 22.74
N GLN E 83 -29.14 76.89 22.23
CA GLN E 83 -27.72 76.91 22.52
C GLN E 83 -26.94 76.87 21.20
N TYR E 84 -27.11 77.94 20.41
CA TYR E 84 -26.59 77.97 19.05
C TYR E 84 -25.06 77.94 19.05
N ARG E 85 -24.50 77.07 18.22
CA ARG E 85 -23.06 76.98 18.00
C ARG E 85 -22.79 76.93 16.51
N GLU E 86 -21.64 77.46 16.11
CA GLU E 86 -21.27 77.55 14.70
C GLU E 86 -20.08 76.65 14.39
N ILE E 87 -19.93 76.34 13.11
CA ILE E 87 -18.85 75.50 12.64
C ILE E 87 -18.29 76.04 11.32
N ALA E 91 -19.57 69.85 1.47
CA ALA E 91 -19.97 71.15 1.97
C ALA E 91 -21.10 71.75 1.12
N THR E 92 -21.17 71.32 -0.14
CA THR E 92 -22.19 71.81 -1.06
C THR E 92 -23.55 71.15 -0.85
N ASN E 93 -23.63 70.11 -0.02
CA ASN E 93 -24.87 69.36 0.17
C ASN E 93 -25.96 70.20 0.78
N PHE E 94 -25.78 70.61 2.03
CA PHE E 94 -26.85 71.25 2.78
C PHE E 94 -26.94 72.74 2.49
N ALA E 95 -28.11 73.30 2.77
CA ALA E 95 -28.33 74.74 2.69
C ALA E 95 -28.76 75.27 4.04
N VAL E 96 -29.61 76.30 4.06
CA VAL E 96 -30.12 76.87 5.29
C VAL E 96 -31.49 76.27 5.58
N GLY E 97 -31.65 75.70 6.78
CA GLY E 97 -32.90 75.09 7.20
C GLY E 97 -32.88 73.58 7.20
N ASP E 98 -31.85 72.94 6.67
CA ASP E 98 -31.77 71.50 6.63
C ASP E 98 -31.24 70.96 7.95
N LEU E 99 -31.92 69.95 8.49
CA LEU E 99 -31.46 69.32 9.74
C LEU E 99 -30.21 68.49 9.47
N VAL E 100 -29.16 68.74 10.25
CA VAL E 100 -27.89 68.05 10.10
C VAL E 100 -27.45 67.49 11.44
N VAL E 101 -26.50 66.56 11.40
CA VAL E 101 -25.92 65.94 12.58
C VAL E 101 -24.50 66.47 12.74
N VAL E 102 -24.18 66.91 13.96
CA VAL E 102 -22.88 67.49 14.25
C VAL E 102 -22.26 66.78 15.44
N ALA E 103 -20.96 66.53 15.37
CA ALA E 103 -20.19 66.07 16.53
C ALA E 103 -19.63 67.31 17.21
N LEU E 104 -20.33 67.78 18.25
CA LEU E 104 -19.97 69.02 18.90
C LEU E 104 -18.54 68.95 19.43
N PRO E 105 -17.86 70.12 19.59
CA PRO E 105 -16.43 70.13 19.94
C PRO E 105 -16.04 69.14 21.02
N GLY E 106 -15.00 68.36 20.74
CA GLY E 106 -14.67 67.21 21.56
C GLY E 106 -15.25 65.95 20.96
N ALA E 107 -15.13 65.83 19.64
CA ALA E 107 -15.75 64.73 18.92
C ALA E 107 -15.13 63.40 19.29
N THR E 108 -15.89 62.33 19.07
CA THR E 108 -15.44 60.96 19.31
C THR E 108 -16.02 60.04 18.25
N LEU E 109 -15.79 60.37 16.98
CA LEU E 109 -16.30 59.58 15.89
C LEU E 109 -15.38 58.39 15.60
N PRO E 110 -15.94 57.29 15.10
CA PRO E 110 -15.11 56.11 14.80
C PRO E 110 -14.08 56.41 13.72
N GLY E 111 -12.81 56.17 14.04
CA GLY E 111 -12.39 55.64 15.32
C GLY E 111 -11.34 56.49 16.02
N GLY E 112 -11.80 57.34 16.94
CA GLY E 112 -10.90 58.19 17.69
C GLY E 112 -10.73 59.59 17.15
N PHE E 113 -11.52 60.00 16.15
CA PHE E 113 -11.42 61.33 15.56
C PHE E 113 -11.89 62.36 16.59
N THR E 114 -10.94 63.06 17.20
CA THR E 114 -11.26 64.07 18.20
C THR E 114 -10.73 65.43 17.79
N ASP E 126 -13.94 74.93 16.06
CA ASP E 126 -15.40 74.95 16.12
C ASP E 126 -15.95 73.53 16.15
N GLY E 127 -17.14 73.35 15.58
CA GLY E 127 -17.80 72.05 15.57
C GLY E 127 -17.44 71.33 14.26
N MET E 128 -18.21 70.29 13.91
CA MET E 128 -17.94 69.51 12.70
C MET E 128 -19.26 68.91 12.23
N ILE E 129 -19.73 69.34 11.06
CA ILE E 129 -20.93 68.79 10.47
C ILE E 129 -20.57 67.43 9.87
N CYS E 130 -21.06 66.36 10.48
CA CYS E 130 -20.69 65.01 10.09
C CYS E 130 -21.40 64.58 8.81
N SER E 131 -20.90 63.50 8.22
CA SER E 131 -21.48 62.90 7.03
C SER E 131 -21.89 61.46 7.34
N ALA E 132 -22.40 60.77 6.32
CA ALA E 132 -22.79 59.37 6.51
C ALA E 132 -21.57 58.47 6.68
N ALA E 133 -20.44 58.84 6.06
CA ALA E 133 -19.24 58.01 6.15
C ALA E 133 -18.46 58.29 7.42
N GLU E 134 -18.45 59.55 7.89
CA GLU E 134 -17.72 59.88 9.11
C GLU E 134 -18.37 59.27 10.34
N LEU E 135 -19.69 59.08 10.32
CA LEU E 135 -20.42 58.49 11.42
C LEU E 135 -20.51 56.97 11.32
N ASN E 136 -19.89 56.37 10.30
CA ASN E 136 -19.97 54.93 10.04
C ASN E 136 -21.44 54.49 9.89
N LEU E 137 -22.04 54.98 8.81
CA LEU E 137 -23.45 54.71 8.53
C LEU E 137 -23.76 54.49 7.06
N GLY E 138 -23.07 55.14 6.13
CA GLY E 138 -23.31 54.95 4.71
C GLY E 138 -22.08 55.29 3.91
N ALA E 139 -22.29 55.79 2.70
CA ALA E 139 -21.19 56.16 1.82
C ALA E 139 -20.65 57.54 2.17
N SER E 142 -20.43 61.56 -0.37
CA SER E 142 -19.73 62.77 -0.82
C SER E 142 -19.91 63.91 0.18
N GLY E 143 -21.10 64.49 0.20
CA GLY E 143 -21.41 65.57 1.11
C GLY E 143 -21.66 65.10 2.52
N ILE E 144 -22.32 65.94 3.30
CA ILE E 144 -22.61 65.66 4.69
C ILE E 144 -24.02 65.06 4.79
N LEU E 145 -24.33 64.51 5.96
CA LEU E 145 -25.63 63.89 6.18
C LEU E 145 -26.69 64.98 6.41
N VAL E 146 -27.80 64.88 5.69
CA VAL E 146 -28.89 65.83 5.77
C VAL E 146 -30.15 65.07 6.15
N LEU E 147 -30.61 65.26 7.39
CA LEU E 147 -31.85 64.63 7.82
C LEU E 147 -33.04 65.36 7.22
N PRO E 148 -34.09 64.63 6.83
CA PRO E 148 -35.25 65.27 6.22
C PRO E 148 -36.00 66.13 7.23
N PRO E 149 -36.78 67.11 6.76
CA PRO E 149 -37.54 67.95 7.69
C PRO E 149 -38.55 67.12 8.48
N GLY E 150 -38.54 67.29 9.80
CA GLY E 150 -39.41 66.55 10.68
C GLY E 150 -38.86 65.21 11.13
N ALA E 151 -37.61 64.87 10.77
CA ALA E 151 -37.04 63.60 11.19
C ALA E 151 -36.73 63.60 12.68
N ALA E 152 -36.31 64.74 13.22
CA ALA E 152 -35.99 64.85 14.64
C ALA E 152 -35.94 66.32 15.02
N GLU E 153 -36.42 66.61 16.23
CA GLU E 153 -36.33 67.97 16.75
C GLU E 153 -34.85 68.34 16.97
N PRO E 154 -34.44 69.55 16.56
CA PRO E 154 -33.04 69.96 16.77
C PRO E 154 -32.61 69.86 18.23
N GLY E 155 -31.80 68.86 18.54
CA GLY E 155 -31.33 68.65 19.90
C GLY E 155 -31.46 67.22 20.36
N ALA E 156 -32.11 66.38 19.55
CA ALA E 156 -32.30 64.98 19.91
C ALA E 156 -30.98 64.23 19.89
N ASP E 157 -30.98 63.05 20.51
CA ASP E 157 -29.78 62.22 20.57
C ASP E 157 -29.43 61.71 19.18
N GLY E 158 -28.19 61.94 18.76
CA GLY E 158 -27.76 61.50 17.45
C GLY E 158 -27.74 59.99 17.31
N ALA E 159 -27.26 59.29 18.33
CA ALA E 159 -27.21 57.84 18.27
C ALA E 159 -28.60 57.22 18.27
N GLY E 160 -29.58 57.92 18.85
CA GLY E 160 -30.94 57.42 18.87
C GLY E 160 -31.69 57.68 17.59
N VAL E 161 -31.46 58.84 16.98
CA VAL E 161 -32.13 59.17 15.72
C VAL E 161 -31.53 58.37 14.57
N LEU E 162 -30.20 58.33 14.49
CA LEU E 162 -29.54 57.57 13.43
C LEU E 162 -29.70 56.07 13.62
N GLY E 163 -30.02 55.62 14.83
CA GLY E 163 -30.17 54.20 15.10
C GLY E 163 -28.86 53.46 15.03
N LEU E 164 -27.86 53.93 15.77
CA LEU E 164 -26.54 53.32 15.75
C LEU E 164 -26.48 51.99 16.48
N ASP E 165 -27.50 51.66 17.28
CA ASP E 165 -27.53 50.37 17.96
C ASP E 165 -27.84 49.22 17.02
N ASP E 166 -28.15 49.50 15.76
CA ASP E 166 -28.49 48.48 14.78
C ASP E 166 -27.24 47.80 14.26
N VAL E 167 -27.43 46.66 13.61
CA VAL E 167 -26.35 45.85 13.07
C VAL E 167 -26.72 45.45 11.64
N VAL E 168 -25.82 45.71 10.70
CA VAL E 168 -26.05 45.38 9.30
C VAL E 168 -25.43 44.03 9.00
N PHE E 169 -26.20 43.15 8.36
CA PHE E 169 -25.73 41.83 7.98
C PHE E 169 -25.45 41.79 6.49
N HIS E 170 -24.21 41.44 6.12
CA HIS E 170 -23.81 41.30 4.73
C HIS E 170 -23.82 39.82 4.39
N LEU E 171 -24.76 39.40 3.54
CA LEU E 171 -24.94 38.01 3.21
C LEU E 171 -24.57 37.74 1.76
N ALA E 172 -24.08 36.53 1.50
CA ALA E 172 -23.75 36.06 0.16
C ALA E 172 -24.79 34.99 -0.21
N ILE E 173 -25.78 35.39 -0.99
CA ILE E 173 -26.89 34.51 -1.33
C ILE E 173 -26.50 33.62 -2.50
N THR E 174 -26.68 32.30 -2.34
CA THR E 174 -26.39 31.37 -3.41
C THR E 174 -27.40 31.55 -4.53
N PRO E 175 -27.02 31.24 -5.78
CA PRO E 175 -27.91 31.53 -6.92
C PRO E 175 -29.20 30.72 -6.92
N ASP E 176 -29.29 29.62 -6.18
CA ASP E 176 -30.52 28.85 -6.13
C ASP E 176 -31.56 29.46 -5.20
N ARG E 177 -31.23 30.52 -4.48
CA ARG E 177 -32.17 31.11 -3.53
C ARG E 177 -32.41 32.59 -3.84
N GLY E 178 -32.83 32.88 -5.07
CA GLY E 178 -33.12 34.25 -5.45
C GLY E 178 -34.23 34.89 -4.65
N TYR E 179 -35.09 34.08 -4.01
CA TYR E 179 -36.13 34.62 -3.16
C TYR E 179 -35.57 35.24 -1.89
N CYS E 180 -34.31 34.97 -1.55
CA CYS E 180 -33.66 35.55 -0.38
C CYS E 180 -32.97 36.88 -0.68
N MET E 181 -33.22 37.47 -1.85
CA MET E 181 -32.68 38.77 -2.19
C MET E 181 -33.54 39.91 -1.67
N SER E 182 -34.17 39.74 -0.51
CA SER E 182 -35.07 40.74 0.05
C SER E 182 -35.26 40.44 1.53
N VAL E 183 -36.02 41.32 2.20
CA VAL E 183 -36.37 41.06 3.59
C VAL E 183 -37.46 40.00 3.68
N ARG E 184 -38.32 39.90 2.66
CA ARG E 184 -39.39 38.90 2.66
C ARG E 184 -38.83 37.49 2.73
N GLY E 185 -37.85 37.19 1.89
CA GLY E 185 -37.31 35.83 1.87
C GLY E 185 -36.51 35.50 3.12
N LEU E 186 -35.68 36.44 3.58
CA LEU E 186 -34.85 36.17 4.75
C LEU E 186 -35.68 36.11 6.02
N ALA E 187 -36.73 36.93 6.13
CA ALA E 187 -37.63 36.81 7.27
C ALA E 187 -38.39 35.49 7.24
N ARG E 188 -38.72 34.99 6.05
CA ARG E 188 -39.36 33.68 5.95
C ARG E 188 -38.40 32.57 6.38
N GLU E 189 -37.13 32.69 6.00
CA GLU E 189 -36.14 31.67 6.39
C GLU E 189 -35.97 31.63 7.91
N LEU E 190 -35.96 32.79 8.56
CA LEU E 190 -35.84 32.82 10.01
C LEU E 190 -37.06 32.21 10.68
N ALA E 191 -38.26 32.46 10.12
CA ALA E 191 -39.46 31.86 10.67
C ALA E 191 -39.44 30.35 10.55
N CYS E 192 -38.80 29.83 9.49
CA CYS E 192 -38.67 28.38 9.34
C CYS E 192 -37.70 27.82 10.37
N ALA E 193 -36.54 28.47 10.55
CA ALA E 193 -35.52 27.95 11.44
C ALA E 193 -35.97 28.01 12.90
N TYR E 194 -36.71 29.07 13.27
CA TYR E 194 -37.17 29.24 14.63
C TYR E 194 -38.61 28.76 14.83
N ASP E 195 -39.18 28.09 13.84
CA ASP E 195 -40.53 27.53 13.92
C ASP E 195 -41.54 28.60 14.38
N LEU E 196 -41.54 29.72 13.66
CA LEU E 196 -42.36 30.87 14.00
C LEU E 196 -43.55 31.00 13.05
N ASP E 197 -44.53 31.77 13.49
CA ASP E 197 -45.64 32.15 12.63
C ASP E 197 -45.24 33.34 11.78
N PHE E 198 -45.40 33.22 10.46
CA PHE E 198 -44.89 34.20 9.52
C PHE E 198 -46.03 34.96 8.84
N VAL E 199 -45.88 36.27 8.77
CA VAL E 199 -46.83 37.15 8.07
C VAL E 199 -46.14 37.66 6.82
N ASP E 200 -46.60 37.21 5.66
CA ASP E 200 -46.00 37.61 4.39
C ASP E 200 -46.23 39.09 4.15
N PRO E 201 -45.18 39.91 4.02
CA PRO E 201 -45.37 41.34 3.76
C PRO E 201 -45.90 41.64 2.37
N ALA E 202 -46.08 40.63 1.51
CA ALA E 202 -46.63 40.82 0.18
C ALA E 202 -48.07 40.32 0.06
N SER E 203 -48.69 39.95 1.17
CA SER E 203 -50.05 39.42 1.14
C SER E 203 -51.06 40.57 1.00
N ASN E 204 -52.27 40.20 0.57
CA ASN E 204 -53.33 41.17 0.41
C ASN E 204 -53.94 41.62 1.73
N SER E 205 -53.74 40.86 2.80
N SER E 205 -53.77 40.84 2.79
CA SER E 205 -54.13 41.33 4.12
CA SER E 205 -54.46 41.08 4.06
C SER E 205 -53.15 42.36 4.67
C SER E 205 -53.80 42.15 4.90
N ARG E 206 -51.89 42.33 4.22
N ARG E 206 -52.60 42.61 4.54
CA ARG E 206 -50.91 43.34 4.59
CA ARG E 206 -51.99 43.70 5.29
C ARG E 206 -50.79 44.47 3.56
C ARG E 206 -52.83 44.98 5.19
N VAL E 207 -51.13 44.20 2.31
N VAL E 207 -53.35 45.26 3.99
CA VAL E 207 -51.15 45.21 1.27
CA VAL E 207 -54.19 46.42 3.72
C VAL E 207 -52.58 45.30 0.72
C VAL E 207 -54.97 46.09 2.46
N PRO E 208 -53.35 46.30 1.15
N PRO E 208 -56.27 46.39 2.40
CA PRO E 208 -54.74 46.41 0.71
CA PRO E 208 -57.06 46.06 1.21
C PRO E 208 -54.82 46.61 -0.79
C PRO E 208 -56.42 46.64 -0.06
N PRO E 209 -55.64 45.79 -1.48
N PRO E 209 -56.40 45.87 -1.14
CA PRO E 209 -55.75 45.91 -2.94
CA PRO E 209 -55.69 46.31 -2.36
C PRO E 209 -56.41 47.23 -3.33
C PRO E 209 -56.31 47.56 -2.96
N LEU E 210 -55.64 48.08 -4.01
CA LEU E 210 -56.17 49.32 -4.55
C LEU E 210 -57.23 49.03 -5.61
N PRO E 211 -58.21 49.92 -5.77
CA PRO E 211 -59.30 49.65 -6.72
C PRO E 211 -58.80 49.53 -8.15
N ILE E 212 -59.56 48.80 -8.96
CA ILE E 212 -59.27 48.59 -10.37
C ILE E 212 -60.49 49.07 -11.14
N GLU E 213 -60.46 50.32 -11.61
CA GLU E 213 -61.59 50.93 -12.30
C GLU E 213 -61.34 51.12 -13.79
N GLY E 214 -60.27 50.54 -14.33
CA GLY E 214 -59.97 50.64 -15.74
C GLY E 214 -58.49 50.54 -16.02
N PRO E 215 -58.13 50.54 -17.31
CA PRO E 215 -56.71 50.45 -17.68
C PRO E 215 -55.93 51.67 -17.21
N ALA E 216 -54.65 51.45 -16.90
CA ALA E 216 -53.78 52.53 -16.47
C ALA E 216 -53.04 53.17 -17.63
N TRP E 217 -52.65 52.38 -18.62
CA TRP E 217 -51.93 52.86 -19.79
C TRP E 217 -51.96 51.80 -20.88
N PRO E 218 -52.10 52.19 -22.15
CA PRO E 218 -52.07 51.18 -23.23
C PRO E 218 -50.71 50.50 -23.29
N LEU E 219 -50.74 49.18 -23.50
CA LEU E 219 -49.54 48.38 -23.46
C LEU E 219 -49.61 47.29 -24.52
N THR E 220 -48.52 47.15 -25.28
CA THR E 220 -48.37 46.09 -26.26
C THR E 220 -47.10 45.30 -25.93
N VAL E 221 -47.17 43.98 -26.09
CA VAL E 221 -46.08 43.09 -25.71
C VAL E 221 -45.95 41.99 -26.75
N GLN E 222 -44.72 41.65 -27.10
CA GLN E 222 -44.45 40.52 -27.97
C GLN E 222 -44.25 39.28 -27.11
N PRO E 223 -45.06 38.23 -27.28
CA PRO E 223 -45.00 37.09 -26.35
C PRO E 223 -43.72 36.27 -26.45
N GLU E 224 -42.89 36.48 -27.48
CA GLU E 224 -41.67 35.72 -27.66
C GLU E 224 -40.47 36.34 -26.96
N THR E 225 -40.69 37.32 -26.08
CA THR E 225 -39.59 37.99 -25.40
C THR E 225 -39.36 37.50 -23.98
N GLY E 226 -40.23 36.64 -23.46
CA GLY E 226 -40.03 36.04 -22.16
C GLY E 226 -40.64 36.78 -20.99
N VAL E 227 -41.48 37.77 -21.23
CA VAL E 227 -42.13 38.50 -20.15
C VAL E 227 -43.30 37.67 -19.62
N ARG E 228 -43.35 37.48 -18.32
CA ARG E 228 -44.42 36.71 -17.69
C ARG E 228 -45.54 37.57 -17.13
N ARG E 229 -45.24 38.79 -16.69
CA ARG E 229 -46.25 39.68 -16.14
C ARG E 229 -45.77 41.11 -16.22
N PHE E 230 -46.68 42.04 -16.50
CA PHE E 230 -46.36 43.45 -16.61
C PHE E 230 -47.52 44.24 -16.02
N ALA E 231 -47.28 44.93 -14.91
CA ALA E 231 -48.30 45.67 -14.19
C ALA E 231 -47.94 47.15 -14.13
N LEU E 232 -48.95 48.01 -14.25
CA LEU E 232 -48.76 49.46 -14.24
C LEU E 232 -49.85 50.11 -13.42
N ARG E 233 -49.47 51.10 -12.62
CA ARG E 233 -50.43 51.89 -11.84
C ARG E 233 -49.84 53.28 -11.64
N PRO E 234 -50.57 54.33 -12.00
CA PRO E 234 -50.04 55.69 -11.90
C PRO E 234 -50.34 56.35 -10.56
N VAL E 235 -49.51 57.34 -10.23
CA VAL E 235 -49.70 58.20 -9.08
C VAL E 235 -49.72 59.64 -9.56
N ILE E 236 -50.72 60.40 -9.12
CA ILE E 236 -50.99 61.74 -9.65
C ILE E 236 -50.80 62.76 -8.54
N GLY E 237 -50.11 63.86 -8.87
CA GLY E 237 -50.04 65.01 -8.00
C GLY E 237 -49.20 64.87 -6.75
N ILE E 238 -47.94 64.49 -6.92
CA ILE E 238 -47.03 64.38 -5.79
C ILE E 238 -46.28 65.70 -5.63
N ASP E 239 -45.78 65.94 -4.42
CA ASP E 239 -45.05 67.17 -4.14
C ASP E 239 -43.59 67.00 -4.58
N PRO E 240 -43.12 67.78 -5.56
CA PRO E 240 -41.72 67.64 -5.99
C PRO E 240 -40.71 67.99 -4.92
N ALA E 241 -41.03 68.95 -4.05
CA ALA E 241 -40.11 69.36 -2.99
C ALA E 241 -40.12 68.41 -1.81
N ALA E 242 -41.04 67.45 -1.76
CA ALA E 242 -41.09 66.52 -0.65
C ALA E 242 -39.94 65.52 -0.71
N VAL E 243 -39.49 65.09 0.46
CA VAL E 243 -38.39 64.14 0.57
C VAL E 243 -38.87 62.94 1.39
N SER E 244 -38.16 61.83 1.22
CA SER E 244 -38.52 60.60 1.92
C SER E 244 -38.24 60.74 3.41
N PRO E 245 -39.05 60.12 4.27
CA PRO E 245 -38.80 60.18 5.71
C PRO E 245 -37.48 59.51 6.06
N TRP E 246 -37.03 59.79 7.29
CA TRP E 246 -35.71 59.31 7.71
C TRP E 246 -35.67 57.79 7.83
N TRP E 247 -36.75 57.17 8.30
CA TRP E 247 -36.77 55.72 8.44
C TRP E 247 -36.65 55.03 7.10
N LEU E 248 -37.14 55.67 6.03
CA LEU E 248 -37.03 55.08 4.70
C LEU E 248 -35.64 55.30 4.11
N GLN E 249 -35.09 56.50 4.25
CA GLN E 249 -33.77 56.78 3.71
C GLN E 249 -32.69 56.00 4.47
N ARG E 250 -32.85 55.86 5.79
CA ARG E 250 -31.87 55.14 6.58
C ARG E 250 -31.80 53.68 6.19
N ARG E 251 -32.97 53.04 5.99
CA ARG E 251 -32.97 51.64 5.58
C ARG E 251 -32.40 51.44 4.19
N LEU E 252 -32.49 52.47 3.33
CA LEU E 252 -31.86 52.37 2.02
C LEU E 252 -30.35 52.43 2.13
N LEU E 253 -29.82 53.34 2.96
CA LEU E 253 -28.37 53.46 3.11
C LEU E 253 -27.79 52.21 3.77
N LEU E 254 -28.49 51.64 4.74
CA LEU E 254 -28.00 50.44 5.40
C LEU E 254 -28.00 49.22 4.46
N CYS E 255 -28.78 49.28 3.38
CA CYS E 255 -28.80 48.22 2.39
C CYS E 255 -27.91 48.52 1.18
N GLY E 256 -27.25 49.67 1.16
CA GLY E 256 -26.35 49.99 0.08
C GLY E 256 -26.98 50.70 -1.10
N ILE E 257 -28.00 51.52 -0.87
CA ILE E 257 -28.69 52.27 -1.91
C ILE E 257 -28.86 53.69 -1.43
N ARG E 258 -28.37 54.66 -2.20
CA ARG E 258 -28.48 56.06 -1.83
C ARG E 258 -29.87 56.59 -2.16
N ALA E 259 -30.44 57.37 -1.25
CA ALA E 259 -31.75 57.95 -1.45
C ALA E 259 -31.67 59.09 -2.47
N THR E 260 -32.76 59.26 -3.22
CA THR E 260 -32.82 60.30 -4.24
C THR E 260 -34.07 61.16 -4.07
N CYS E 261 -35.22 60.60 -4.40
CA CYS E 261 -36.50 61.29 -4.30
C CYS E 261 -37.55 60.26 -3.88
N PRO E 262 -38.65 60.71 -3.27
CA PRO E 262 -39.67 59.75 -2.82
C PRO E 262 -40.20 58.84 -3.91
N ALA E 263 -40.21 59.29 -5.17
CA ALA E 263 -40.71 58.42 -6.24
C ALA E 263 -39.76 57.26 -6.51
N VAL E 264 -38.46 57.51 -6.45
CA VAL E 264 -37.48 56.44 -6.68
C VAL E 264 -37.15 55.70 -5.39
N ASP E 265 -37.21 56.38 -4.24
CA ASP E 265 -36.89 55.72 -2.97
C ASP E 265 -37.87 54.60 -2.66
N VAL E 266 -39.15 54.78 -2.98
CA VAL E 266 -40.12 53.73 -2.69
C VAL E 266 -39.94 52.56 -3.65
N THR E 267 -39.47 52.81 -4.88
CA THR E 267 -39.25 51.72 -5.82
C THR E 267 -38.08 50.84 -5.38
N ASN E 268 -37.03 51.44 -4.83
CA ASN E 268 -35.92 50.67 -4.29
C ASN E 268 -36.24 50.08 -2.92
N TYR E 269 -37.07 50.76 -2.13
CA TYR E 269 -37.42 50.25 -0.82
C TYR E 269 -38.30 49.01 -0.92
N VAL E 270 -39.25 49.00 -1.86
CA VAL E 270 -40.10 47.84 -2.04
C VAL E 270 -39.33 46.68 -2.65
N MET E 271 -38.35 46.97 -3.51
CA MET E 271 -37.48 45.92 -4.03
C MET E 271 -36.75 45.20 -2.91
N LEU E 272 -36.19 45.97 -1.98
CA LEU E 272 -35.49 45.37 -0.84
C LEU E 272 -36.44 44.70 0.13
N GLU E 273 -37.71 45.11 0.17
CA GLU E 273 -38.65 44.53 1.12
C GLU E 273 -39.27 43.25 0.58
N LEU E 274 -39.86 43.29 -0.61
CA LEU E 274 -40.62 42.17 -1.13
C LEU E 274 -39.87 41.35 -2.18
N GLY E 275 -38.77 41.86 -2.73
CA GLY E 275 -38.02 41.15 -3.73
C GLY E 275 -38.43 41.42 -5.16
N HIS E 276 -39.55 42.11 -5.37
CA HIS E 276 -39.99 42.46 -6.72
C HIS E 276 -39.47 43.85 -7.04
N PRO E 277 -38.46 43.99 -7.90
CA PRO E 277 -37.90 45.32 -8.18
C PRO E 277 -38.90 46.19 -8.92
N MET E 278 -38.92 47.47 -8.55
CA MET E 278 -39.86 48.44 -9.09
C MET E 278 -39.11 49.61 -9.73
N HIS E 279 -39.72 50.19 -10.76
CA HIS E 279 -39.15 51.34 -11.43
C HIS E 279 -40.25 52.36 -11.70
N ALA E 280 -39.98 53.61 -11.40
CA ALA E 280 -40.94 54.70 -11.55
C ALA E 280 -40.64 55.47 -12.83
N HIS E 281 -41.67 55.72 -13.62
CA HIS E 281 -41.56 56.52 -14.84
C HIS E 281 -42.30 57.83 -14.67
N ASP E 282 -41.94 58.81 -15.50
CA ASP E 282 -42.65 60.08 -15.55
C ASP E 282 -43.86 59.91 -16.46
N ARG E 283 -45.06 59.97 -15.87
CA ARG E 283 -46.28 59.72 -16.64
C ARG E 283 -46.47 60.75 -17.73
N ASN E 284 -46.14 62.01 -17.46
CA ASN E 284 -46.28 63.07 -18.44
C ASN E 284 -45.21 63.01 -19.52
N ARG E 285 -44.10 62.29 -19.29
CA ARG E 285 -43.03 62.15 -20.25
C ARG E 285 -43.12 60.86 -21.05
N ILE E 286 -44.29 60.24 -21.09
CA ILE E 286 -44.54 59.04 -21.89
C ILE E 286 -45.49 59.43 -23.02
N SER E 287 -45.07 59.17 -24.25
CA SER E 287 -45.82 59.56 -25.44
C SER E 287 -46.32 58.30 -26.15
N GLY E 288 -47.62 58.04 -26.03
CA GLY E 288 -48.23 56.93 -26.75
C GLY E 288 -48.31 55.65 -25.96
N THR E 289 -48.42 54.55 -26.68
CA THR E 289 -48.58 53.23 -26.10
C THR E 289 -47.23 52.64 -25.73
N LEU E 290 -47.10 52.18 -24.48
CA LEU E 290 -45.88 51.49 -24.06
C LEU E 290 -45.77 50.14 -24.76
N GLY E 291 -44.54 49.75 -25.08
CA GLY E 291 -44.32 48.51 -25.79
C GLY E 291 -43.08 47.75 -25.36
N VAL E 292 -43.27 46.54 -24.84
CA VAL E 292 -42.16 45.65 -24.54
C VAL E 292 -41.78 44.92 -25.83
N ARG E 293 -40.52 45.03 -26.22
CA ARG E 293 -40.10 44.57 -27.54
C ARG E 293 -38.60 44.29 -27.53
N PHE E 294 -38.19 43.32 -28.34
CA PHE E 294 -36.77 43.08 -28.55
C PHE E 294 -36.09 44.30 -29.13
N ALA E 295 -34.80 44.45 -28.81
CA ALA E 295 -34.02 45.56 -29.33
C ALA E 295 -33.60 45.28 -30.77
N ARG E 296 -32.97 46.27 -31.40
CA ARG E 296 -32.45 46.15 -32.75
C ARG E 296 -30.93 46.27 -32.73
N SER E 297 -30.29 45.76 -33.77
CA SER E 297 -28.84 45.85 -33.88
C SER E 297 -28.42 47.30 -34.09
N GLY E 298 -27.41 47.74 -33.34
CA GLY E 298 -26.96 49.11 -33.39
C GLY E 298 -27.81 50.11 -32.64
N GLU E 299 -29.00 49.70 -32.17
CA GLU E 299 -29.84 50.60 -31.41
C GLU E 299 -29.20 50.91 -30.06
N THR E 300 -29.13 52.19 -29.72
CA THR E 300 -28.50 52.64 -28.49
C THR E 300 -29.52 53.42 -27.66
N ALA E 301 -29.65 53.05 -26.40
CA ALA E 301 -30.57 53.69 -25.48
C ALA E 301 -29.79 54.36 -24.36
N VAL E 302 -30.13 55.61 -24.07
CA VAL E 302 -29.47 56.36 -23.00
C VAL E 302 -30.16 56.01 -21.68
N THR E 303 -29.43 55.31 -20.80
CA THR E 303 -30.00 54.82 -19.55
C THR E 303 -30.17 55.98 -18.56
N LEU E 304 -30.54 55.64 -17.33
CA LEU E 304 -30.80 56.66 -16.32
C LEU E 304 -29.52 57.36 -15.88
N ASP E 305 -28.38 56.67 -15.97
CA ASP E 305 -27.10 57.25 -15.56
C ASP E 305 -26.52 58.19 -16.61
N GLY E 306 -27.20 58.39 -17.73
CA GLY E 306 -26.69 59.27 -18.77
C GLY E 306 -25.54 58.70 -19.56
N ILE E 307 -25.59 57.40 -19.89
CA ILE E 307 -24.54 56.73 -20.62
C ILE E 307 -25.16 55.99 -21.80
N GLU E 308 -24.55 56.12 -22.97
CA GLU E 308 -25.01 55.38 -24.14
C GLU E 308 -24.70 53.89 -23.97
N ARG E 309 -25.69 53.05 -24.29
CA ARG E 309 -25.56 51.60 -24.14
C ARG E 309 -25.87 50.96 -25.48
N LYS E 310 -24.87 50.35 -26.10
CA LYS E 310 -25.08 49.60 -27.32
C LYS E 310 -25.84 48.31 -27.01
N LEU E 311 -26.95 48.09 -27.71
CA LEU E 311 -27.84 46.98 -27.42
C LEU E 311 -27.69 45.88 -28.46
N ASP E 312 -28.21 44.70 -28.12
CA ASP E 312 -28.13 43.52 -28.95
C ASP E 312 -29.54 43.06 -29.32
N THR E 313 -29.62 42.19 -30.33
CA THR E 313 -30.90 41.68 -30.79
C THR E 313 -31.56 40.75 -29.78
N ALA E 314 -30.84 40.29 -28.76
CA ALA E 314 -31.40 39.42 -27.73
C ALA E 314 -31.72 40.17 -26.44
N ASP E 315 -31.91 41.48 -26.52
CA ASP E 315 -32.22 42.30 -25.36
C ASP E 315 -33.68 42.74 -25.39
N VAL E 316 -34.25 42.93 -24.22
CA VAL E 316 -35.65 43.33 -24.07
C VAL E 316 -35.68 44.81 -23.68
N LEU E 317 -36.62 45.55 -24.29
CA LEU E 317 -36.73 46.98 -24.07
C LEU E 317 -38.17 47.36 -23.76
N ILE E 318 -38.35 48.60 -23.31
CA ILE E 318 -39.65 49.22 -23.14
C ILE E 318 -39.63 50.50 -23.95
N VAL E 319 -40.44 50.55 -25.01
CA VAL E 319 -40.47 51.69 -25.91
C VAL E 319 -41.90 52.17 -26.09
N ASP E 320 -42.03 53.40 -26.60
CA ASP E 320 -43.33 53.97 -26.90
C ASP E 320 -43.38 54.47 -28.34
N ASP E 321 -44.06 55.59 -28.57
CA ASP E 321 -44.12 56.16 -29.91
C ASP E 321 -42.91 56.99 -30.26
N ALA E 322 -41.97 57.19 -29.32
CA ALA E 322 -40.84 58.07 -29.57
C ALA E 322 -39.56 57.30 -29.29
N ALA E 323 -38.98 57.43 -28.09
CA ALA E 323 -37.69 56.84 -27.76
C ALA E 323 -37.88 55.57 -26.93
N THR E 324 -36.84 55.15 -26.21
CA THR E 324 -36.88 53.97 -25.38
C THR E 324 -37.05 54.38 -23.91
N ALA E 325 -37.98 53.72 -23.21
CA ALA E 325 -38.29 54.07 -21.84
C ALA E 325 -37.40 53.35 -20.83
N ALA E 326 -37.05 52.09 -21.10
CA ALA E 326 -36.25 51.31 -20.17
C ALA E 326 -35.69 50.08 -20.88
N ILE E 327 -34.61 49.55 -20.31
CA ILE E 327 -34.05 48.28 -20.75
C ILE E 327 -34.64 47.18 -19.89
N GLY E 328 -35.24 46.19 -20.53
CA GLY E 328 -35.99 45.15 -19.84
C GLY E 328 -35.25 44.45 -18.72
N GLY E 329 -35.58 44.80 -17.48
CA GLY E 329 -35.02 44.15 -16.31
C GLY E 329 -33.63 44.59 -15.92
N VAL E 330 -33.05 45.59 -16.59
CA VAL E 330 -31.70 46.03 -16.28
C VAL E 330 -31.75 47.39 -15.59
N MET E 331 -32.09 48.42 -16.35
CA MET E 331 -32.13 49.78 -15.81
C MET E 331 -32.96 50.66 -16.73
N GLY E 332 -33.74 51.56 -16.14
CA GLY E 332 -34.55 52.46 -16.92
C GLY E 332 -33.74 53.50 -17.66
N ALA E 333 -34.37 54.11 -18.66
CA ALA E 333 -33.74 55.11 -19.49
C ALA E 333 -34.06 56.51 -18.98
N ALA E 334 -33.29 57.49 -19.48
CA ALA E 334 -33.47 58.87 -19.08
C ALA E 334 -34.67 59.54 -19.76
N SER E 335 -35.26 58.90 -20.77
CA SER E 335 -36.42 59.48 -21.43
C SER E 335 -37.60 59.60 -20.49
N THR E 336 -37.82 58.60 -19.65
CA THR E 336 -38.91 58.59 -18.67
C THR E 336 -38.39 58.68 -17.24
N GLU E 337 -37.15 59.13 -17.06
CA GLU E 337 -36.55 59.21 -15.74
C GLU E 337 -37.32 60.20 -14.85
N VAL E 338 -37.54 59.79 -13.60
CA VAL E 338 -38.17 60.67 -12.62
C VAL E 338 -37.18 61.76 -12.24
N ARG E 339 -37.48 63.00 -12.59
CA ARG E 339 -36.61 64.12 -12.27
C ARG E 339 -36.88 64.57 -10.83
N ALA E 340 -36.32 65.72 -10.46
CA ALA E 340 -36.57 66.31 -9.15
C ALA E 340 -37.81 67.20 -9.15
N ASP E 341 -38.63 67.15 -10.21
CA ASP E 341 -39.82 67.96 -10.28
C ASP E 341 -41.03 67.18 -10.79
N SER E 342 -40.95 65.86 -10.89
CA SER E 342 -42.05 65.08 -11.44
C SER E 342 -43.25 65.09 -10.50
N THR E 343 -44.44 65.27 -11.07
CA THR E 343 -45.69 65.26 -10.32
C THR E 343 -46.58 64.07 -10.65
N ASP E 344 -46.51 63.55 -11.87
CA ASP E 344 -47.27 62.38 -12.28
C ASP E 344 -46.30 61.22 -12.52
N VAL E 345 -46.45 60.15 -11.75
CA VAL E 345 -45.54 59.01 -11.78
C VAL E 345 -46.33 57.77 -12.18
N LEU E 346 -45.78 57.00 -13.12
CA LEU E 346 -46.34 55.72 -13.53
C LEU E 346 -45.40 54.62 -13.05
N LEU E 347 -45.87 53.83 -12.09
CA LEU E 347 -45.06 52.77 -11.49
C LEU E 347 -45.14 51.50 -12.32
N GLU E 348 -44.03 50.77 -12.37
CA GLU E 348 -43.90 49.58 -13.21
C GLU E 348 -43.56 48.37 -12.33
N ALA E 349 -44.31 47.29 -12.53
CA ALA E 349 -44.06 46.00 -11.87
C ALA E 349 -44.06 44.93 -12.95
N ALA E 350 -42.87 44.46 -13.32
CA ALA E 350 -42.72 43.55 -14.44
C ALA E 350 -41.94 42.32 -14.02
N ILE E 351 -42.15 41.23 -14.76
CA ILE E 351 -41.43 39.97 -14.56
C ILE E 351 -40.78 39.60 -15.88
N TRP E 352 -39.45 39.72 -15.94
CA TRP E 352 -38.70 39.47 -17.16
C TRP E 352 -38.09 38.06 -17.13
N ASP E 353 -37.69 37.61 -18.31
CA ASP E 353 -37.07 36.30 -18.43
C ASP E 353 -35.70 36.31 -17.77
N PRO E 354 -35.40 35.37 -16.87
CA PRO E 354 -34.09 35.41 -16.19
C PRO E 354 -32.92 35.23 -17.13
N ALA E 355 -33.05 34.38 -18.15
CA ALA E 355 -31.94 34.16 -19.07
C ALA E 355 -31.68 35.39 -19.93
N ALA E 356 -32.73 36.10 -20.34
CA ALA E 356 -32.55 37.30 -21.15
C ALA E 356 -31.94 38.45 -20.36
N VAL E 357 -32.29 38.55 -19.07
CA VAL E 357 -31.74 39.62 -18.24
C VAL E 357 -30.27 39.35 -17.94
N SER E 358 -29.93 38.11 -17.58
CA SER E 358 -28.54 37.77 -17.27
C SER E 358 -27.66 37.89 -18.51
N ARG E 359 -28.20 37.56 -19.69
CA ARG E 359 -27.40 37.67 -20.92
C ARG E 359 -27.17 39.12 -21.30
N THR E 360 -28.09 40.02 -20.94
CA THR E 360 -27.99 41.43 -21.31
C THR E 360 -27.14 42.22 -20.33
N GLN E 361 -27.34 42.02 -19.02
CA GLN E 361 -26.63 42.85 -18.03
C GLN E 361 -25.14 42.53 -18.00
N ARG E 362 -24.75 41.31 -18.38
CA ARG E 362 -23.34 40.97 -18.40
C ARG E 362 -22.63 41.45 -19.65
N ARG E 363 -23.36 41.72 -20.73
CA ARG E 363 -22.73 42.19 -21.96
C ARG E 363 -22.26 43.63 -21.83
N LEU E 364 -23.07 44.49 -21.23
CA LEU E 364 -22.74 45.90 -21.07
C LEU E 364 -22.29 46.26 -19.66
N HIS E 365 -22.06 45.26 -18.81
CA HIS E 365 -21.55 45.45 -17.44
C HIS E 365 -22.47 46.39 -16.65
N LEU E 366 -23.61 45.85 -16.27
CA LEU E 366 -24.60 46.56 -15.45
C LEU E 366 -25.18 45.60 -14.42
N PRO E 367 -24.45 45.34 -13.33
CA PRO E 367 -24.98 44.48 -12.26
C PRO E 367 -25.89 45.25 -11.31
N SER E 368 -26.98 45.79 -11.86
N SER E 368 -26.98 45.79 -11.86
CA SER E 368 -27.92 46.57 -11.07
CA SER E 368 -27.92 46.57 -11.07
C SER E 368 -28.67 45.68 -10.09
C SER E 368 -28.68 45.67 -10.09
N GLU E 369 -29.34 46.31 -9.12
CA GLU E 369 -30.10 45.56 -8.13
C GLU E 369 -31.27 44.82 -8.75
N ALA E 370 -31.84 45.36 -9.83
CA ALA E 370 -32.95 44.70 -10.49
C ALA E 370 -32.49 43.54 -11.36
N ALA E 371 -31.37 43.71 -12.07
CA ALA E 371 -30.88 42.65 -12.94
C ALA E 371 -30.40 41.45 -12.13
N ARG E 372 -29.77 41.71 -10.98
CA ARG E 372 -29.29 40.61 -10.14
C ARG E 372 -30.44 39.77 -9.60
N ARG E 373 -31.61 40.37 -9.39
CA ARG E 373 -32.75 39.64 -8.86
C ARG E 373 -33.57 38.99 -9.96
N TYR E 374 -33.63 39.59 -11.15
CA TYR E 374 -34.39 38.99 -12.24
C TYR E 374 -33.70 37.75 -12.77
N GLU E 375 -32.37 37.73 -12.83
CA GLU E 375 -31.66 36.55 -13.28
C GLU E 375 -31.80 35.39 -12.31
N ARG E 376 -32.02 35.69 -11.03
CA ARG E 376 -32.29 34.68 -10.02
C ARG E 376 -33.78 34.41 -9.85
N THR E 377 -34.60 34.84 -10.82
N THR E 377 -34.60 34.86 -10.81
CA THR E 377 -36.06 34.69 -10.82
CA THR E 377 -36.05 34.69 -10.82
C THR E 377 -36.71 35.51 -9.71
C THR E 377 -36.74 35.45 -9.70
N VAL E 378 -37.82 36.16 -10.03
CA VAL E 378 -38.59 36.94 -9.07
C VAL E 378 -40.00 36.37 -9.02
N ASP E 379 -40.56 36.29 -7.82
CA ASP E 379 -41.91 35.78 -7.58
C ASP E 379 -42.93 36.53 -8.44
N PRO E 380 -43.51 35.88 -9.45
CA PRO E 380 -44.43 36.58 -10.36
C PRO E 380 -45.82 36.82 -9.77
N ALA E 381 -46.12 36.28 -8.59
CA ALA E 381 -47.44 36.40 -8.01
C ALA E 381 -47.61 37.65 -7.15
N ILE E 382 -46.54 38.41 -6.91
CA ILE E 382 -46.60 39.58 -6.06
C ILE E 382 -46.44 40.87 -6.87
N SER E 383 -46.60 40.79 -8.19
CA SER E 383 -46.38 41.98 -9.03
C SER E 383 -47.35 43.09 -8.68
N VAL E 384 -48.65 42.77 -8.64
CA VAL E 384 -49.65 43.80 -8.30
C VAL E 384 -49.55 44.16 -6.82
N ALA E 385 -49.24 43.19 -5.96
CA ALA E 385 -49.11 43.46 -4.54
C ALA E 385 -47.98 44.43 -4.27
N ALA E 386 -46.81 44.20 -4.88
CA ALA E 386 -45.71 45.13 -4.73
C ALA E 386 -45.99 46.46 -5.44
N LEU E 387 -46.78 46.42 -6.51
CA LEU E 387 -47.17 47.65 -7.21
C LEU E 387 -48.05 48.52 -6.32
N ASP E 388 -49.07 47.92 -5.70
CA ASP E 388 -49.90 48.65 -4.75
C ASP E 388 -49.13 49.05 -3.50
N ARG E 389 -48.03 48.37 -3.20
CA ARG E 389 -47.20 48.76 -2.06
C ARG E 389 -46.52 50.10 -2.33
N CYS E 390 -46.06 50.32 -3.56
CA CYS E 390 -45.39 51.58 -3.89
C CYS E 390 -46.37 52.75 -3.93
N ALA E 391 -47.54 52.54 -4.53
CA ALA E 391 -48.49 53.64 -4.72
C ALA E 391 -48.96 54.19 -3.37
N ARG E 392 -49.35 53.32 -2.45
CA ARG E 392 -49.76 53.78 -1.13
C ARG E 392 -48.60 54.44 -0.39
N LEU E 393 -47.38 53.90 -0.55
CA LEU E 393 -46.23 54.46 0.14
C LEU E 393 -45.79 55.78 -0.49
N LEU E 394 -45.96 55.93 -1.80
CA LEU E 394 -45.56 57.16 -2.46
C LEU E 394 -46.52 58.30 -2.15
N ALA E 395 -47.84 58.03 -2.23
CA ALA E 395 -48.82 59.06 -1.96
C ALA E 395 -48.83 59.49 -0.50
N ASP E 396 -48.36 58.64 0.42
CA ASP E 396 -48.35 58.99 1.82
C ASP E 396 -47.23 59.98 2.16
N ILE E 397 -46.04 59.75 1.60
CA ILE E 397 -44.89 60.59 1.92
C ILE E 397 -44.71 61.76 0.96
N ALA E 398 -45.38 61.74 -0.19
CA ALA E 398 -45.28 62.83 -1.16
C ALA E 398 -46.59 63.57 -1.36
N GLY E 399 -47.66 63.19 -0.67
CA GLY E 399 -48.92 63.89 -0.81
C GLY E 399 -49.60 63.70 -2.16
N GLY E 400 -49.40 62.55 -2.79
CA GLY E 400 -50.00 62.28 -4.08
C GLY E 400 -51.38 61.66 -3.96
N GLU E 401 -51.95 61.36 -5.13
CA GLU E 401 -53.27 60.73 -5.21
C GLU E 401 -53.15 59.49 -6.10
N VAL E 402 -53.42 58.33 -5.52
CA VAL E 402 -53.30 57.07 -6.25
C VAL E 402 -54.49 56.93 -7.19
N SER E 403 -54.20 56.78 -8.48
CA SER E 403 -55.26 56.58 -9.45
C SER E 403 -55.83 55.16 -9.33
N PRO E 404 -57.13 54.98 -9.48
CA PRO E 404 -57.72 53.64 -9.35
C PRO E 404 -57.72 52.87 -10.66
N THR E 405 -56.66 53.03 -11.45
CA THR E 405 -56.51 52.33 -12.71
C THR E 405 -55.34 51.35 -12.61
N LEU E 406 -55.43 50.25 -13.37
CA LEU E 406 -54.43 49.21 -13.31
C LEU E 406 -54.45 48.41 -14.61
N THR E 407 -53.27 48.21 -15.19
CA THR E 407 -53.10 47.36 -16.38
C THR E 407 -52.19 46.21 -15.99
N ASP E 408 -52.75 45.01 -15.94
CA ASP E 408 -52.04 43.81 -15.47
C ASP E 408 -52.07 42.75 -16.56
N TRP E 409 -51.06 42.79 -17.44
CA TRP E 409 -50.93 41.78 -18.48
C TRP E 409 -50.26 40.54 -17.90
N ARG E 410 -50.96 39.40 -17.97
CA ARG E 410 -50.45 38.16 -17.38
C ARG E 410 -50.34 37.06 -18.42
N GLY E 411 -49.74 37.36 -19.56
CA GLY E 411 -49.57 36.38 -20.62
C GLY E 411 -50.79 36.24 -21.50
N ASP E 412 -50.62 35.46 -22.57
CA ASP E 412 -51.70 35.18 -23.52
C ASP E 412 -51.78 33.67 -23.73
N PRO E 413 -52.79 32.99 -23.18
CA PRO E 413 -53.91 33.50 -22.36
C PRO E 413 -53.47 34.04 -21.00
N PRO E 414 -54.29 34.84 -20.34
CA PRO E 414 -53.91 35.39 -19.03
C PRO E 414 -53.70 34.28 -18.01
N CYS E 415 -52.57 34.36 -17.31
CA CYS E 415 -52.22 33.38 -16.29
C CYS E 415 -52.69 33.86 -14.93
N ASP E 416 -53.48 33.03 -14.24
CA ASP E 416 -53.99 33.36 -12.92
C ASP E 416 -53.46 32.46 -11.82
N ASP E 417 -52.62 31.48 -12.16
CA ASP E 417 -52.03 30.57 -11.16
C ASP E 417 -50.56 30.40 -11.51
N TRP E 418 -49.67 30.98 -10.71
CA TRP E 418 -48.24 30.96 -10.95
C TRP E 418 -47.54 29.84 -10.19
N SER E 419 -48.24 28.75 -9.91
CA SER E 419 -47.62 27.69 -9.13
C SER E 419 -46.87 26.72 -10.03
N PRO E 420 -45.66 26.33 -9.63
CA PRO E 420 -44.89 25.35 -10.42
C PRO E 420 -45.54 23.99 -10.37
N PRO E 421 -45.13 23.06 -11.24
CA PRO E 421 -45.75 21.74 -11.24
C PRO E 421 -45.50 21.03 -9.92
N PRO E 422 -46.42 20.16 -9.51
CA PRO E 422 -46.23 19.43 -8.25
C PRO E 422 -45.13 18.37 -8.37
N ILE E 423 -44.58 18.02 -7.21
CA ILE E 423 -43.51 17.03 -7.11
C ILE E 423 -43.98 15.89 -6.23
N ARG E 424 -43.68 14.66 -6.65
CA ARG E 424 -44.02 13.46 -5.89
C ARG E 424 -42.74 12.83 -5.35
N MET E 425 -42.79 12.42 -4.09
CA MET E 425 -41.68 11.68 -3.49
C MET E 425 -42.18 10.97 -2.25
N GLY E 426 -41.44 9.94 -1.84
CA GLY E 426 -41.83 9.18 -0.67
C GLY E 426 -41.74 9.99 0.60
N VAL E 427 -42.58 9.63 1.57
CA VAL E 427 -42.62 10.35 2.83
C VAL E 427 -41.34 10.16 3.63
N ASP E 428 -40.59 9.09 3.38
CA ASP E 428 -39.36 8.81 4.10
C ASP E 428 -38.12 9.04 3.26
N VAL E 429 -38.25 9.68 2.09
CA VAL E 429 -37.08 9.95 1.26
C VAL E 429 -36.07 10.86 1.96
N PRO E 430 -36.46 11.99 2.56
CA PRO E 430 -35.47 12.77 3.32
C PRO E 430 -34.84 12.00 4.47
N ASP E 431 -35.59 11.08 5.08
CA ASP E 431 -35.02 10.24 6.13
C ASP E 431 -33.94 9.31 5.57
N ARG E 432 -34.16 8.75 4.38
CA ARG E 432 -33.18 7.84 3.80
C ARG E 432 -31.94 8.58 3.33
N ILE E 433 -32.11 9.72 2.65
CA ILE E 433 -30.97 10.48 2.15
C ILE E 433 -30.13 11.01 3.31
N ALA E 434 -30.77 11.40 4.41
CA ALA E 434 -30.04 11.92 5.56
C ALA E 434 -29.50 10.82 6.46
N GLY E 435 -30.10 9.63 6.45
CA GLY E 435 -29.72 8.61 7.39
C GLY E 435 -30.22 8.84 8.80
N VAL E 436 -31.24 9.67 8.96
CA VAL E 436 -31.80 10.01 10.27
C VAL E 436 -33.29 9.69 10.24
N ALA E 437 -33.76 9.04 11.30
CA ALA E 437 -35.19 8.73 11.44
C ALA E 437 -35.86 9.93 12.07
N TYR E 438 -36.26 10.88 11.23
CA TYR E 438 -36.93 12.08 11.71
C TYR E 438 -38.27 11.71 12.34
N PRO E 439 -38.74 12.50 13.31
CA PRO E 439 -40.09 12.28 13.85
C PRO E 439 -41.13 12.39 12.74
N GLN E 440 -42.24 11.68 12.93
CA GLN E 440 -43.28 11.67 11.91
C GLN E 440 -43.83 13.07 11.68
N GLY E 441 -44.13 13.37 10.41
CA GLY E 441 -44.60 14.68 10.03
C GLY E 441 -43.52 15.72 9.85
N THR E 442 -42.25 15.35 9.97
CA THR E 442 -41.17 16.32 9.82
C THR E 442 -41.07 16.81 8.37
N THR E 443 -41.11 15.88 7.42
CA THR E 443 -41.02 16.26 6.01
C THR E 443 -42.20 17.14 5.60
N ALA E 444 -43.42 16.75 6.00
CA ALA E 444 -44.60 17.51 5.60
C ALA E 444 -44.64 18.87 6.28
N ARG E 445 -44.16 18.96 7.52
CA ARG E 445 -44.18 20.24 8.23
C ARG E 445 -43.17 21.22 7.62
N ARG E 446 -41.96 20.73 7.33
CA ARG E 446 -40.92 21.61 6.77
C ARG E 446 -41.29 22.07 5.37
N LEU E 447 -41.85 21.19 4.55
CA LEU E 447 -42.21 21.57 3.19
C LEU E 447 -43.36 22.58 3.18
N ALA E 448 -44.32 22.42 4.09
CA ALA E 448 -45.36 23.44 4.22
C ALA E 448 -44.80 24.72 4.84
N GLN E 449 -43.76 24.59 5.67
CA GLN E 449 -43.17 25.77 6.31
C GLN E 449 -42.50 26.68 5.30
N ILE E 450 -41.92 26.13 4.23
CA ILE E 450 -41.32 26.96 3.19
C ILE E 450 -42.33 27.43 2.16
N GLY E 451 -43.61 27.11 2.34
CA GLY E 451 -44.66 27.66 1.50
C GLY E 451 -45.24 26.72 0.47
N ALA E 452 -44.98 25.42 0.56
CA ALA E 452 -45.44 24.46 -0.43
C ALA E 452 -46.74 23.81 0.02
N VAL E 453 -47.57 23.46 -0.95
CA VAL E 453 -48.81 22.73 -0.69
C VAL E 453 -48.49 21.24 -0.70
N VAL E 454 -48.78 20.57 0.40
CA VAL E 454 -48.43 19.16 0.58
C VAL E 454 -49.72 18.37 0.81
N THR E 455 -49.96 17.38 -0.07
CA THR E 455 -51.09 16.49 0.07
C THR E 455 -50.58 15.07 0.28
N HIS E 456 -51.39 14.27 0.98
CA HIS E 456 -51.02 12.91 1.36
C HIS E 456 -51.77 11.90 0.51
N ASP E 457 -51.05 10.87 0.04
CA ASP E 457 -51.63 9.77 -0.74
C ASP E 457 -50.89 8.50 -0.34
N GLY E 458 -51.30 7.91 0.78
CA GLY E 458 -50.63 6.74 1.31
C GLY E 458 -49.27 7.06 1.87
N ASP E 459 -48.22 6.63 1.16
CA ASP E 459 -46.84 6.89 1.56
C ASP E 459 -46.13 7.82 0.57
N THR E 460 -46.90 8.51 -0.27
CA THR E 460 -46.35 9.41 -1.28
C THR E 460 -46.89 10.81 -1.05
N LEU E 461 -45.98 11.79 -0.98
CA LEU E 461 -46.35 13.19 -0.83
C LEU E 461 -46.36 13.87 -2.19
N THR E 462 -47.40 14.67 -2.43
CA THR E 462 -47.48 15.51 -3.62
C THR E 462 -47.23 16.95 -3.18
N VAL E 463 -46.09 17.49 -3.56
CA VAL E 463 -45.61 18.78 -3.07
C VAL E 463 -45.64 19.78 -4.22
N THR E 464 -46.44 20.83 -4.07
CA THR E 464 -46.46 21.93 -5.02
C THR E 464 -45.69 23.10 -4.44
N PRO E 465 -44.47 23.37 -4.90
CA PRO E 465 -43.68 24.47 -4.31
C PRO E 465 -44.37 25.80 -4.53
N PRO E 466 -44.07 26.80 -3.70
CA PRO E 466 -44.63 28.14 -3.91
C PRO E 466 -44.03 28.79 -5.15
N SER E 467 -44.67 29.88 -5.57
CA SER E 467 -44.26 30.57 -6.79
C SER E 467 -42.89 31.23 -6.65
N TRP E 468 -42.43 31.49 -5.44
CA TRP E 468 -41.13 32.10 -5.21
C TRP E 468 -40.02 31.07 -5.06
N ARG E 469 -40.30 29.79 -5.31
CA ARG E 469 -39.30 28.72 -5.22
C ARG E 469 -39.28 27.92 -6.51
N PRO E 470 -38.77 28.51 -7.60
CA PRO E 470 -38.61 27.73 -8.84
C PRO E 470 -37.45 26.75 -8.79
N ASP E 471 -36.58 26.85 -7.78
CA ASP E 471 -35.48 25.90 -7.64
C ASP E 471 -35.94 24.52 -7.21
N LEU E 472 -37.12 24.42 -6.59
CA LEU E 472 -37.67 23.14 -6.16
C LEU E 472 -38.35 22.49 -7.36
N ARG E 473 -37.70 21.48 -7.94
CA ARG E 473 -38.21 20.83 -9.14
C ARG E 473 -38.21 19.31 -9.01
N GLN E 474 -37.33 18.78 -8.19
CA GLN E 474 -37.14 17.35 -8.04
C GLN E 474 -37.19 16.98 -6.56
N PRO E 475 -37.39 15.70 -6.24
CA PRO E 475 -37.37 15.30 -4.82
C PRO E 475 -36.08 15.68 -4.09
N ALA E 476 -34.94 15.66 -4.78
CA ALA E 476 -33.69 16.05 -4.14
C ALA E 476 -33.76 17.48 -3.62
N ASP E 477 -34.44 18.37 -4.36
CA ASP E 477 -34.62 19.74 -3.89
C ASP E 477 -35.44 19.77 -2.61
N LEU E 478 -36.47 18.93 -2.52
CA LEU E 478 -37.27 18.86 -1.30
C LEU E 478 -36.47 18.27 -0.15
N VAL E 479 -35.58 17.33 -0.43
CA VAL E 479 -34.75 16.73 0.61
C VAL E 479 -33.85 17.79 1.25
N GLU E 480 -33.29 18.68 0.44
CA GLU E 480 -32.43 19.73 0.97
C GLU E 480 -33.17 20.63 1.94
N GLU E 481 -34.45 20.90 1.66
CA GLU E 481 -35.23 21.79 2.53
C GLU E 481 -35.46 21.16 3.90
N VAL E 482 -35.79 19.87 3.94
CA VAL E 482 -36.02 19.19 5.22
C VAL E 482 -34.71 19.04 5.97
N LEU E 483 -33.61 18.74 5.27
CA LEU E 483 -32.35 18.49 5.93
C LEU E 483 -31.74 19.77 6.48
N ARG E 484 -31.82 20.87 5.73
CA ARG E 484 -31.20 22.11 6.20
C ARG E 484 -32.00 22.74 7.34
N LEU E 485 -33.32 22.58 7.35
CA LEU E 485 -34.13 23.17 8.41
C LEU E 485 -34.01 22.37 9.70
N GLU E 486 -33.97 21.04 9.60
CA GLU E 486 -33.71 20.22 10.78
C GLU E 486 -32.29 20.36 11.27
N GLY E 487 -31.37 20.83 10.42
CA GLY E 487 -29.98 20.98 10.79
C GLY E 487 -29.14 19.79 10.41
N LEU E 488 -28.03 20.03 9.70
CA LEU E 488 -27.16 18.94 9.28
C LEU E 488 -26.34 18.36 10.43
N GLU E 489 -26.46 18.91 11.65
CA GLU E 489 -25.72 18.36 12.78
C GLU E 489 -26.31 17.05 13.25
N VAL E 490 -27.60 16.81 13.00
CA VAL E 490 -28.23 15.58 13.44
C VAL E 490 -27.84 14.39 12.57
N ILE E 491 -27.26 14.63 11.40
CA ILE E 491 -26.82 13.55 10.51
C ILE E 491 -25.61 12.88 11.15
N PRO E 492 -25.68 11.59 11.45
CA PRO E 492 -24.58 10.92 12.14
C PRO E 492 -23.40 10.66 11.22
N SER E 493 -22.30 10.22 11.83
CA SER E 493 -21.08 9.85 11.12
C SER E 493 -21.02 8.33 11.05
N VAL E 494 -21.40 7.79 9.91
CA VAL E 494 -21.47 6.35 9.70
C VAL E 494 -20.58 6.01 8.51
N LEU E 495 -19.41 5.46 8.78
CA LEU E 495 -18.52 5.04 7.71
C LEU E 495 -19.18 3.94 6.90
N PRO E 496 -19.29 4.09 5.58
CA PRO E 496 -19.89 3.03 4.76
C PRO E 496 -18.98 1.80 4.73
N PRO E 497 -19.52 0.63 4.42
CA PRO E 497 -18.68 -0.56 4.32
C PRO E 497 -17.68 -0.43 3.17
N ALA E 498 -16.45 -0.81 3.45
CA ALA E 498 -15.38 -0.73 2.44
C ALA E 498 -15.63 -1.73 1.33
N PRO E 499 -15.78 -1.30 0.08
CA PRO E 499 -15.90 -2.25 -1.03
C PRO E 499 -14.59 -2.97 -1.28
N ALA E 500 -14.67 -4.06 -2.04
CA ALA E 500 -13.50 -4.86 -2.37
C ALA E 500 -12.74 -4.18 -3.49
N GLY E 501 -11.96 -3.16 -3.11
CA GLY E 501 -11.19 -2.43 -4.09
C GLY E 501 -9.93 -3.17 -4.52
N ARG E 502 -9.42 -2.78 -5.68
CA ARG E 502 -8.23 -3.40 -6.24
C ARG E 502 -6.94 -2.66 -5.89
N GLY E 503 -7.04 -1.46 -5.29
CA GLY E 503 -5.85 -0.72 -4.93
C GLY E 503 -5.28 0.07 -6.09
N LEU E 504 -4.01 0.42 -5.95
CA LEU E 504 -3.33 1.20 -6.97
C LEU E 504 -3.08 0.37 -8.21
N THR E 505 -3.31 0.97 -9.38
CA THR E 505 -3.01 0.30 -10.64
C THR E 505 -1.49 0.22 -10.84
N ALA E 506 -1.09 -0.52 -11.87
CA ALA E 506 0.32 -0.70 -12.15
C ALA E 506 1.00 0.61 -12.46
N GLY E 507 0.39 1.45 -13.30
CA GLY E 507 0.97 2.74 -13.63
C GLY E 507 1.04 3.69 -12.45
N GLN E 508 0.06 3.62 -11.55
CA GLN E 508 0.10 4.47 -10.36
C GLN E 508 1.22 4.04 -9.41
N GLN E 509 1.44 2.73 -9.28
CA GLN E 509 2.55 2.25 -8.46
C GLN E 509 3.88 2.65 -9.08
N ARG E 510 3.96 2.65 -10.42
CA ARG E 510 5.23 2.97 -11.08
C ARG E 510 5.60 4.43 -10.88
N ARG E 511 4.63 5.33 -10.97
CA ARG E 511 4.91 6.75 -10.77
C ARG E 511 5.46 7.01 -9.37
N ARG E 512 4.96 6.29 -8.37
CA ARG E 512 5.50 6.42 -7.02
C ARG E 512 6.93 5.93 -6.97
N THR E 513 7.19 4.74 -7.53
CA THR E 513 8.54 4.18 -7.50
C THR E 513 9.53 5.07 -8.24
N ILE E 514 9.11 5.66 -9.36
CA ILE E 514 9.98 6.59 -10.09
C ILE E 514 10.27 7.81 -9.23
N GLY E 515 9.24 8.35 -8.56
CA GLY E 515 9.46 9.50 -7.70
C GLY E 515 10.36 9.17 -6.51
N ARG E 516 10.16 8.00 -5.91
CA ARG E 516 11.02 7.59 -4.79
C ARG E 516 12.46 7.43 -5.24
N SER E 517 12.67 6.77 -6.38
CA SER E 517 14.03 6.48 -6.83
C SER E 517 14.77 7.74 -7.22
N LEU E 518 14.08 8.69 -7.87
CA LEU E 518 14.73 9.94 -8.25
C LEU E 518 15.03 10.79 -7.02
N ALA E 519 14.11 10.83 -6.06
CA ALA E 519 14.33 11.60 -4.85
C ALA E 519 15.49 11.03 -4.03
N LEU E 520 15.60 9.71 -3.97
CA LEU E 520 16.69 9.09 -3.24
C LEU E 520 18.02 9.24 -3.97
N SER E 521 18.00 9.54 -5.27
CA SER E 521 19.22 9.75 -6.04
C SER E 521 19.67 11.20 -6.04
N GLY E 522 18.89 12.11 -5.45
CA GLY E 522 19.31 13.49 -5.32
C GLY E 522 18.46 14.49 -6.07
N TYR E 523 17.34 14.05 -6.64
CA TYR E 523 16.48 14.92 -7.41
C TYR E 523 15.37 15.48 -6.52
N VAL E 524 15.00 16.73 -6.79
CA VAL E 524 13.96 17.44 -6.04
C VAL E 524 12.77 17.67 -6.98
N GLU E 525 11.59 17.21 -6.56
CA GLU E 525 10.41 17.31 -7.40
C GLU E 525 9.84 18.72 -7.36
N ILE E 526 9.33 19.19 -8.51
CA ILE E 526 8.63 20.46 -8.61
C ILE E 526 7.27 20.20 -9.23
N LEU E 527 6.40 21.20 -9.12
CA LEU E 527 5.11 21.18 -9.79
C LEU E 527 5.21 22.01 -11.06
N PRO E 528 5.26 21.40 -12.25
CA PRO E 528 5.48 22.18 -13.46
C PRO E 528 4.23 22.95 -13.87
N THR E 529 4.45 24.14 -14.43
CA THR E 529 3.36 24.95 -14.94
C THR E 529 3.12 24.63 -16.42
N PRO E 530 1.86 24.52 -16.84
CA PRO E 530 1.57 24.17 -18.24
C PRO E 530 1.73 25.32 -19.23
N PHE E 531 1.87 26.55 -18.76
CA PHE E 531 2.00 27.71 -19.64
C PHE E 531 3.46 27.90 -20.02
N LEU E 532 3.75 27.77 -21.32
CA LEU E 532 5.12 27.88 -21.79
C LEU E 532 5.61 29.33 -21.73
N PRO E 533 6.91 29.53 -21.53
CA PRO E 533 7.45 30.88 -21.59
C PRO E 533 7.35 31.47 -22.98
N ALA E 534 7.41 32.80 -23.05
CA ALA E 534 7.26 33.52 -24.31
C ALA E 534 8.43 33.20 -25.23
N GLY E 535 8.13 32.57 -26.37
CA GLY E 535 9.17 32.26 -27.34
C GLY E 535 10.22 31.29 -26.83
N VAL E 536 9.80 30.27 -26.08
CA VAL E 536 10.76 29.31 -25.55
C VAL E 536 11.36 28.47 -26.67
N PHE E 537 10.54 28.11 -27.67
CA PHE E 537 11.05 27.31 -28.78
C PHE E 537 11.93 28.14 -29.70
N ASP E 538 11.70 29.45 -29.77
CA ASP E 538 12.62 30.32 -30.50
C ASP E 538 13.98 30.38 -29.81
N LEU E 539 13.99 30.36 -28.48
CA LEU E 539 15.24 30.28 -27.76
C LEU E 539 15.91 28.91 -27.93
N TRP E 540 15.12 27.86 -28.09
CA TRP E 540 15.66 26.53 -28.35
C TRP E 540 16.15 26.35 -29.78
N GLY E 541 15.77 27.26 -30.69
CA GLY E 541 16.20 27.14 -32.07
C GLY E 541 15.49 26.04 -32.84
N LEU E 542 14.28 25.68 -32.44
CA LEU E 542 13.55 24.63 -33.13
C LEU E 542 13.12 25.09 -34.52
N GLU E 543 12.90 24.11 -35.40
CA GLU E 543 12.43 24.41 -36.74
C GLU E 543 10.96 24.79 -36.71
N ALA E 544 10.50 25.41 -37.79
CA ALA E 544 9.12 25.87 -37.87
C ALA E 544 8.13 24.72 -37.85
N ASP E 545 8.50 23.58 -38.42
CA ASP E 545 7.63 22.41 -38.50
C ASP E 545 7.84 21.43 -37.36
N ASP E 546 8.43 21.87 -36.25
CA ASP E 546 8.64 20.99 -35.12
C ASP E 546 7.30 20.67 -34.46
N SER E 547 7.12 19.39 -34.10
CA SER E 547 5.85 18.96 -33.51
C SER E 547 5.61 19.60 -32.15
N ARG E 548 6.67 19.98 -31.45
CA ARG E 548 6.50 20.63 -30.15
C ARG E 548 5.99 22.05 -30.27
N ARG E 549 6.20 22.71 -31.42
CA ARG E 549 5.67 24.06 -31.60
C ARG E 549 4.16 24.04 -31.76
N MET E 550 3.60 22.95 -32.26
CA MET E 550 2.15 22.83 -32.39
C MET E 550 1.51 22.68 -31.02
N THR E 551 1.25 23.80 -30.36
CA THR E 551 0.74 23.82 -28.99
C THR E 551 -0.75 24.13 -28.99
N THR E 552 -1.33 24.13 -27.80
CA THR E 552 -2.73 24.49 -27.58
C THR E 552 -2.77 25.84 -26.88
N ARG E 553 -3.39 26.83 -27.52
CA ARG E 553 -3.44 28.18 -26.98
C ARG E 553 -4.62 28.33 -26.03
N VAL E 554 -4.42 29.13 -24.99
CA VAL E 554 -5.47 29.50 -24.05
C VAL E 554 -6.00 30.88 -24.44
N LEU E 555 -7.32 31.03 -24.46
CA LEU E 555 -7.92 32.27 -24.92
C LEU E 555 -7.69 33.41 -23.95
N ASN E 556 -7.81 33.15 -22.64
CA ASN E 556 -7.67 34.17 -21.60
C ASN E 556 -6.60 33.75 -20.61
N PRO E 557 -5.33 33.92 -20.96
CA PRO E 557 -4.26 33.60 -20.02
C PRO E 557 -3.99 34.75 -19.06
N LEU E 558 -3.38 34.41 -17.93
CA LEU E 558 -3.01 35.44 -16.95
C LEU E 558 -1.96 36.37 -17.53
N GLU E 559 -1.04 35.85 -18.33
CA GLU E 559 -0.05 36.64 -19.05
C GLU E 559 -0.34 36.52 -20.53
N ALA E 560 -0.50 37.67 -21.20
CA ALA E 560 -0.85 37.66 -22.62
C ALA E 560 0.25 37.08 -23.49
N ASP E 561 1.49 37.04 -23.00
CA ASP E 561 2.62 36.51 -23.76
C ASP E 561 2.89 35.04 -23.48
N ARG E 562 2.05 34.38 -22.67
CA ARG E 562 2.16 32.94 -22.40
C ARG E 562 0.80 32.29 -22.55
N PRO E 563 0.31 32.14 -23.78
CA PRO E 563 -1.00 31.49 -23.98
C PRO E 563 -0.88 30.01 -24.32
N GLN E 564 0.31 29.57 -24.72
CA GLN E 564 0.48 28.23 -25.24
C GLN E 564 0.67 27.23 -24.12
N LEU E 565 0.04 26.06 -24.26
CA LEU E 565 0.17 25.00 -23.29
C LEU E 565 1.44 24.18 -23.55
N ALA E 566 1.88 23.46 -22.52
CA ALA E 566 3.17 22.80 -22.55
C ALA E 566 3.09 21.50 -23.34
N THR E 567 3.89 21.39 -24.39
CA THR E 567 4.11 20.13 -25.09
C THR E 567 5.26 19.34 -24.51
N THR E 568 5.99 19.90 -23.55
CA THR E 568 7.15 19.26 -22.96
C THR E 568 7.39 19.87 -21.58
N LEU E 569 7.83 19.06 -20.64
CA LEU E 569 8.03 19.50 -19.26
C LEU E 569 9.35 20.24 -19.06
N LEU E 570 10.21 20.32 -20.07
CA LEU E 570 11.52 20.95 -19.89
C LEU E 570 11.41 22.45 -19.62
N PRO E 571 10.63 23.24 -20.37
CA PRO E 571 10.58 24.69 -20.08
C PRO E 571 10.17 25.00 -18.65
N ALA E 572 9.21 24.26 -18.09
CA ALA E 572 8.82 24.49 -16.70
C ALA E 572 9.94 24.09 -15.75
N LEU E 573 10.67 23.02 -16.07
CA LEU E 573 11.80 22.61 -15.24
C LEU E 573 12.97 23.59 -15.38
N LEU E 574 13.28 23.99 -16.61
CA LEU E 574 14.37 24.94 -16.82
C LEU E 574 14.06 26.29 -16.18
N GLU E 575 12.78 26.69 -16.16
CA GLU E 575 12.40 27.91 -15.47
C GLU E 575 12.66 27.79 -13.98
N ALA E 576 12.30 26.64 -13.40
CA ALA E 576 12.58 26.41 -11.99
C ALA E 576 14.07 26.24 -11.72
N LEU E 577 14.81 25.73 -12.70
CA LEU E 577 16.26 25.63 -12.55
C LEU E 577 16.90 27.01 -12.47
N VAL E 578 16.44 27.94 -13.30
CA VAL E 578 16.96 29.31 -13.26
C VAL E 578 16.60 29.98 -11.94
N ARG E 579 15.40 29.72 -11.42
CA ARG E 579 14.99 30.33 -10.17
C ARG E 579 15.88 29.91 -9.02
N ASN E 580 16.24 28.62 -8.95
CA ASN E 580 17.11 28.15 -7.89
C ASN E 580 18.54 28.65 -8.07
N VAL E 581 19.03 28.69 -9.31
CA VAL E 581 20.39 29.16 -9.55
C VAL E 581 20.50 30.65 -9.27
N SER E 582 19.47 31.41 -9.63
CA SER E 582 19.49 32.86 -9.43
C SER E 582 19.36 33.25 -7.96
N ARG E 583 19.18 32.29 -7.05
CA ARG E 583 18.99 32.60 -5.64
C ARG E 583 20.04 31.92 -4.76
N GLY E 584 21.18 31.56 -5.33
CA GLY E 584 22.29 31.04 -4.56
C GLY E 584 22.40 29.53 -4.54
N LEU E 585 21.41 28.81 -5.05
CA LEU E 585 21.45 27.35 -5.13
C LEU E 585 21.91 26.98 -6.53
N VAL E 586 23.23 26.82 -6.70
CA VAL E 586 23.79 26.58 -8.03
C VAL E 586 23.94 25.10 -8.36
N ASP E 587 23.80 24.22 -7.39
CA ASP E 587 23.91 22.77 -7.60
C ASP E 587 22.51 22.18 -7.45
N VAL E 588 21.80 22.07 -8.56
CA VAL E 588 20.39 21.71 -8.55
C VAL E 588 20.17 20.46 -9.38
N ALA E 589 19.22 19.64 -8.95
CA ALA E 589 18.74 18.49 -9.70
C ALA E 589 17.24 18.41 -9.48
N LEU E 590 16.46 18.79 -10.48
CA LEU E 590 15.01 18.83 -10.38
C LEU E 590 14.38 17.78 -11.28
N PHE E 591 13.19 17.33 -10.90
CA PHE E 591 12.42 16.43 -11.76
C PHE E 591 10.95 16.74 -11.59
N ALA E 592 10.14 16.23 -12.52
CA ALA E 592 8.71 16.47 -12.52
C ALA E 592 8.02 15.33 -13.25
N ILE E 593 6.83 14.99 -12.77
CA ILE E 593 5.99 13.95 -13.37
C ILE E 593 4.62 14.57 -13.60
N ALA E 594 4.31 14.90 -14.87
CA ALA E 594 3.05 15.53 -15.20
C ALA E 594 2.76 15.29 -16.67
N GLN E 595 1.52 15.58 -17.06
CA GLN E 595 1.10 15.40 -18.44
C GLN E 595 1.50 16.60 -19.28
N VAL E 596 1.50 16.39 -20.60
CA VAL E 596 1.73 17.46 -21.57
C VAL E 596 0.47 17.57 -22.43
N VAL E 597 0.43 18.60 -23.27
CA VAL E 597 -0.70 18.85 -24.15
C VAL E 597 -0.16 18.89 -25.57
N GLN E 598 -0.41 17.82 -26.33
CA GLN E 598 0.09 17.68 -27.71
C GLN E 598 -1.10 17.55 -28.65
N PRO E 599 -1.54 18.65 -29.25
CA PRO E 599 -2.67 18.55 -30.19
C PRO E 599 -2.25 17.96 -31.52
N THR E 600 -3.20 17.28 -32.16
CA THR E 600 -2.99 16.68 -33.47
C THR E 600 -3.77 17.39 -34.57
N GLU E 601 -4.55 18.40 -34.23
CA GLU E 601 -5.33 19.16 -35.20
C GLU E 601 -5.65 20.52 -34.60
N GLN E 602 -6.36 21.34 -35.37
CA GLN E 602 -6.84 22.61 -34.86
C GLN E 602 -7.87 22.38 -33.76
N THR E 603 -8.03 23.37 -32.89
CA THR E 603 -8.99 23.27 -31.79
C THR E 603 -10.40 23.11 -32.32
N ARG E 604 -10.95 21.91 -32.22
CA ARG E 604 -12.28 21.59 -32.72
C ARG E 604 -13.15 21.08 -31.58
N GLY E 605 -14.31 21.70 -31.40
CA GLY E 605 -15.26 21.27 -30.40
C GLY E 605 -16.39 20.43 -31.00
N VAL E 606 -17.12 19.77 -30.12
CA VAL E 606 -18.23 18.93 -30.51
C VAL E 606 -19.53 19.57 -30.04
N GLY E 607 -20.63 19.17 -30.67
CA GLY E 607 -21.92 19.74 -30.32
C GLY E 607 -22.37 19.34 -28.93
N LEU E 608 -23.35 20.08 -28.42
CA LEU E 608 -23.88 19.83 -27.09
C LEU E 608 -24.69 18.53 -27.09
N ILE E 609 -24.27 17.58 -26.26
CA ILE E 609 -24.97 16.31 -26.11
C ILE E 609 -26.07 16.50 -25.07
N PRO E 610 -27.30 16.06 -25.35
CA PRO E 610 -28.40 16.27 -24.38
C PRO E 610 -28.09 15.63 -23.04
N VAL E 611 -28.32 16.38 -21.97
CA VAL E 611 -27.98 15.93 -20.62
C VAL E 611 -29.04 15.03 -20.02
N ASP E 612 -30.22 14.93 -20.63
CA ASP E 612 -31.31 14.13 -20.10
C ASP E 612 -31.11 12.62 -20.34
N ARG E 613 -29.95 12.21 -20.84
CA ARG E 613 -29.68 10.80 -21.11
C ARG E 613 -28.18 10.56 -20.96
N ARG E 614 -27.77 9.32 -21.20
CA ARG E 614 -26.36 8.97 -21.18
C ARG E 614 -25.78 9.08 -22.58
N PRO E 615 -24.64 9.75 -22.76
CA PRO E 615 -24.01 9.81 -24.08
C PRO E 615 -23.52 8.43 -24.50
N THR E 616 -23.85 8.04 -25.73
CA THR E 616 -23.45 6.74 -26.24
C THR E 616 -21.93 6.66 -26.39
N ASP E 617 -21.44 5.44 -26.56
CA ASP E 617 -19.99 5.23 -26.65
C ASP E 617 -19.40 5.91 -27.89
N ASP E 618 -20.20 6.07 -28.94
CA ASP E 618 -19.72 6.81 -30.10
C ASP E 618 -19.53 8.29 -29.78
N GLU E 619 -20.43 8.85 -28.98
CA GLU E 619 -20.29 10.25 -28.57
C GLU E 619 -19.18 10.43 -27.56
N ILE E 620 -18.92 9.41 -26.74
CA ILE E 620 -17.83 9.50 -25.77
C ILE E 620 -16.48 9.45 -26.49
N ALA E 621 -16.34 8.54 -27.46
CA ALA E 621 -15.12 8.48 -28.24
C ALA E 621 -14.94 9.73 -29.09
N MET E 622 -16.05 10.34 -29.54
CA MET E 622 -15.95 11.61 -30.25
C MET E 622 -15.48 12.73 -29.35
N LEU E 623 -15.86 12.69 -28.06
CA LEU E 623 -15.38 13.69 -27.11
C LEU E 623 -13.89 13.53 -26.84
N ASP E 624 -13.41 12.28 -26.79
CA ASP E 624 -11.99 12.05 -26.54
C ASP E 624 -11.14 12.42 -27.75
N ALA E 625 -11.65 12.17 -28.96
CA ALA E 625 -10.88 12.48 -30.16
C ALA E 625 -10.72 13.98 -30.36
N SER E 626 -11.71 14.77 -29.93
CA SER E 626 -11.61 16.23 -30.06
C SER E 626 -10.58 16.82 -29.13
N LEU E 627 -10.19 16.09 -28.08
CA LEU E 627 -9.21 16.56 -27.10
C LEU E 627 -7.80 16.22 -27.56
N PRO E 628 -6.83 17.08 -27.28
CA PRO E 628 -5.44 16.79 -27.66
C PRO E 628 -4.88 15.63 -26.87
N ARG E 629 -3.85 15.01 -27.44
CA ARG E 629 -3.16 13.91 -26.76
C ARG E 629 -2.44 14.42 -25.53
N GLN E 630 -2.72 13.80 -24.38
CA GLN E 630 -2.19 14.24 -23.10
C GLN E 630 -1.50 13.07 -22.40
N PRO E 631 -0.31 12.70 -22.84
CA PRO E 631 0.43 11.63 -22.16
C PRO E 631 1.20 12.16 -20.97
N GLN E 632 1.44 11.27 -20.02
CA GLN E 632 2.14 11.62 -18.79
C GLN E 632 3.64 11.43 -19.01
N HIS E 633 4.40 12.51 -18.83
CA HIS E 633 5.84 12.50 -19.02
C HIS E 633 6.57 12.55 -17.69
N VAL E 634 7.81 12.08 -17.69
CA VAL E 634 8.75 12.29 -16.61
C VAL E 634 9.97 13.00 -17.18
N ALA E 635 10.42 14.04 -16.50
CA ALA E 635 11.53 14.85 -16.99
C ALA E 635 12.38 15.31 -15.80
N ALA E 636 13.61 15.69 -16.10
CA ALA E 636 14.54 16.08 -15.06
C ALA E 636 15.62 16.99 -15.66
N VAL E 637 16.10 17.93 -14.85
CA VAL E 637 17.15 18.85 -15.25
C VAL E 637 18.22 18.86 -14.18
N LEU E 638 19.47 19.09 -14.60
CA LEU E 638 20.61 19.09 -13.70
C LEU E 638 21.54 20.23 -14.07
N ALA E 639 22.21 20.79 -13.06
CA ALA E 639 23.15 21.87 -13.26
C ALA E 639 24.05 21.97 -12.06
N GLY E 640 25.26 22.51 -12.28
CA GLY E 640 26.22 22.67 -11.21
C GLY E 640 26.92 21.39 -10.84
N LEU E 641 27.20 21.20 -9.56
CA LEU E 641 27.88 20.00 -9.08
C LEU E 641 26.88 18.87 -8.94
N ARG E 642 27.15 17.75 -9.60
CA ARG E 642 26.34 16.55 -9.38
C ARG E 642 26.65 15.96 -8.02
N GLU E 643 27.93 15.78 -7.71
CA GLU E 643 28.38 15.36 -6.40
C GLU E 643 29.01 16.53 -5.67
N PRO E 644 28.59 16.84 -4.46
CA PRO E 644 29.16 17.98 -3.74
C PRO E 644 30.55 17.65 -3.20
N ARG E 645 31.30 18.71 -2.94
CA ARG E 645 32.61 18.54 -2.35
C ARG E 645 32.49 18.16 -0.88
N GLY E 646 33.60 17.69 -0.31
CA GLY E 646 33.63 17.30 1.07
C GLY E 646 35.01 16.79 1.46
N PRO E 647 35.09 16.12 2.61
CA PRO E 647 36.38 15.53 3.02
C PRO E 647 36.85 14.40 2.11
N TRP E 648 36.02 13.96 1.17
CA TRP E 648 36.39 12.91 0.24
C TRP E 648 37.05 13.44 -1.03
N GLY E 649 36.66 14.63 -1.47
CA GLY E 649 37.22 15.20 -2.68
C GLY E 649 36.56 16.52 -3.05
N PRO E 650 36.89 17.04 -4.25
CA PRO E 650 36.39 18.34 -4.67
C PRO E 650 35.03 18.31 -5.36
N GLY E 651 34.33 17.17 -5.35
CA GLY E 651 33.06 17.06 -6.03
C GLY E 651 33.21 16.87 -7.53
N ARG E 652 32.10 16.52 -8.17
CA ARG E 652 32.09 16.26 -9.60
C ARG E 652 31.00 17.08 -10.26
N PRO E 653 31.31 17.88 -11.28
CA PRO E 653 30.28 18.64 -11.97
C PRO E 653 29.32 17.75 -12.74
N VAL E 654 28.14 18.29 -13.00
CA VAL E 654 27.13 17.57 -13.79
C VAL E 654 27.66 17.34 -15.19
N GLU E 655 27.52 16.12 -15.69
CA GLU E 655 27.85 15.79 -17.06
C GLU E 655 26.69 15.00 -17.68
N ALA E 656 26.81 14.73 -18.97
CA ALA E 656 25.73 14.06 -19.70
C ALA E 656 25.44 12.68 -19.14
N ALA E 657 26.47 11.98 -18.66
CA ALA E 657 26.26 10.64 -18.12
C ALA E 657 25.34 10.66 -16.91
N ASP E 658 25.34 11.75 -16.15
CA ASP E 658 24.39 11.89 -15.04
C ASP E 658 22.95 11.92 -15.55
N ALA E 659 22.73 12.55 -16.70
CA ALA E 659 21.41 12.51 -17.32
C ALA E 659 21.07 11.11 -17.81
N PHE E 660 22.06 10.41 -18.39
CA PHE E 660 21.83 9.04 -18.81
C PHE E 660 21.57 8.13 -17.63
N GLU E 661 22.21 8.40 -16.49
CA GLU E 661 21.95 7.60 -15.29
C GLU E 661 20.54 7.83 -14.76
N ALA E 662 20.02 9.06 -14.88
CA ALA E 662 18.63 9.30 -14.53
C ALA E 662 17.69 8.46 -15.37
N VAL E 663 18.07 8.18 -16.62
CA VAL E 663 17.28 7.28 -17.46
C VAL E 663 17.31 5.87 -16.87
N ARG E 664 18.50 5.40 -16.49
N ARG E 664 18.49 5.40 -16.47
CA ARG E 664 18.61 4.07 -15.91
CA ARG E 664 18.58 4.05 -15.93
C ARG E 664 17.85 3.96 -14.60
C ARG E 664 17.91 3.94 -14.56
N ILE E 665 17.85 5.05 -13.81
CA ILE E 665 17.12 5.05 -12.54
C ILE E 665 15.62 4.92 -12.80
N ILE E 666 15.11 5.67 -13.77
CA ILE E 666 13.69 5.55 -14.13
C ILE E 666 13.41 4.19 -14.73
N ALA E 667 14.37 3.64 -15.49
CA ALA E 667 14.18 2.33 -16.10
C ALA E 667 14.11 1.23 -15.05
N ARG E 668 15.05 1.24 -14.09
CA ARG E 668 15.02 0.26 -13.02
C ARG E 668 13.76 0.39 -12.17
N ALA E 669 13.27 1.62 -11.99
CA ALA E 669 12.01 1.81 -11.28
C ALA E 669 10.83 1.26 -12.08
N SER E 670 10.93 1.28 -13.41
CA SER E 670 9.90 0.74 -14.27
C SER E 670 10.08 -0.75 -14.56
N ARG E 671 11.19 -1.34 -14.12
CA ARG E 671 11.49 -2.76 -14.36
C ARG E 671 11.45 -3.10 -15.84
N VAL E 672 12.00 -2.21 -16.66
CA VAL E 672 12.15 -2.45 -18.10
C VAL E 672 13.59 -2.18 -18.48
N ASP E 673 14.02 -2.83 -19.55
CA ASP E 673 15.34 -2.59 -20.12
C ASP E 673 15.24 -1.48 -21.16
N VAL E 674 16.19 -0.54 -21.12
CA VAL E 674 16.24 0.55 -22.07
C VAL E 674 17.58 0.49 -22.80
N THR E 675 17.60 1.10 -23.98
CA THR E 675 18.81 1.23 -24.77
C THR E 675 18.99 2.70 -25.14
N LEU E 676 20.24 3.16 -25.13
CA LEU E 676 20.57 4.53 -25.47
C LEU E 676 21.28 4.54 -26.82
N ARG E 677 20.87 5.45 -27.70
CA ARG E 677 21.50 5.61 -29.01
C ARG E 677 21.76 7.08 -29.25
N PRO E 678 22.88 7.43 -29.90
CA PRO E 678 23.14 8.84 -30.21
C PRO E 678 22.06 9.42 -31.11
N ALA E 679 21.77 10.70 -30.91
CA ALA E 679 20.72 11.35 -31.68
C ALA E 679 20.98 12.85 -31.67
N GLN E 680 20.48 13.51 -32.72
CA GLN E 680 20.51 14.96 -32.83
C GLN E 680 19.08 15.46 -32.59
N TYR E 681 18.85 16.07 -31.44
CA TYR E 681 17.51 16.50 -31.06
C TYR E 681 17.63 17.70 -30.14
N LEU E 682 17.27 18.88 -30.66
CA LEU E 682 17.29 20.09 -29.85
C LEU E 682 16.28 19.97 -28.71
N PRO E 683 16.53 20.64 -27.58
CA PRO E 683 17.65 21.54 -27.28
C PRO E 683 18.91 20.83 -26.77
N TRP E 684 19.05 19.54 -27.01
CA TRP E 684 20.21 18.81 -26.51
C TRP E 684 21.43 19.03 -27.39
N HIS E 685 22.60 18.92 -26.79
CA HIS E 685 23.85 18.96 -27.53
C HIS E 685 23.91 17.79 -28.50
N PRO E 686 24.22 18.01 -29.78
CA PRO E 686 24.16 16.89 -30.74
C PRO E 686 25.13 15.77 -30.44
N GLY E 687 26.34 16.10 -30.00
CA GLY E 687 27.31 15.07 -29.64
C GLY E 687 27.18 14.54 -28.23
N ARG E 688 26.20 15.01 -27.46
CA ARG E 688 26.00 14.57 -26.09
C ARG E 688 24.53 14.32 -25.81
N CYS E 689 23.82 13.78 -26.80
CA CYS E 689 22.40 13.49 -26.69
C CYS E 689 22.16 12.02 -27.01
N ALA E 690 21.36 11.36 -26.17
CA ALA E 690 20.97 9.98 -26.38
C ALA E 690 19.46 9.87 -26.48
N GLN E 691 19.00 9.07 -27.43
CA GLN E 691 17.58 8.77 -27.58
C GLN E 691 17.29 7.44 -26.89
N VAL E 692 16.36 7.45 -25.95
CA VAL E 692 16.06 6.28 -25.14
C VAL E 692 15.02 5.42 -25.86
N PHE E 693 15.28 4.12 -25.93
CA PHE E 693 14.37 3.16 -26.55
C PHE E 693 14.00 2.09 -25.55
N VAL E 694 12.75 1.63 -25.61
CA VAL E 694 12.29 0.47 -24.87
C VAL E 694 11.89 -0.57 -25.90
N GLY E 695 12.74 -1.57 -26.10
CA GLY E 695 12.54 -2.50 -27.20
C GLY E 695 12.89 -1.86 -28.52
N GLU E 696 11.88 -1.36 -29.23
CA GLU E 696 12.09 -0.66 -30.50
C GLU E 696 11.31 0.65 -30.56
N SER E 697 10.65 1.04 -29.48
CA SER E 697 9.86 2.27 -29.44
C SER E 697 10.67 3.38 -28.77
N SER E 698 10.65 4.56 -29.38
CA SER E 698 11.31 5.73 -28.80
C SER E 698 10.48 6.27 -27.65
N VAL E 699 11.12 6.48 -26.50
CA VAL E 699 10.43 6.93 -25.31
C VAL E 699 10.92 8.28 -24.81
N GLY E 700 11.98 8.83 -25.38
CA GLY E 700 12.45 10.14 -24.96
C GLY E 700 13.92 10.33 -25.29
N HIS E 701 14.46 11.43 -24.77
CA HIS E 701 15.85 11.82 -25.00
C HIS E 701 16.48 12.22 -23.68
N ALA E 702 17.81 12.34 -23.70
CA ALA E 702 18.57 12.71 -22.51
C ALA E 702 19.95 13.17 -22.93
N GLY E 703 20.63 13.85 -22.01
CA GLY E 703 21.99 14.28 -22.22
C GLY E 703 22.15 15.74 -21.84
N GLN E 704 23.20 16.35 -22.38
CA GLN E 704 23.50 17.75 -22.13
C GLN E 704 22.81 18.62 -23.17
N LEU E 705 22.43 19.83 -22.75
CA LEU E 705 21.74 20.75 -23.63
C LEU E 705 22.73 21.47 -24.56
N HIS E 706 22.20 21.99 -25.66
CA HIS E 706 23.02 22.69 -26.62
C HIS E 706 23.59 23.97 -26.00
N PRO E 707 24.87 24.28 -26.25
CA PRO E 707 25.44 25.49 -25.65
C PRO E 707 24.80 26.78 -26.13
N ALA E 708 24.25 26.80 -27.35
CA ALA E 708 23.54 27.98 -27.82
C ALA E 708 22.21 28.14 -27.10
N VAL E 709 21.49 27.04 -26.90
CA VAL E 709 20.24 27.10 -26.13
C VAL E 709 20.51 27.53 -24.70
N ILE E 710 21.61 27.04 -24.13
CA ILE E 710 21.98 27.41 -22.76
C ILE E 710 22.32 28.90 -22.68
N GLU E 711 23.00 29.42 -23.71
CA GLU E 711 23.40 30.82 -23.70
C GLU E 711 22.19 31.74 -23.87
N ARG E 712 21.31 31.42 -24.82
CA ARG E 712 20.17 32.29 -25.08
C ARG E 712 19.14 32.24 -23.96
N SER E 713 19.03 31.11 -23.27
CA SER E 713 18.03 30.95 -22.22
C SER E 713 18.53 31.40 -20.86
N GLY E 714 19.79 31.82 -20.74
CA GLY E 714 20.34 32.18 -19.45
C GLY E 714 20.57 31.00 -18.53
N LEU E 715 20.60 29.79 -19.07
CA LEU E 715 20.84 28.61 -18.25
C LEU E 715 22.31 28.54 -17.86
N PRO E 716 22.63 27.88 -16.75
CA PRO E 716 24.04 27.65 -16.40
C PRO E 716 24.70 26.69 -17.38
N LYS E 717 26.00 26.90 -17.59
CA LYS E 717 26.74 26.11 -18.55
C LYS E 717 26.75 24.63 -18.14
N GLY E 718 26.71 23.75 -19.14
CA GLY E 718 26.72 22.32 -18.89
C GLY E 718 25.41 21.75 -18.40
N THR E 719 24.31 22.48 -18.54
CA THR E 719 23.02 21.99 -18.08
C THR E 719 22.61 20.75 -18.87
N CYS E 720 22.20 19.71 -18.14
CA CYS E 720 21.73 18.47 -18.74
C CYS E 720 20.26 18.27 -18.43
N ALA E 721 19.57 17.54 -19.30
CA ALA E 721 18.13 17.37 -19.20
C ALA E 721 17.73 15.97 -19.62
N VAL E 722 16.60 15.52 -19.07
CA VAL E 722 16.00 14.23 -19.43
C VAL E 722 14.51 14.47 -19.59
N GLU E 723 13.89 13.73 -20.51
CA GLU E 723 12.44 13.70 -20.62
C GLU E 723 12.02 12.39 -21.27
N LEU E 724 11.16 11.64 -20.59
CA LEU E 724 10.65 10.37 -21.09
C LEU E 724 9.13 10.39 -21.12
N ASN E 725 8.56 9.56 -21.98
CA ASN E 725 7.11 9.43 -22.12
C ASN E 725 6.69 8.15 -21.40
N LEU E 726 6.11 8.31 -20.21
CA LEU E 726 5.72 7.15 -19.41
C LEU E 726 4.62 6.33 -20.07
N ASP E 727 3.78 6.97 -20.89
CA ASP E 727 2.74 6.23 -21.60
C ASP E 727 3.35 5.31 -22.65
N ALA E 728 4.48 5.70 -23.24
CA ALA E 728 5.15 4.85 -24.21
C ALA E 728 5.90 3.70 -23.56
N ILE E 729 6.24 3.80 -22.28
CA ILE E 729 6.90 2.73 -21.57
C ILE E 729 5.85 1.73 -21.10
N PRO E 730 5.90 0.47 -21.54
CA PRO E 730 4.89 -0.49 -21.13
C PRO E 730 5.14 -1.01 -19.72
N CYS E 731 4.05 -1.27 -19.01
CA CYS E 731 4.15 -1.81 -17.67
C CYS E 731 4.52 -3.29 -17.74
N SER E 732 5.54 -3.67 -16.98
CA SER E 732 6.05 -5.03 -16.97
C SER E 732 5.84 -5.66 -15.61
N ALA E 733 5.69 -6.99 -15.60
CA ALA E 733 5.57 -7.77 -14.38
C ALA E 733 6.42 -9.03 -14.51
N PRO E 734 7.74 -8.89 -14.41
CA PRO E 734 8.61 -10.05 -14.60
C PRO E 734 8.55 -10.99 -13.41
N LEU E 735 8.68 -12.29 -13.71
CA LEU E 735 8.67 -13.34 -12.71
C LEU E 735 9.98 -14.12 -12.82
N PRO E 736 11.06 -13.61 -12.24
CA PRO E 736 12.36 -14.30 -12.34
C PRO E 736 12.36 -15.57 -11.52
N ALA E 737 13.10 -16.56 -12.02
CA ALA E 737 13.30 -17.83 -11.32
C ALA E 737 14.79 -18.19 -11.38
N PRO E 738 15.62 -17.45 -10.64
CA PRO E 738 17.06 -17.70 -10.71
C PRO E 738 17.43 -18.99 -10.00
N ARG E 739 18.43 -19.68 -10.55
CA ARG E 739 18.96 -20.92 -9.99
C ARG E 739 20.40 -20.68 -9.59
N VAL E 740 20.65 -20.60 -8.28
CA VAL E 740 21.99 -20.30 -7.78
C VAL E 740 22.86 -21.53 -7.96
N SER E 741 23.91 -21.41 -8.77
CA SER E 741 24.81 -22.53 -9.02
C SER E 741 25.79 -22.66 -7.85
N PRO E 742 25.96 -23.87 -7.30
CA PRO E 742 26.89 -24.06 -6.18
C PRO E 742 28.34 -24.23 -6.59
N TYR E 743 28.64 -24.17 -7.88
CA TYR E 743 29.96 -24.47 -8.42
C TYR E 743 30.78 -23.19 -8.57
N PRO E 744 32.10 -23.29 -8.56
CA PRO E 744 32.94 -22.09 -8.63
C PRO E 744 32.85 -21.41 -9.98
N ALA E 745 33.16 -20.13 -9.98
CA ALA E 745 33.17 -19.32 -11.19
C ALA E 745 34.59 -19.21 -11.74
N VAL E 746 34.69 -18.76 -12.99
CA VAL E 746 35.95 -18.50 -13.64
C VAL E 746 36.00 -17.04 -14.04
N PHE E 747 37.06 -16.35 -13.65
CA PHE E 747 37.24 -14.93 -13.95
C PHE E 747 38.20 -14.78 -15.12
N GLN E 748 37.75 -14.07 -16.15
CA GLN E 748 38.58 -13.76 -17.31
C GLN E 748 38.29 -12.34 -17.76
N ASP E 749 39.30 -11.72 -18.36
CA ASP E 749 39.16 -10.40 -18.95
C ASP E 749 39.49 -10.49 -20.44
N VAL E 750 38.77 -9.71 -21.25
CA VAL E 750 38.99 -9.67 -22.68
C VAL E 750 39.10 -8.21 -23.10
N SER E 751 40.10 -7.89 -23.92
CA SER E 751 40.30 -6.56 -24.46
C SER E 751 39.99 -6.58 -25.95
N LEU E 752 39.09 -5.70 -26.37
CA LEU E 752 38.63 -5.63 -27.75
C LEU E 752 38.85 -4.22 -28.30
N VAL E 753 39.33 -4.14 -29.53
CA VAL E 753 39.57 -2.87 -30.21
C VAL E 753 38.46 -2.68 -31.23
N VAL E 754 37.76 -1.54 -31.14
CA VAL E 754 36.65 -1.21 -32.04
C VAL E 754 36.86 0.22 -32.54
N ALA E 755 36.08 0.58 -33.55
CA ALA E 755 36.06 1.95 -34.02
C ALA E 755 35.51 2.86 -32.92
N ALA E 756 35.88 4.15 -33.00
CA ALA E 756 35.51 5.08 -31.94
C ALA E 756 34.00 5.22 -31.80
N ASP E 757 33.28 5.20 -32.92
CA ASP E 757 31.84 5.40 -32.91
C ASP E 757 31.06 4.17 -32.45
N ILE E 758 31.74 3.08 -32.08
CA ILE E 758 31.06 1.87 -31.64
C ILE E 758 30.65 2.04 -30.18
N PRO E 759 29.37 1.96 -29.87
CA PRO E 759 28.94 2.07 -28.47
C PRO E 759 29.46 0.90 -27.65
N ALA E 760 29.88 1.19 -26.42
CA ALA E 760 30.38 0.13 -25.54
C ALA E 760 29.29 -0.90 -25.23
N GLN E 761 28.02 -0.49 -25.27
CA GLN E 761 26.94 -1.44 -25.03
C GLN E 761 26.81 -2.43 -26.17
N ALA E 762 27.04 -1.99 -27.41
CA ALA E 762 26.98 -2.90 -28.55
C ALA E 762 28.04 -3.97 -28.45
N VAL E 763 29.22 -3.63 -27.93
CA VAL E 763 30.27 -4.62 -27.73
C VAL E 763 29.87 -5.59 -26.62
N ALA E 764 29.30 -5.07 -25.53
CA ALA E 764 28.87 -5.93 -24.43
C ALA E 764 27.77 -6.88 -24.87
N ASP E 765 26.82 -6.39 -25.67
CA ASP E 765 25.75 -7.24 -26.17
C ASP E 765 26.30 -8.32 -27.10
N ALA E 766 27.28 -7.95 -27.94
CA ALA E 766 27.87 -8.93 -28.84
C ALA E 766 28.66 -9.98 -28.07
N VAL E 767 29.41 -9.56 -27.05
CA VAL E 767 30.15 -10.50 -26.22
C VAL E 767 29.18 -11.42 -25.47
N ARG E 768 28.07 -10.86 -24.98
CA ARG E 768 27.10 -11.67 -24.26
C ARG E 768 26.43 -12.69 -25.18
N ALA E 769 26.10 -12.27 -26.40
CA ALA E 769 25.42 -13.17 -27.33
C ALA E 769 26.32 -14.32 -27.76
N GLY E 770 27.64 -14.11 -27.77
CA GLY E 770 28.56 -15.16 -28.18
C GLY E 770 29.00 -16.05 -27.03
N ALA E 771 29.15 -15.48 -25.84
CA ALA E 771 29.64 -16.25 -24.70
C ALA E 771 28.69 -17.37 -24.33
N GLY E 772 27.39 -17.15 -24.48
CA GLY E 772 26.42 -18.20 -24.21
C GLY E 772 25.91 -18.17 -22.79
N ASP E 773 25.41 -19.33 -22.36
CA ASP E 773 24.78 -19.45 -21.05
C ASP E 773 25.79 -19.52 -19.91
N LEU E 774 27.05 -19.82 -20.21
CA LEU E 774 28.07 -19.85 -19.16
C LEU E 774 28.39 -18.47 -18.62
N LEU E 775 28.12 -17.42 -19.40
CA LEU E 775 28.44 -16.06 -18.97
C LEU E 775 27.46 -15.62 -17.88
N GLU E 776 27.96 -15.53 -16.65
CA GLU E 776 27.14 -15.10 -15.53
C GLU E 776 27.13 -13.59 -15.35
N ASP E 777 28.22 -12.91 -15.66
CA ASP E 777 28.29 -11.47 -15.50
C ASP E 777 29.35 -10.90 -16.43
N ILE E 778 29.10 -9.69 -16.92
CA ILE E 778 30.04 -8.96 -17.77
C ILE E 778 30.04 -7.50 -17.33
N ALA E 779 31.22 -6.94 -17.15
CA ALA E 779 31.35 -5.55 -16.71
C ALA E 779 32.50 -4.88 -17.46
N LEU E 780 32.24 -3.69 -17.99
CA LEU E 780 33.28 -2.89 -18.63
C LEU E 780 34.03 -2.10 -17.57
N PHE E 781 35.36 -2.12 -17.64
CA PHE E 781 36.16 -1.39 -16.66
C PHE E 781 37.36 -0.67 -17.25
N ASP E 782 37.48 -0.57 -18.57
CA ASP E 782 38.59 0.15 -19.17
C ASP E 782 38.21 0.60 -20.57
N VAL E 783 38.46 1.88 -20.87
CA VAL E 783 38.31 2.44 -22.20
C VAL E 783 39.61 3.18 -22.50
N PHE E 784 40.40 2.64 -23.43
CA PHE E 784 41.76 3.12 -23.67
C PHE E 784 41.90 3.58 -25.12
N THR E 785 42.48 4.76 -25.29
CA THR E 785 42.82 5.30 -26.61
C THR E 785 44.29 5.68 -26.61
N GLY E 786 44.91 5.55 -27.77
CA GLY E 786 46.32 5.87 -27.90
C GLY E 786 46.93 5.36 -29.19
N PRO E 787 48.20 5.72 -29.43
CA PRO E 787 48.85 5.29 -30.68
C PRO E 787 49.06 3.79 -30.78
N GLN E 788 49.16 3.09 -29.64
CA GLN E 788 49.26 1.63 -29.69
C GLN E 788 48.02 1.00 -30.30
N ILE E 789 46.90 1.71 -30.31
CA ILE E 789 45.63 1.18 -30.80
C ILE E 789 45.34 1.65 -32.22
N GLY E 790 45.59 2.94 -32.51
CA GLY E 790 45.32 3.48 -33.82
C GLY E 790 44.38 4.66 -33.78
N GLU E 791 44.36 5.45 -34.85
CA GLU E 791 43.51 6.62 -34.92
C GLU E 791 42.04 6.22 -35.00
N HIS E 792 41.18 6.98 -34.32
CA HIS E 792 39.73 6.79 -34.37
C HIS E 792 39.32 5.40 -33.91
N ARG E 793 40.14 4.77 -33.07
CA ARG E 793 39.84 3.47 -32.52
C ARG E 793 40.02 3.52 -31.01
N LYS E 794 39.48 2.51 -30.33
CA LYS E 794 39.53 2.46 -28.88
C LYS E 794 39.57 1.01 -28.43
N SER E 795 40.19 0.78 -27.27
CA SER E 795 40.28 -0.54 -26.67
C SER E 795 39.33 -0.61 -25.48
N LEU E 796 38.53 -1.66 -25.43
CA LEU E 796 37.57 -1.89 -24.34
C LEU E 796 37.89 -3.21 -23.67
N THR E 797 38.09 -3.18 -22.35
CA THR E 797 38.38 -4.37 -21.57
C THR E 797 37.19 -4.68 -20.68
N PHE E 798 36.60 -5.86 -20.87
CA PHE E 798 35.47 -6.31 -20.06
C PHE E 798 35.93 -7.38 -19.09
N ALA E 799 35.40 -7.34 -17.88
CA ALA E 799 35.60 -8.41 -16.91
C ALA E 799 34.47 -9.43 -17.04
N LEU E 800 34.84 -10.69 -17.22
CA LEU E 800 33.88 -11.76 -17.45
C LEU E 800 33.91 -12.75 -16.29
N ARG E 801 32.73 -13.26 -15.94
CA ARG E 801 32.59 -14.29 -14.91
C ARG E 801 31.78 -15.43 -15.48
N PHE E 802 32.41 -16.58 -15.68
CA PHE E 802 31.75 -17.77 -16.19
C PHE E 802 31.45 -18.73 -15.05
N ARG E 803 30.30 -19.39 -15.12
CA ARG E 803 29.93 -20.37 -14.11
C ARG E 803 28.96 -21.38 -14.72
N ALA E 804 29.20 -22.66 -14.47
CA ALA E 804 28.31 -23.70 -14.94
C ALA E 804 27.26 -24.03 -13.89
N PRO E 805 26.06 -24.44 -14.31
CA PRO E 805 25.02 -24.80 -13.33
C PRO E 805 25.15 -26.20 -12.76
N ASP E 806 26.01 -27.05 -13.33
CA ASP E 806 26.06 -28.45 -12.91
C ASP E 806 27.47 -29.02 -12.80
N ARG E 807 28.51 -28.21 -12.94
CA ARG E 807 29.87 -28.74 -12.92
C ARG E 807 30.85 -27.61 -12.68
N THR E 808 32.11 -27.98 -12.47
CA THR E 808 33.21 -27.04 -12.38
C THR E 808 33.87 -26.92 -13.75
N LEU E 809 34.03 -25.69 -14.22
CA LEU E 809 34.61 -25.47 -15.54
C LEU E 809 36.12 -25.52 -15.49
N THR E 810 36.72 -25.92 -16.62
CA THR E 810 38.14 -25.78 -16.83
C THR E 810 38.42 -24.42 -17.46
N GLU E 811 39.70 -24.02 -17.43
CA GLU E 811 40.06 -22.75 -18.06
C GLU E 811 39.82 -22.79 -19.57
N ASP E 812 39.95 -23.97 -20.18
CA ASP E 812 39.67 -24.10 -21.60
C ASP E 812 38.17 -23.95 -21.89
N ASP E 813 37.33 -24.45 -20.98
CA ASP E 813 35.89 -24.29 -21.15
C ASP E 813 35.49 -22.82 -21.11
N ALA E 814 36.07 -22.05 -20.19
CA ALA E 814 35.79 -20.62 -20.14
C ALA E 814 36.45 -19.88 -21.30
N SER E 815 37.63 -20.33 -21.73
CA SER E 815 38.28 -19.71 -22.88
C SER E 815 37.51 -19.96 -24.17
N ALA E 816 36.88 -21.14 -24.30
CA ALA E 816 36.08 -21.42 -25.49
C ALA E 816 34.87 -20.50 -25.57
N ALA E 817 34.18 -20.28 -24.44
CA ALA E 817 33.10 -19.31 -24.42
C ALA E 817 33.61 -17.90 -24.62
N ARG E 818 34.85 -17.62 -24.19
CA ARG E 818 35.44 -16.30 -24.44
C ARG E 818 35.76 -16.12 -25.92
N ASP E 819 36.33 -17.14 -26.55
CA ASP E 819 36.66 -17.03 -27.98
C ASP E 819 35.39 -16.89 -28.81
N ALA E 820 34.31 -17.56 -28.41
CA ALA E 820 33.04 -17.38 -29.11
C ALA E 820 32.52 -15.96 -28.93
N ALA E 821 32.73 -15.37 -27.76
CA ALA E 821 32.32 -13.99 -27.54
C ALA E 821 33.16 -13.02 -28.38
N VAL E 822 34.46 -13.32 -28.53
CA VAL E 822 35.32 -12.48 -29.37
C VAL E 822 34.87 -12.57 -30.82
N GLN E 823 34.58 -13.78 -31.30
CA GLN E 823 34.13 -13.94 -32.69
C GLN E 823 32.78 -13.28 -32.91
N SER E 824 31.90 -13.32 -31.91
CA SER E 824 30.62 -12.64 -32.02
C SER E 824 30.80 -11.13 -32.05
N ALA E 825 31.79 -10.60 -31.34
CA ALA E 825 32.05 -9.16 -31.36
C ALA E 825 32.63 -8.74 -32.69
N ALA E 826 33.52 -9.56 -33.27
CA ALA E 826 34.09 -9.23 -34.57
C ALA E 826 33.04 -9.21 -35.67
N GLU E 827 32.00 -10.03 -35.54
N GLU E 827 31.99 -10.02 -35.53
CA GLU E 827 30.97 -10.11 -36.56
CA GLU E 827 30.97 -10.13 -36.56
C GLU E 827 29.98 -8.96 -36.46
C GLU E 827 29.86 -9.08 -36.41
N ARG E 828 29.66 -8.53 -35.24
N ARG E 828 29.69 -8.51 -35.23
CA ARG E 828 28.61 -7.54 -35.02
CA ARG E 828 28.61 -7.55 -34.99
C ARG E 828 29.12 -6.11 -34.94
C ARG E 828 29.10 -6.10 -34.88
N VAL E 829 30.27 -5.87 -34.30
CA VAL E 829 30.80 -4.52 -34.16
C VAL E 829 32.21 -4.43 -34.73
N GLY E 830 32.69 -5.49 -35.37
CA GLY E 830 34.00 -5.47 -35.99
C GLY E 830 35.14 -5.40 -35.01
N ALA E 831 34.97 -5.95 -33.81
CA ALA E 831 36.01 -5.90 -32.79
C ALA E 831 37.20 -6.76 -33.20
N VAL E 832 38.39 -6.30 -32.83
CA VAL E 832 39.63 -7.04 -33.03
C VAL E 832 40.24 -7.32 -31.66
N LEU E 833 40.65 -8.57 -31.46
CA LEU E 833 41.28 -8.95 -30.18
C LEU E 833 42.57 -8.15 -29.99
N ARG E 834 42.68 -7.52 -28.83
CA ARG E 834 43.84 -6.67 -28.53
C ARG E 834 45.13 -7.48 -28.61
N GLY E 835 46.10 -6.95 -29.33
CA GLY E 835 47.38 -7.61 -29.48
C GLY E 835 48.53 -6.81 -28.90
MG MG G . -14.94 -32.50 11.90
C13 A1BCA H . -5.04 -23.55 8.55
C15 A1BCA H . -6.72 -21.87 8.84
C17 A1BCA H . -4.37 -21.26 8.90
C02 A1BCA H . 0.94 -25.90 5.47
C05 A1BCA H . 0.94 -23.61 6.02
C07 A1BCA H . -0.37 -24.21 6.43
C08 A1BCA H . -1.36 -23.48 5.59
C09 A1BCA H . -2.34 -22.84 6.61
C11 A1BCA H . -2.52 -22.96 8.59
C12 A1BCA H . -4.03 -22.57 8.68
C14 A1BCA H . -6.38 -23.18 8.62
C16 A1BCA H . -5.71 -20.90 8.98
C18 A1BCA H . -0.79 -24.09 7.66
N01 A1BCA H . -0.35 -25.60 6.08
N04 A1BCA H . 1.74 -24.65 5.44
N10 A1BCA H . -2.29 -23.57 7.62
O03 A1BCA H . 1.29 -26.92 5.09
O06 A1BCA H . 1.26 -22.49 6.15
C ACT I . -2.65 -31.48 3.30
O ACT I . -3.43 -30.59 3.74
OXT ACT I . -2.45 -31.84 2.11
CH3 ACT I . -1.79 -32.24 4.38
NA NA J . 30.08 9.97 -20.67
C1 GOL K . -1.77 -54.13 22.02
O1 GOL K . -2.83 -53.89 21.15
C2 GOL K . -2.37 -54.85 23.26
O2 GOL K . -2.39 -54.03 24.38
C3 GOL K . -1.50 -56.10 23.46
O3 GOL K . -2.19 -56.91 24.36
C1 GOL L . -10.91 -37.19 17.66
O1 GOL L . -11.24 -38.17 18.60
C2 GOL L . -11.61 -35.89 18.12
O2 GOL L . -11.18 -35.49 19.37
C3 GOL L . -11.27 -34.85 17.02
O3 GOL L . -9.89 -34.62 17.07
C1 GOL M . 1.98 -61.01 18.63
O1 GOL M . 1.44 -59.72 18.58
C2 GOL M . 3.41 -60.93 18.05
O2 GOL M . 3.99 -62.19 17.88
C3 GOL M . 3.27 -60.17 16.70
O3 GOL M . 4.54 -60.07 16.15
C1 GOL N . -27.75 -17.43 2.67
O1 GOL N . -27.76 -16.67 1.50
C2 GOL N . -28.91 -18.44 2.58
O2 GOL N . -28.71 -19.37 1.56
C3 GOL N . -28.99 -19.10 3.97
O3 GOL N . -30.09 -19.95 3.95
S DMS O . -26.37 -45.55 5.23
O DMS O . -26.40 -47.02 5.00
C1 DMS O . -24.71 -44.91 4.83
C2 DMS O . -26.43 -45.21 7.01
C1 PGE P . -16.73 -61.50 5.00
O1 PGE P . -17.55 -60.97 3.96
C2 PGE P . -17.62 -62.19 6.02
O2 PGE P . -17.08 -61.98 7.31
C3 PGE P . -17.98 -61.34 8.18
C4 PGE P . -17.44 -59.97 8.57
O4 PGE P . -19.14 -57.26 5.08
C6 PGE P . -17.99 -57.93 5.56
C5 PGE P . -18.36 -58.70 6.81
O3 PGE P . -17.19 -59.21 7.40
C1 GOL Q . -9.30 5.79 8.93
O1 GOL Q . -9.03 6.82 9.85
C2 GOL Q . -10.72 5.26 9.24
O2 GOL Q . -11.03 4.15 8.47
C3 GOL Q . -10.73 4.97 10.75
O3 GOL Q . -11.92 4.29 11.01
S DMS R . 22.33 6.22 -4.57
O DMS R . 21.28 5.38 -5.21
C1 DMS R . 21.78 6.70 -2.90
C2 DMS R . 22.37 7.84 -5.38
N1 EPE S . -2.84 -60.35 -17.75
C2 EPE S . -3.23 -61.70 -17.30
C3 EPE S . -2.70 -62.73 -18.29
N4 EPE S . -2.93 -62.37 -19.68
C5 EPE S . -2.93 -60.98 -20.09
C6 EPE S . -3.51 -60.06 -19.03
C7 EPE S . -2.68 -63.38 -20.70
C8 EPE S . -1.22 -63.83 -20.72
O8 EPE S . -0.37 -62.71 -20.87
C9 EPE S . -3.20 -59.35 -16.75
C10 EPE S . -1.93 -58.91 -16.04
S EPE S . -2.16 -57.52 -14.90
O1S EPE S . -1.04 -57.46 -13.97
O2S EPE S . -2.22 -56.28 -15.67
O3S EPE S . -3.40 -57.70 -14.16
N1 EPE T . -13.11 -64.19 1.84
C2 EPE T . -14.13 -64.32 0.78
C3 EPE T . -13.46 -64.51 -0.58
N4 EPE T . -12.39 -63.58 -0.81
C5 EPE T . -11.50 -63.23 0.29
C6 EPE T . -12.28 -63.01 1.58
C7 EPE T . -11.93 -63.37 -2.18
C8 EPE T . -10.84 -62.32 -2.30
O8 EPE T . -9.56 -62.94 -2.20
C9 EPE T . -13.77 -64.06 3.14
C10 EPE T . -13.52 -65.30 3.97
S EPE T . -14.10 -65.12 5.68
O1S EPE T . -14.10 -66.42 6.34
O2S EPE T . -13.20 -64.21 6.39
O3S EPE T . -15.45 -64.56 5.68
C ACT U . 9.03 -84.29 -15.75
O ACT U . 9.06 -83.29 -16.51
OXT ACT U . 9.51 -84.42 -14.59
CH3 ACT U . 8.33 -85.57 -16.31
C ACT V . -24.15 -48.20 21.03
O ACT V . -24.46 -47.05 20.62
OXT ACT V . -23.89 -48.56 22.22
CH3 ACT V . -24.04 -49.32 19.96
C ACT W . 3.40 -52.00 -4.12
O ACT W . 2.21 -52.09 -3.71
OXT ACT W . 3.94 -52.57 -5.11
CH3 ACT W . 4.34 -51.06 -3.30
C1 GOL X . -25.40 -16.15 8.10
O1 GOL X . -26.29 -15.09 7.94
C2 GOL X . -25.30 -16.43 9.62
O2 GOL X . -26.51 -16.85 10.15
C3 GOL X . -24.20 -17.52 9.75
O3 GOL X . -23.98 -17.70 11.11
C ACT Y . 39.42 -9.21 20.80
O ACT Y . 38.24 -9.05 20.42
OXT ACT Y . 40.42 -9.64 20.14
CH3 ACT Y . 39.74 -8.82 22.29
C ACT Z . -21.77 -63.33 6.97
O ACT Z . -22.73 -62.51 6.94
OXT ACT Z . -20.83 -63.46 6.12
CH3 ACT Z . -21.71 -64.31 8.18
C ACT AA . 26.54 13.27 13.49
O ACT AA . 26.79 12.84 14.65
OXT ACT AA . 27.26 13.20 12.44
CH3 ACT AA . 25.16 13.99 13.28
C ACT BA . -19.27 -35.97 -2.92
O ACT BA . -18.85 -34.87 -2.49
OXT ACT BA . -18.95 -36.59 -3.99
CH3 ACT BA . -20.35 -36.70 -2.05
C1 GOL CA . 36.08 -18.10 3.58
O1 GOL CA . 35.16 -19.02 4.06
C2 GOL CA . 35.44 -17.43 2.35
O2 GOL CA . 34.30 -16.72 2.66
C3 GOL CA . 36.55 -16.54 1.73
O3 GOL CA . 37.48 -17.39 1.14
MG MG DA . 48.55 -13.58 -13.22
MG MG EA . 33.71 -27.85 1.24
S DMS FA . 40.91 10.78 15.73
O DMS FA . 42.26 10.93 16.37
C1 DMS FA . 40.17 9.21 16.23
C2 DMS FA . 41.14 10.47 13.95
C1 PGE GA . -1.34 10.50 -6.02
O1 PGE GA . -1.35 9.08 -6.17
C2 PGE GA . -1.68 11.15 -7.35
O2 PGE GA . -0.98 12.38 -7.45
C3 PGE GA . -1.52 13.25 -8.42
C4 PGE GA . -0.37 14.05 -9.04
O4 PGE GA . -2.61 15.97 -12.75
C6 PGE GA . -1.65 16.22 -11.72
C5 PGE GA . -1.33 14.90 -11.02
O3 PGE GA . -0.90 15.18 -9.70
C13 A1BCA HA . -18.36 20.51 -4.52
C15 A1BCA HA . -19.20 18.29 -4.20
C17 A1BCA HA . -16.95 18.62 -5.03
C02 A1BCA HA . -13.02 25.50 -4.55
C05 A1BCA HA . -12.64 23.17 -4.61
C07 A1BCA HA . -14.10 23.41 -4.50
C08 A1BCA HA . -14.46 22.77 -3.22
C09 A1BCA HA . -15.24 21.49 -3.63
C11 A1BCA HA . -15.95 20.90 -5.41
C12 A1BCA HA . -17.12 19.98 -4.97
C14 A1BCA HA . -19.38 19.65 -4.13
C16 A1BCA HA . -17.97 17.76 -4.65
C18 A1BCA HA . -14.90 22.90 -5.40
N01 A1BCA HA . -14.33 24.83 -4.46
N04 A1BCA HA . -11.99 24.46 -4.64
N10 A1BCA HA . -15.84 21.82 -4.69
O03 A1BCA HA . -12.84 26.63 -4.54
O06 A1BCA HA . -12.10 22.13 -4.68
MG MG IA . -31.99 23.39 -3.25
C1 GOL JA . 23.06 15.23 -5.57
O1 GOL JA . 22.39 14.47 -4.61
C2 GOL JA . 22.71 16.71 -5.31
O2 GOL JA . 23.84 17.52 -5.35
C3 GOL JA . 21.69 17.09 -6.40
O3 GOL JA . 20.90 18.11 -5.86
C1 GOL KA . -33.04 5.72 9.52
O1 GOL KA . -31.66 5.69 9.31
C2 GOL KA . -33.71 5.96 8.14
O2 GOL KA . -33.14 5.16 7.15
C3 GOL KA . -35.20 5.61 8.36
O3 GOL KA . -35.75 5.35 7.12
C ACT LA . -50.05 31.92 -6.84
O ACT LA . -49.99 32.66 -5.81
OXT ACT LA . -49.31 30.95 -7.14
CH3 ACT LA . -51.18 32.24 -7.87
C ACT MA . -42.61 17.70 13.58
O ACT MA . -41.52 18.21 13.17
OXT ACT MA . -43.40 16.94 12.96
CH3 ACT MA . -43.03 18.07 15.04
C ACT NA . -36.36 48.08 -15.29
O ACT NA . -35.83 49.19 -15.54
OXT ACT NA . -36.22 47.34 -14.28
CH3 ACT NA . -37.31 47.50 -16.40
NA NA OA . 36.30 -1.56 -37.48
C1 GOL PA . -31.23 52.52 -10.18
O1 GOL PA . -29.90 52.73 -10.51
C2 GOL PA . -31.63 53.61 -9.16
O2 GOL PA . -32.95 53.50 -8.77
C3 GOL PA . -30.66 53.40 -7.98
O3 GOL PA . -30.92 54.43 -7.07
S DMS QA . 28.76 6.23 -30.30
O DMS QA . 28.41 7.58 -30.83
C1 DMS QA . 27.75 5.85 -28.83
C2 DMS QA . 30.41 6.26 -29.55
C ACT RA . -33.65 28.39 -10.11
O ACT RA . -33.92 29.56 -9.72
OXT ACT RA . -34.26 27.67 -10.95
CH3 ACT RA . -32.37 27.73 -9.48
C1 GOL SA . 39.49 36.11 -5.39
O1 GOL SA . 40.63 36.09 -4.59
C2 GOL SA . 38.31 36.57 -4.50
O2 GOL SA . 37.10 36.52 -5.17
C3 GOL SA . 38.35 35.66 -3.27
O3 GOL SA . 37.25 35.98 -2.48
#